data_7S6H
#
_entry.id   7S6H
#
_cell.length_a   111.467
_cell.length_b   110.651
_cell.length_c   116.475
_cell.angle_alpha   90.000
_cell.angle_beta   115.060
_cell.angle_gamma   90.000
#
_symmetry.space_group_name_H-M   'P 1 21 1'
#
loop_
_entity.id
_entity.type
_entity.pdbx_description
1 polymer "DNA (5'-D(*CP*GP*AP*CP*G)-3')"
2 polymer "DNA (5'-D(*CP*GP*TP*CP*G)-3')"
3 polymer 'Poly [ADP-ribose] polymerase 1'
4 polymer 'Fusion of human PARP1 zinc fingers 1 and 3 (Zn1, Zn3)'
5 non-polymer 1,2-ETHANEDIOL
6 non-polymer 2-[4-[(2S,3S,4R,5R)-5-(6-aminopurin-9-yl)-3,4-bis(oxidanyl)oxolan-2-yl]carbonylpiperazin-1-yl]-N-(1-oxidanylidene-2,3-dihydroisoindol-4-yl)ethanamide
7 non-polymer 'ZINC ION'
8 water water
#
loop_
_entity_poly.entity_id
_entity_poly.type
_entity_poly.pdbx_seq_one_letter_code
_entity_poly.pdbx_strand_id
1 'polydeoxyribonucleotide' (DC)(DG)(DA)(DC)(DG) M,E
2 'polydeoxyribonucleotide' (DC)(DG)(DT)(DC)(DG) N,F
3 'polypeptide(L)'
;MKSEKRMKLTLKGGAAVDPDSGLEHSAHVLEKGGKVFSATLGLVDIVKGTNSYYKLQLLEDDKENRYWIFRSWGRVGTVI
GSNKLEQMPSKEDAIEHFMKLYEEKTGNAWHSKNFTKYPKKFYPLEIDYGQDEEAVKKLTVNPGTKSKLPKPVQDLIKMI
FDVESMKKAMYEIDLQKMPLGKLSKRQIQAAYSILSEVQQAVSQGSSDSQILDLSNRFYTLIPHDFGMKKPPLLNNADSV
QAKAEMLDNLLDIEVAYSLLRGGSDDSSKDPIDVNYEKLKTDIKVVDRDSEEAEIIRKYVKNTHATTHNAYDLEVIDIFK
IEREGECQRYKPFKQLHNRRLLWHGSRTTNFAGILSQGLRIAPPEAPVTGYMFGKGIYFADMVSKSANYCHTSQGDPIGL
ILLGEVALGNMYELKHASHISKLPKGKHSVKGLGKTTPDPSANISLDGVDVPLGTGISSGVNDTSLLYNEYIVYDIAQVN
LKYLLKLKFNFKTSLWLEHHHHHH
;
B,D
4 'polypeptide(L)'
;MGSSHHHHHHSSGLVPRGSHMAESSDKLYRVEYAKSGRASCKKCSESIPKDSLRMAIMVQSPMFDGKVPHWYHFSCFWKV
GHSIRHPDVEVDGFSELRWDDQQKVKKTAEAGGVTGKRKGDEVDGVDEVAKKKSKKEKDKDSKLEKALKAQNDLIWNIKD
ELKKVCSTNDLKELLIFNKQQVPSGESAILDRVADGMVFGALLPCEECSGQLVFKSDAYYCTGDVTAWTKCMVKTQTPNR
KEWVTPKEFREISYLKKLKVKKQDRIFPPETSASVA
;
A,C
#
# COMPACT_ATOMS: atom_id res chain seq x y z
N ALA D 15 -14.35 2.64 -19.93
CA ALA D 15 -15.28 3.53 -19.25
C ALA D 15 -15.52 4.80 -20.07
N ALA D 16 -16.22 5.75 -19.47
CA ALA D 16 -16.62 6.98 -20.14
C ALA D 16 -15.69 8.12 -19.77
N VAL D 17 -15.34 8.93 -20.76
CA VAL D 17 -14.55 10.14 -20.52
C VAL D 17 -15.49 11.24 -20.05
N ASP D 18 -15.16 11.85 -18.93
CA ASP D 18 -15.99 12.92 -18.39
C ASP D 18 -16.13 14.04 -19.40
N PRO D 19 -17.34 14.39 -19.85
CA PRO D 19 -17.45 15.43 -20.88
C PRO D 19 -16.94 16.79 -20.45
N ASP D 20 -16.91 17.06 -19.15
CA ASP D 20 -16.42 18.35 -18.67
C ASP D 20 -14.99 18.63 -19.14
N SER D 21 -14.24 17.60 -19.55
CA SER D 21 -12.88 17.80 -20.02
C SER D 21 -12.85 18.30 -21.46
N GLY D 22 -13.79 17.87 -22.28
CA GLY D 22 -13.77 18.23 -23.69
C GLY D 22 -12.81 17.39 -24.52
N LEU D 23 -12.69 16.10 -24.21
CA LEU D 23 -11.79 15.20 -24.93
C LEU D 23 -12.45 13.88 -25.24
N GLU D 24 -13.78 13.79 -25.12
CA GLU D 24 -14.46 12.51 -25.29
C GLU D 24 -14.28 11.95 -26.69
N HIS D 25 -14.29 12.82 -27.70
CA HIS D 25 -14.08 12.38 -29.08
C HIS D 25 -12.62 12.42 -29.49
N SER D 26 -11.79 13.16 -28.77
CA SER D 26 -10.35 13.23 -29.06
C SER D 26 -9.56 12.15 -28.34
N ALA D 27 -10.03 11.69 -27.18
CA ALA D 27 -9.28 10.78 -26.35
C ALA D 27 -10.21 9.79 -25.67
N HIS D 28 -9.62 8.75 -25.09
CA HIS D 28 -10.32 7.72 -24.34
C HIS D 28 -9.74 7.63 -22.94
N VAL D 29 -10.28 6.72 -22.14
CA VAL D 29 -9.81 6.49 -20.77
C VAL D 29 -8.83 5.33 -20.78
N LEU D 30 -7.79 5.43 -19.97
CA LEU D 30 -6.70 4.47 -19.99
C LEU D 30 -7.07 3.19 -19.24
N GLU D 31 -6.62 2.04 -19.78
CA GLU D 31 -6.89 0.71 -19.21
C GLU D 31 -5.60 -0.10 -19.25
N LYS D 32 -4.73 0.14 -18.26
CA LYS D 32 -3.47 -0.59 -18.16
C LYS D 32 -3.64 -1.80 -17.26
N GLY D 33 -3.15 -2.95 -17.71
CA GLY D 33 -3.26 -4.16 -16.91
C GLY D 33 -4.70 -4.44 -16.54
N GLY D 34 -4.89 -4.85 -15.28
CA GLY D 34 -6.23 -5.10 -14.77
C GLY D 34 -6.76 -3.94 -13.96
N LYS D 35 -6.63 -2.72 -14.48
CA LYS D 35 -7.09 -1.53 -13.80
C LYS D 35 -7.54 -0.50 -14.82
N VAL D 36 -8.60 0.22 -14.48
CA VAL D 36 -9.13 1.30 -15.32
C VAL D 36 -9.02 2.59 -14.51
N PHE D 37 -8.51 3.64 -15.15
CA PHE D 37 -8.18 4.89 -14.45
C PHE D 37 -9.35 5.87 -14.53
N SER D 38 -10.42 5.53 -13.80
CA SER D 38 -11.55 6.43 -13.64
C SER D 38 -12.15 6.16 -12.26
N ALA D 39 -11.86 7.05 -11.32
CA ALA D 39 -12.39 6.96 -9.97
C ALA D 39 -13.49 8.00 -9.77
N THR D 40 -14.55 7.59 -9.08
CA THR D 40 -15.70 8.45 -8.76
C THR D 40 -15.95 8.29 -7.27
N LEU D 41 -15.44 9.23 -6.48
CA LEU D 41 -15.47 9.14 -5.03
C LEU D 41 -16.54 10.05 -4.46
N GLY D 42 -17.17 9.60 -3.39
CA GLY D 42 -18.17 10.38 -2.68
C GLY D 42 -17.74 10.60 -1.24
N LEU D 43 -18.24 11.68 -0.65
CA LEU D 43 -17.96 11.99 0.75
C LEU D 43 -19.18 12.65 1.35
N VAL D 44 -19.69 12.08 2.44
CA VAL D 44 -20.96 12.52 3.02
C VAL D 44 -20.79 12.75 4.52
N ASP D 45 -21.33 13.86 5.00
CA ASP D 45 -21.46 14.15 6.43
C ASP D 45 -22.82 14.82 6.63
N ILE D 46 -23.74 14.10 7.28
CA ILE D 46 -25.10 14.59 7.42
C ILE D 46 -25.16 15.77 8.38
N VAL D 47 -24.50 15.64 9.53
CA VAL D 47 -24.56 16.69 10.55
C VAL D 47 -24.12 18.02 9.96
N LYS D 48 -22.93 18.04 9.35
CA LYS D 48 -22.42 19.27 8.75
C LYS D 48 -23.07 19.57 7.41
N GLY D 49 -23.60 18.56 6.73
CA GLY D 49 -24.34 18.77 5.50
C GLY D 49 -23.55 18.61 4.23
N THR D 50 -22.32 18.09 4.29
CA THR D 50 -21.50 17.96 3.10
C THR D 50 -21.89 16.72 2.31
N ASN D 51 -21.96 16.87 0.98
CA ASN D 51 -22.34 15.77 0.09
C ASN D 51 -21.55 15.97 -1.21
N SER D 52 -20.26 15.65 -1.15
CA SER D 52 -19.31 16.03 -2.18
C SER D 52 -18.95 14.85 -3.09
N TYR D 53 -18.63 15.18 -4.34
CA TYR D 53 -18.15 14.24 -5.33
C TYR D 53 -16.80 14.68 -5.85
N TYR D 54 -15.98 13.68 -6.19
CA TYR D 54 -14.64 13.89 -6.73
C TYR D 54 -14.39 12.86 -7.82
N LYS D 55 -14.25 13.32 -9.06
CA LYS D 55 -13.98 12.45 -10.20
C LYS D 55 -12.53 12.65 -10.64
N LEU D 56 -11.85 11.53 -10.90
CA LEU D 56 -10.46 11.55 -11.34
C LEU D 56 -10.31 10.61 -12.53
N GLN D 57 -9.68 11.09 -13.60
CA GLN D 57 -9.53 10.30 -14.81
C GLN D 57 -8.17 10.54 -15.44
N LEU D 58 -7.59 9.47 -15.99
CA LEU D 58 -6.35 9.54 -16.76
C LEU D 58 -6.71 9.23 -18.22
N LEU D 59 -6.55 10.23 -19.08
CA LEU D 59 -7.01 10.15 -20.46
C LEU D 59 -5.83 9.97 -21.40
N GLU D 60 -6.05 9.20 -22.48
CA GLU D 60 -5.04 8.94 -23.49
C GLU D 60 -5.61 9.28 -24.86
N ASP D 61 -4.86 10.03 -25.66
CA ASP D 61 -5.34 10.44 -26.97
C ASP D 61 -5.43 9.23 -27.90
N ASP D 62 -6.55 9.15 -28.63
CA ASP D 62 -6.78 7.99 -29.49
C ASP D 62 -5.67 7.81 -30.51
N LYS D 63 -5.04 8.91 -30.95
CA LYS D 63 -4.09 8.85 -32.05
C LYS D 63 -2.65 8.82 -31.54
N GLU D 64 -2.12 9.97 -31.14
CA GLU D 64 -0.72 10.07 -30.72
C GLU D 64 -0.59 9.61 -29.27
N ASN D 65 0.62 9.75 -28.71
CA ASN D 65 0.89 9.39 -27.32
C ASN D 65 0.89 10.67 -26.49
N ARG D 66 -0.31 11.07 -26.08
CA ARG D 66 -0.51 12.26 -25.25
C ARG D 66 -1.44 11.87 -24.11
N TYR D 67 -1.08 12.28 -22.89
CA TYR D 67 -1.76 11.82 -21.69
C TYR D 67 -2.18 13.00 -20.83
N TRP D 68 -3.38 12.92 -20.28
CA TRP D 68 -3.97 13.98 -19.48
C TRP D 68 -4.44 13.43 -18.13
N ILE D 69 -4.50 14.31 -17.14
CA ILE D 69 -5.12 14.03 -15.85
C ILE D 69 -6.25 15.03 -15.67
N PHE D 70 -7.46 14.52 -15.39
CA PHE D 70 -8.65 15.34 -15.27
C PHE D 70 -9.24 15.15 -13.87
N ARG D 71 -9.41 16.26 -13.15
CA ARG D 71 -10.09 16.28 -11.87
C ARG D 71 -11.39 17.06 -12.01
N SER D 72 -12.40 16.64 -11.24
CA SER D 72 -13.68 17.34 -11.23
C SER D 72 -14.32 17.15 -9.87
N TRP D 73 -14.34 18.21 -9.06
CA TRP D 73 -14.89 18.14 -7.73
C TRP D 73 -16.12 19.02 -7.61
N GLY D 74 -16.91 18.77 -6.58
CA GLY D 74 -18.02 19.66 -6.29
C GLY D 74 -19.03 19.01 -5.37
N ARG D 75 -20.24 19.60 -5.37
CA ARG D 75 -21.36 19.08 -4.60
C ARG D 75 -22.32 18.36 -5.55
N VAL D 76 -22.78 17.18 -5.15
CA VAL D 76 -23.53 16.32 -6.06
C VAL D 76 -24.80 17.00 -6.53
N GLY D 77 -25.13 16.79 -7.80
CA GLY D 77 -26.37 17.29 -8.34
C GLY D 77 -26.51 18.80 -8.30
N THR D 78 -25.40 19.53 -8.36
CA THR D 78 -25.44 20.98 -8.36
C THR D 78 -24.30 21.51 -9.19
N VAL D 79 -24.34 22.82 -9.44
CA VAL D 79 -23.27 23.49 -10.18
C VAL D 79 -22.07 23.80 -9.28
N ILE D 80 -22.26 23.78 -7.95
CA ILE D 80 -21.14 24.01 -7.05
C ILE D 80 -20.03 23.03 -7.36
N GLY D 81 -18.84 23.55 -7.59
CA GLY D 81 -17.69 22.73 -7.89
C GLY D 81 -16.87 23.35 -8.99
N SER D 82 -15.97 22.55 -9.54
CA SER D 82 -15.01 23.01 -10.53
C SER D 82 -14.28 21.79 -11.06
N ASN D 83 -13.34 22.03 -11.97
CA ASN D 83 -12.58 20.95 -12.58
C ASN D 83 -11.19 21.48 -12.94
N LYS D 84 -10.35 20.59 -13.46
CA LYS D 84 -9.01 20.94 -13.89
C LYS D 84 -8.48 19.85 -14.82
N LEU D 85 -7.66 20.28 -15.78
CA LEU D 85 -7.11 19.38 -16.78
C LEU D 85 -5.63 19.71 -16.96
N GLU D 86 -4.77 18.71 -16.75
CA GLU D 86 -3.33 18.87 -16.90
C GLU D 86 -2.81 17.83 -17.87
N GLN D 87 -2.26 18.30 -18.99
CA GLN D 87 -1.54 17.38 -19.88
C GLN D 87 -0.17 17.12 -19.27
N MET D 88 0.23 15.85 -19.23
CA MET D 88 1.45 15.43 -18.57
C MET D 88 2.52 15.06 -19.59
N PRO D 89 3.80 15.13 -19.21
CA PRO D 89 4.87 14.86 -20.19
C PRO D 89 4.91 13.43 -20.68
N SER D 90 4.43 12.47 -19.88
CA SER D 90 4.51 11.06 -20.27
C SER D 90 3.51 10.28 -19.44
N LYS D 91 3.26 9.04 -19.86
CA LYS D 91 2.29 8.21 -19.16
C LYS D 91 2.80 7.77 -17.80
N GLU D 92 4.12 7.69 -17.61
CA GLU D 92 4.65 7.36 -16.30
C GLU D 92 4.36 8.48 -15.30
N ASP D 93 4.66 9.72 -15.67
CA ASP D 93 4.34 10.85 -14.81
C ASP D 93 2.84 10.96 -14.59
N ALA D 94 2.04 10.65 -15.62
CA ALA D 94 0.59 10.69 -15.48
C ALA D 94 0.12 9.66 -14.46
N ILE D 95 0.65 8.44 -14.52
CA ILE D 95 0.24 7.41 -13.58
C ILE D 95 0.66 7.78 -12.15
N GLU D 96 1.88 8.29 -11.99
CA GLU D 96 2.31 8.74 -10.68
C GLU D 96 1.35 9.79 -10.12
N HIS D 97 1.01 10.78 -10.95
CA HIS D 97 0.11 11.84 -10.54
C HIS D 97 -1.25 11.28 -10.14
N PHE D 98 -1.82 10.41 -10.98
CA PHE D 98 -3.13 9.84 -10.69
C PHE D 98 -3.13 9.07 -9.38
N MET D 99 -2.15 8.20 -9.19
CA MET D 99 -2.12 7.36 -7.99
C MET D 99 -1.92 8.22 -6.75
N LYS D 100 -1.05 9.22 -6.81
CA LYS D 100 -0.83 10.04 -5.63
C LYS D 100 -2.06 10.90 -5.30
N LEU D 101 -2.78 11.37 -6.32
CA LEU D 101 -4.01 12.11 -6.05
C LEU D 101 -5.06 11.22 -5.40
N TYR D 102 -5.24 10.01 -5.94
CA TYR D 102 -6.16 9.05 -5.33
C TYR D 102 -5.78 8.78 -3.88
N GLU D 103 -4.49 8.58 -3.62
CA GLU D 103 -4.02 8.34 -2.26
C GLU D 103 -4.37 9.52 -1.35
N GLU D 104 -4.10 10.74 -1.81
CA GLU D 104 -4.37 11.92 -0.99
C GLU D 104 -5.86 12.04 -0.67
N LYS D 105 -6.72 11.73 -1.63
CA LYS D 105 -8.14 11.98 -1.43
C LYS D 105 -8.87 10.86 -0.69
N THR D 106 -8.39 9.61 -0.78
CA THR D 106 -9.09 8.50 -0.15
C THR D 106 -8.32 7.83 0.98
N GLY D 107 -7.01 8.06 1.08
CA GLY D 107 -6.22 7.43 2.12
C GLY D 107 -5.79 6.01 1.83
N ASN D 108 -6.22 5.43 0.72
CA ASN D 108 -5.84 4.09 0.32
C ASN D 108 -5.06 4.14 -0.99
N ALA D 109 -4.35 3.05 -1.27
CA ALA D 109 -3.60 2.94 -2.50
C ALA D 109 -4.53 2.55 -3.66
N TRP D 110 -4.05 2.79 -4.88
CA TRP D 110 -4.88 2.55 -6.06
C TRP D 110 -5.23 1.07 -6.18
N HIS D 111 -4.23 0.19 -6.12
CA HIS D 111 -4.44 -1.25 -6.19
C HIS D 111 -4.35 -1.80 -4.77
N SER D 112 -5.50 -1.91 -4.12
CA SER D 112 -5.59 -2.41 -2.74
C SER D 112 -6.85 -3.24 -2.63
N LYS D 113 -6.69 -4.56 -2.50
CA LYS D 113 -7.86 -5.43 -2.36
C LYS D 113 -8.74 -4.96 -1.20
N ASN D 114 -8.20 -4.97 0.01
CA ASN D 114 -8.94 -4.52 1.18
C ASN D 114 -8.86 -3.00 1.27
N PHE D 115 -9.97 -2.33 0.98
CA PHE D 115 -10.08 -0.90 1.18
C PHE D 115 -10.64 -0.62 2.57
N THR D 116 -10.15 0.44 3.20
CA THR D 116 -10.55 0.81 4.55
C THR D 116 -10.85 2.30 4.59
N LYS D 117 -12.08 2.65 4.95
CA LYS D 117 -12.47 4.06 5.03
C LYS D 117 -11.66 4.76 6.11
N TYR D 118 -11.15 5.94 5.78
CA TYR D 118 -10.47 6.78 6.75
C TYR D 118 -11.28 8.04 7.01
N PRO D 119 -11.27 8.56 8.24
CA PRO D 119 -12.13 9.69 8.55
C PRO D 119 -11.75 10.93 7.74
N LYS D 120 -12.77 11.67 7.31
CA LYS D 120 -12.64 12.88 6.50
C LYS D 120 -12.13 12.60 5.11
N LYS D 121 -12.00 11.33 4.71
CA LYS D 121 -11.53 10.96 3.38
C LYS D 121 -12.70 10.47 2.53
N PHE D 122 -12.51 10.55 1.22
CA PHE D 122 -13.54 10.11 0.29
C PHE D 122 -13.61 8.58 0.26
N TYR D 123 -14.76 8.08 -0.22
CA TYR D 123 -14.98 6.67 -0.40
C TYR D 123 -15.18 6.37 -1.88
N PRO D 124 -14.52 5.34 -2.44
CA PRO D 124 -14.65 5.09 -3.88
C PRO D 124 -15.97 4.39 -4.20
N LEU D 125 -16.66 4.92 -5.21
CA LEU D 125 -17.88 4.31 -5.70
C LEU D 125 -17.57 3.41 -6.88
N GLU D 126 -18.33 2.33 -7.01
CA GLU D 126 -18.12 1.33 -8.06
C GLU D 126 -19.13 1.61 -9.16
N ILE D 127 -18.72 2.41 -10.13
CA ILE D 127 -19.61 2.83 -11.21
C ILE D 127 -19.63 1.77 -12.30
N ASP D 128 -20.83 1.40 -12.74
CA ASP D 128 -21.00 0.35 -13.75
C ASP D 128 -20.95 0.98 -15.14
N TYR D 129 -19.92 0.63 -15.91
CA TYR D 129 -19.75 1.12 -17.27
C TYR D 129 -19.98 -0.01 -18.25
N GLY D 130 -20.78 0.26 -19.27
CA GLY D 130 -21.00 -0.67 -20.37
C GLY D 130 -21.16 -2.13 -19.96
N GLY D 144 -30.64 -20.33 -39.33
CA GLY D 144 -31.58 -21.42 -39.12
C GLY D 144 -33.02 -21.01 -39.30
N THR D 145 -33.49 -20.14 -38.41
CA THR D 145 -34.86 -19.63 -38.42
C THR D 145 -35.88 -20.76 -38.59
N LYS D 146 -35.61 -21.89 -37.95
CA LYS D 146 -36.51 -23.04 -37.97
C LYS D 146 -37.28 -23.16 -36.67
N SER D 147 -37.66 -22.03 -36.07
CA SER D 147 -38.41 -22.01 -34.83
C SER D 147 -39.78 -22.63 -35.04
N LYS D 148 -39.96 -23.85 -34.53
CA LYS D 148 -41.18 -24.62 -34.76
C LYS D 148 -42.32 -24.22 -33.83
N LEU D 149 -42.01 -23.51 -32.74
CA LEU D 149 -42.99 -23.29 -31.69
C LEU D 149 -44.19 -22.49 -32.20
N PRO D 150 -45.34 -22.61 -31.54
CA PRO D 150 -46.51 -21.84 -31.96
C PRO D 150 -46.28 -20.34 -31.82
N LYS D 151 -47.08 -19.57 -32.55
CA LYS D 151 -46.91 -18.12 -32.57
C LYS D 151 -47.16 -17.48 -31.21
N PRO D 152 -48.21 -17.84 -30.46
CA PRO D 152 -48.39 -17.23 -29.13
C PRO D 152 -47.21 -17.49 -28.21
N VAL D 153 -46.63 -18.68 -28.25
CA VAL D 153 -45.49 -18.99 -27.39
C VAL D 153 -44.25 -18.23 -27.86
N GLN D 154 -44.07 -18.10 -29.17
CA GLN D 154 -42.95 -17.30 -29.67
C GLN D 154 -43.07 -15.86 -29.20
N ASP D 155 -44.29 -15.31 -29.22
CA ASP D 155 -44.48 -13.95 -28.73
C ASP D 155 -44.24 -13.86 -27.23
N LEU D 156 -44.69 -14.86 -26.47
CA LEU D 156 -44.43 -14.87 -25.03
C LEU D 156 -42.94 -14.86 -24.74
N ILE D 157 -42.17 -15.68 -25.47
CA ILE D 157 -40.73 -15.74 -25.25
C ILE D 157 -40.07 -14.42 -25.65
N LYS D 158 -40.47 -13.86 -26.79
CA LYS D 158 -39.99 -12.53 -27.16
C LYS D 158 -40.27 -11.51 -26.06
N MET D 159 -41.40 -11.69 -25.36
CA MET D 159 -41.78 -10.72 -24.32
C MET D 159 -40.90 -10.88 -23.08
N ILE D 160 -40.65 -12.11 -22.63
CA ILE D 160 -39.93 -12.32 -21.37
C ILE D 160 -38.42 -12.23 -21.53
N PHE D 161 -37.90 -12.11 -22.76
CA PHE D 161 -36.47 -12.03 -23.02
C PHE D 161 -36.14 -10.84 -23.91
N ASP D 162 -36.65 -9.66 -23.54
CA ASP D 162 -36.48 -8.46 -24.37
C ASP D 162 -35.26 -7.70 -23.89
N VAL D 163 -34.11 -7.95 -24.55
CA VAL D 163 -32.87 -7.29 -24.15
C VAL D 163 -32.98 -5.78 -24.33
N GLU D 164 -33.76 -5.34 -25.33
CA GLU D 164 -33.91 -3.91 -25.57
C GLU D 164 -34.40 -3.19 -24.32
N SER D 165 -35.57 -3.61 -23.81
CA SER D 165 -36.17 -2.92 -22.68
C SER D 165 -35.27 -2.96 -21.46
N MET D 166 -34.61 -4.09 -21.22
CA MET D 166 -33.77 -4.22 -20.03
C MET D 166 -32.55 -3.31 -20.13
N LYS D 167 -31.84 -3.36 -21.26
CA LYS D 167 -30.69 -2.48 -21.42
C LYS D 167 -31.10 -1.02 -21.28
N LYS D 168 -32.25 -0.65 -21.86
CA LYS D 168 -32.73 0.72 -21.72
C LYS D 168 -32.95 1.08 -20.25
N ALA D 169 -33.81 0.33 -19.57
CA ALA D 169 -34.12 0.63 -18.17
C ALA D 169 -32.87 0.57 -17.29
N MET D 170 -31.83 -0.12 -17.72
CA MET D 170 -30.64 -0.29 -16.90
C MET D 170 -29.65 0.86 -17.07
N TYR D 171 -29.20 1.11 -18.29
CA TYR D 171 -28.15 2.08 -18.55
C TYR D 171 -28.67 3.45 -18.97
N GLU D 172 -29.96 3.72 -18.79
CA GLU D 172 -30.50 5.04 -19.13
C GLU D 172 -30.04 6.07 -18.11
N ILE D 173 -29.58 7.21 -18.62
CA ILE D 173 -28.91 8.21 -17.79
C ILE D 173 -29.97 8.99 -17.02
N ASP D 174 -30.10 8.70 -15.72
CA ASP D 174 -30.97 9.44 -14.81
C ASP D 174 -30.10 10.12 -13.77
N LEU D 175 -30.18 11.44 -13.68
CA LEU D 175 -29.33 12.20 -12.79
C LEU D 175 -29.96 12.48 -11.43
N GLN D 176 -31.23 12.13 -11.23
CA GLN D 176 -31.86 12.31 -9.92
C GLN D 176 -31.70 11.07 -9.06
N LYS D 177 -31.87 9.88 -9.65
CA LYS D 177 -31.65 8.63 -8.93
C LYS D 177 -30.20 8.18 -8.96
N MET D 178 -29.44 8.61 -9.98
CA MET D 178 -28.03 8.25 -10.12
C MET D 178 -27.24 9.51 -10.49
N PRO D 179 -27.04 10.41 -9.52
CA PRO D 179 -26.33 11.66 -9.83
C PRO D 179 -24.91 11.46 -10.30
N LEU D 180 -24.28 10.33 -9.97
CA LEU D 180 -22.89 10.09 -10.33
C LEU D 180 -22.72 8.89 -11.26
N GLY D 181 -23.81 8.29 -11.73
CA GLY D 181 -23.75 7.21 -12.69
C GLY D 181 -24.32 5.92 -12.12
N LYS D 182 -24.49 4.96 -13.03
CA LYS D 182 -25.02 3.66 -12.65
C LYS D 182 -24.09 3.00 -11.63
N LEU D 183 -24.68 2.42 -10.59
CA LEU D 183 -23.93 1.74 -9.55
C LEU D 183 -23.95 0.24 -9.79
N SER D 184 -22.83 -0.42 -9.51
CA SER D 184 -22.74 -1.85 -9.71
C SER D 184 -23.67 -2.59 -8.74
N LYS D 185 -23.91 -3.86 -9.05
CA LYS D 185 -24.75 -4.67 -8.17
C LYS D 185 -24.12 -4.81 -6.78
N ARG D 186 -22.79 -4.83 -6.70
CA ARG D 186 -22.12 -4.93 -5.40
C ARG D 186 -22.54 -3.79 -4.48
N GLN D 187 -22.38 -2.55 -4.94
CA GLN D 187 -22.66 -1.40 -4.09
C GLN D 187 -24.14 -1.31 -3.75
N ILE D 188 -25.02 -1.70 -4.68
CA ILE D 188 -26.44 -1.69 -4.38
C ILE D 188 -26.76 -2.72 -3.30
N GLN D 189 -26.16 -3.90 -3.38
CA GLN D 189 -26.36 -4.90 -2.32
C GLN D 189 -25.81 -4.39 -1.00
N ALA D 190 -24.71 -3.65 -1.04
CA ALA D 190 -24.16 -3.10 0.20
C ALA D 190 -25.13 -2.12 0.84
N ALA D 191 -25.69 -1.21 0.04
CA ALA D 191 -26.69 -0.29 0.57
C ALA D 191 -27.93 -1.03 1.06
N TYR D 192 -28.30 -2.12 0.39
CA TYR D 192 -29.42 -2.95 0.83
C TYR D 192 -29.17 -3.51 2.23
N SER D 193 -28.00 -4.11 2.43
CA SER D 193 -27.66 -4.65 3.75
C SER D 193 -27.60 -3.55 4.79
N ILE D 194 -27.13 -2.36 4.41
CA ILE D 194 -27.08 -1.25 5.34
C ILE D 194 -28.49 -0.82 5.75
N LEU D 195 -29.43 -0.86 4.81
CA LEU D 195 -30.81 -0.55 5.15
C LEU D 195 -31.39 -1.58 6.10
N SER D 196 -31.07 -2.86 5.89
CA SER D 196 -31.52 -3.88 6.84
C SER D 196 -30.94 -3.62 8.23
N GLU D 197 -29.66 -3.23 8.29
CA GLU D 197 -29.08 -2.88 9.58
C GLU D 197 -29.80 -1.69 10.21
N VAL D 198 -30.21 -0.72 9.38
CA VAL D 198 -30.95 0.43 9.89
C VAL D 198 -32.27 -0.02 10.50
N GLN D 199 -32.96 -0.93 9.83
CA GLN D 199 -34.23 -1.42 10.37
C GLN D 199 -34.01 -2.16 11.69
N GLN D 200 -32.98 -3.00 11.76
CA GLN D 200 -32.68 -3.67 13.01
C GLN D 200 -32.38 -2.67 14.12
N ALA D 201 -31.72 -1.56 13.78
CA ALA D 201 -31.38 -0.55 14.80
C ALA D 201 -32.63 0.19 15.25
N VAL D 202 -33.54 0.52 14.33
CA VAL D 202 -34.75 1.24 14.70
C VAL D 202 -35.68 0.35 15.49
N SER D 203 -35.62 -0.97 15.29
CA SER D 203 -36.54 -1.87 15.97
C SER D 203 -36.30 -1.89 17.48
N GLN D 204 -35.02 -1.88 17.90
CA GLN D 204 -34.67 -2.08 19.30
C GLN D 204 -34.15 -0.80 19.96
N GLY D 205 -34.65 0.35 19.53
CA GLY D 205 -34.28 1.62 20.12
C GLY D 205 -32.78 1.80 20.26
N SER D 206 -32.05 1.54 19.19
CA SER D 206 -30.60 1.65 19.23
C SER D 206 -30.18 3.11 19.34
N SER D 207 -28.90 3.31 19.66
CA SER D 207 -28.35 4.64 19.78
C SER D 207 -28.60 5.45 18.53
N ASP D 208 -28.64 6.77 18.69
CA ASP D 208 -28.68 7.66 17.53
C ASP D 208 -27.36 7.66 16.78
N SER D 209 -26.27 7.33 17.47
CA SER D 209 -24.96 7.26 16.80
C SER D 209 -24.94 6.13 15.78
N GLN D 210 -25.46 4.96 16.16
CA GLN D 210 -25.60 3.86 15.21
C GLN D 210 -26.34 4.31 13.95
N ILE D 211 -27.49 4.96 14.15
CA ILE D 211 -28.33 5.35 13.02
C ILE D 211 -27.61 6.38 12.16
N LEU D 212 -26.90 7.31 12.78
CA LEU D 212 -26.17 8.32 12.02
C LEU D 212 -25.06 7.70 11.19
N ASP D 213 -24.30 6.77 11.78
CA ASP D 213 -23.24 6.09 11.04
C ASP D 213 -23.83 5.36 9.84
N LEU D 214 -24.92 4.62 10.05
CA LEU D 214 -25.54 3.91 8.94
C LEU D 214 -26.03 4.87 7.86
N SER D 215 -26.60 6.00 8.27
CA SER D 215 -27.11 6.97 7.30
C SER D 215 -25.97 7.53 6.45
N ASN D 216 -24.86 7.91 7.09
CA ASN D 216 -23.73 8.42 6.34
C ASN D 216 -23.22 7.39 5.35
N ARG D 217 -23.03 6.14 5.82
CA ARG D 217 -22.57 5.09 4.92
C ARG D 217 -23.50 4.94 3.72
N PHE D 218 -24.82 4.89 3.98
CA PHE D 218 -25.78 4.69 2.91
C PHE D 218 -25.71 5.82 1.90
N TYR D 219 -25.84 7.07 2.36
CA TYR D 219 -25.83 8.19 1.42
C TYR D 219 -24.50 8.33 0.71
N THR D 220 -23.42 7.78 1.26
CA THR D 220 -22.18 7.72 0.51
C THR D 220 -22.28 6.70 -0.62
N LEU D 221 -22.82 5.51 -0.32
CA LEU D 221 -22.88 4.46 -1.33
C LEU D 221 -23.95 4.72 -2.38
N ILE D 222 -25.02 5.42 -2.02
CA ILE D 222 -26.11 5.70 -2.94
C ILE D 222 -26.25 7.21 -3.09
N PRO D 223 -25.45 7.85 -3.96
CA PRO D 223 -25.52 9.31 -4.08
C PRO D 223 -26.94 9.78 -4.36
N HIS D 224 -27.30 10.91 -3.76
CA HIS D 224 -28.58 11.55 -3.98
C HIS D 224 -28.37 13.00 -4.36
N ASP D 225 -29.28 13.53 -5.17
CA ASP D 225 -29.27 14.95 -5.53
C ASP D 225 -30.21 15.67 -4.55
N PHE D 226 -29.62 16.14 -3.45
CA PHE D 226 -30.35 16.93 -2.47
C PHE D 226 -30.21 18.43 -2.71
N GLY D 227 -29.80 18.84 -3.91
CA GLY D 227 -29.52 20.23 -4.17
C GLY D 227 -28.48 20.75 -3.20
N MET D 228 -28.90 21.62 -2.28
CA MET D 228 -28.01 22.12 -1.23
C MET D 228 -28.63 21.98 0.15
N LYS D 229 -29.57 21.05 0.32
CA LYS D 229 -30.16 20.76 1.61
C LYS D 229 -29.39 19.62 2.29
N LYS D 230 -29.33 19.68 3.61
CA LYS D 230 -28.67 18.63 4.36
C LYS D 230 -29.40 17.30 4.15
N PRO D 231 -28.68 16.20 3.96
CA PRO D 231 -29.36 14.92 3.85
C PRO D 231 -30.10 14.58 5.13
N PRO D 232 -31.22 13.86 5.04
CA PRO D 232 -31.96 13.49 6.24
C PRO D 232 -31.50 12.16 6.82
N LEU D 233 -31.78 11.99 8.11
CA LEU D 233 -31.50 10.73 8.78
C LEU D 233 -32.46 9.64 8.31
N LEU D 234 -32.01 8.39 8.41
CA LEU D 234 -32.83 7.24 8.03
C LEU D 234 -33.66 6.78 9.22
N ASN D 235 -34.49 7.69 9.71
CA ASN D 235 -35.35 7.44 10.86
C ASN D 235 -36.80 7.22 10.49
N ASN D 236 -37.25 7.77 9.36
CA ASN D 236 -38.62 7.58 8.90
C ASN D 236 -38.72 6.20 8.25
N ALA D 237 -39.26 5.23 8.99
CA ALA D 237 -39.28 3.85 8.51
C ALA D 237 -40.03 3.72 7.18
N ASP D 238 -40.97 4.61 6.90
CA ASP D 238 -41.69 4.55 5.63
C ASP D 238 -40.76 4.89 4.46
N SER D 239 -39.97 5.96 4.61
CA SER D 239 -39.03 6.33 3.57
C SER D 239 -37.97 5.25 3.37
N VAL D 240 -37.54 4.60 4.46
CA VAL D 240 -36.52 3.57 4.29
C VAL D 240 -37.12 2.31 3.66
N GLN D 241 -38.40 2.02 3.93
CA GLN D 241 -39.06 0.95 3.20
C GLN D 241 -39.13 1.28 1.71
N ALA D 242 -39.42 2.55 1.39
CA ALA D 242 -39.44 2.95 -0.01
C ALA D 242 -38.07 2.76 -0.66
N LYS D 243 -37.01 3.19 0.03
CA LYS D 243 -35.67 3.05 -0.52
C LYS D 243 -35.30 1.56 -0.68
N ALA D 244 -35.72 0.73 0.26
CA ALA D 244 -35.45 -0.70 0.15
C ALA D 244 -36.19 -1.31 -1.05
N GLU D 245 -37.42 -0.85 -1.29
CA GLU D 245 -38.14 -1.32 -2.47
C GLU D 245 -37.41 -0.91 -3.75
N MET D 246 -36.92 0.34 -3.80
CA MET D 246 -36.17 0.79 -4.97
C MET D 246 -34.95 -0.08 -5.20
N LEU D 247 -34.18 -0.32 -4.14
CA LEU D 247 -32.96 -1.12 -4.27
C LEU D 247 -33.28 -2.56 -4.67
N ASP D 248 -34.37 -3.12 -4.14
CA ASP D 248 -34.77 -4.46 -4.54
C ASP D 248 -35.14 -4.51 -6.01
N ASN D 249 -35.82 -3.47 -6.50
CA ASN D 249 -36.13 -3.40 -7.92
C ASN D 249 -34.85 -3.41 -8.74
N LEU D 250 -33.89 -2.55 -8.40
CA LEU D 250 -32.64 -2.50 -9.15
C LEU D 250 -31.93 -3.84 -9.10
N LEU D 251 -31.94 -4.51 -7.95
CA LEU D 251 -31.22 -5.77 -7.80
C LEU D 251 -31.84 -6.86 -8.68
N ASP D 252 -33.17 -7.00 -8.65
CA ASP D 252 -33.76 -8.04 -9.47
C ASP D 252 -33.64 -7.71 -10.96
N ILE D 253 -33.57 -6.43 -11.32
CA ILE D 253 -33.28 -6.07 -12.70
C ILE D 253 -31.88 -6.55 -13.08
N GLU D 254 -30.90 -6.30 -12.20
CA GLU D 254 -29.54 -6.78 -12.47
C GLU D 254 -29.51 -8.30 -12.61
N VAL D 255 -30.29 -9.01 -11.79
CA VAL D 255 -30.31 -10.46 -11.87
C VAL D 255 -30.93 -10.92 -13.19
N ALA D 256 -32.03 -10.31 -13.60
CA ALA D 256 -32.64 -10.69 -14.87
C ALA D 256 -31.69 -10.44 -16.03
N TYR D 257 -30.92 -9.35 -15.98
CA TYR D 257 -29.97 -9.10 -17.06
C TYR D 257 -28.84 -10.13 -17.04
N SER D 258 -28.33 -10.46 -15.85
CA SER D 258 -27.36 -11.55 -15.77
C SER D 258 -27.92 -12.83 -16.34
N LEU D 259 -29.24 -13.03 -16.24
CA LEU D 259 -29.85 -14.23 -16.81
C LEU D 259 -29.89 -14.17 -18.33
N LEU D 260 -30.27 -13.01 -18.90
CA LEU D 260 -30.39 -12.91 -20.35
C LEU D 260 -29.12 -13.32 -21.06
N ARG D 261 -27.96 -13.10 -20.45
CA ARG D 261 -26.67 -13.44 -21.04
C ARG D 261 -26.23 -14.78 -20.45
N GLY D 262 -26.44 -15.86 -21.22
CA GLY D 262 -26.03 -17.17 -20.79
C GLY D 262 -25.19 -17.88 -21.85
N GLY D 263 -25.81 -18.27 -22.95
CA GLY D 263 -25.08 -18.89 -24.06
C GLY D 263 -25.34 -20.38 -24.19
N ASP D 270 -32.53 -22.01 -33.59
CA ASP D 270 -33.18 -20.72 -33.49
C ASP D 270 -33.03 -20.16 -32.07
N PRO D 271 -32.71 -18.86 -31.95
CA PRO D 271 -32.54 -18.30 -30.60
C PRO D 271 -33.77 -18.44 -29.72
N ILE D 272 -34.96 -18.36 -30.31
CA ILE D 272 -36.20 -18.51 -29.54
C ILE D 272 -36.19 -19.87 -28.83
N ASP D 273 -35.82 -20.92 -29.56
CA ASP D 273 -35.74 -22.25 -28.96
C ASP D 273 -34.65 -22.31 -27.90
N VAL D 274 -33.55 -21.56 -28.09
CA VAL D 274 -32.49 -21.54 -27.08
C VAL D 274 -33.03 -20.99 -25.76
N ASN D 275 -33.74 -19.87 -25.82
CA ASN D 275 -34.29 -19.30 -24.60
C ASN D 275 -35.36 -20.21 -24.00
N TYR D 276 -36.19 -20.82 -24.85
CA TYR D 276 -37.15 -21.79 -24.36
C TYR D 276 -36.47 -22.89 -23.56
N GLU D 277 -35.35 -23.41 -24.08
CA GLU D 277 -34.58 -24.41 -23.32
C GLU D 277 -34.07 -23.81 -22.01
N LYS D 278 -33.62 -22.56 -22.05
CA LYS D 278 -33.13 -21.92 -20.83
C LYS D 278 -34.21 -21.89 -19.75
N LEU D 279 -35.48 -21.76 -20.14
CA LEU D 279 -36.53 -21.66 -19.12
C LEU D 279 -36.65 -22.93 -18.29
N LYS D 280 -36.29 -24.09 -18.83
CA LYS D 280 -36.44 -25.37 -18.14
C LYS D 280 -37.90 -25.65 -17.79
N THR D 281 -38.81 -25.30 -18.69
CA THR D 281 -40.23 -25.50 -18.46
C THR D 281 -40.92 -25.84 -19.76
N ASP D 282 -42.06 -26.53 -19.64
CA ASP D 282 -42.89 -26.88 -20.79
C ASP D 282 -44.11 -25.98 -20.82
N ILE D 283 -44.36 -25.36 -21.98
CA ILE D 283 -45.45 -24.42 -22.17
C ILE D 283 -46.35 -24.93 -23.28
N LYS D 284 -47.66 -24.77 -23.09
CA LYS D 284 -48.65 -25.14 -24.10
C LYS D 284 -49.71 -24.05 -24.16
N VAL D 285 -50.25 -23.83 -25.35
CA VAL D 285 -51.28 -22.80 -25.55
C VAL D 285 -52.64 -23.44 -25.34
N VAL D 286 -53.31 -23.04 -24.25
CA VAL D 286 -54.66 -23.53 -24.02
C VAL D 286 -55.57 -23.00 -25.11
N ASP D 287 -56.46 -23.86 -25.60
CA ASP D 287 -57.37 -23.46 -26.66
C ASP D 287 -58.36 -22.42 -26.15
N ARG D 288 -58.66 -21.44 -27.01
CA ARG D 288 -59.56 -20.36 -26.61
C ARG D 288 -60.91 -20.91 -26.17
N ASP D 289 -61.54 -21.71 -27.04
CA ASP D 289 -62.85 -22.28 -26.74
C ASP D 289 -62.77 -23.48 -25.80
N SER D 290 -61.60 -23.77 -25.22
CA SER D 290 -61.52 -24.79 -24.18
C SER D 290 -62.37 -24.40 -22.99
N GLU D 291 -62.81 -25.39 -22.23
CA GLU D 291 -63.69 -25.12 -21.10
C GLU D 291 -62.89 -24.65 -19.88
N GLU D 292 -61.70 -25.21 -19.66
CA GLU D 292 -60.84 -24.67 -18.62
C GLU D 292 -60.42 -23.24 -18.95
N ALA D 293 -60.28 -22.93 -20.24
CA ALA D 293 -60.00 -21.56 -20.64
C ALA D 293 -61.17 -20.64 -20.29
N GLU D 294 -62.40 -21.12 -20.47
CA GLU D 294 -63.56 -20.31 -20.10
C GLU D 294 -63.61 -20.13 -18.58
N ILE D 295 -63.21 -21.16 -17.82
CA ILE D 295 -63.15 -21.01 -16.36
C ILE D 295 -62.13 -19.94 -15.98
N ILE D 296 -60.95 -19.97 -16.61
CA ILE D 296 -59.92 -18.97 -16.33
C ILE D 296 -60.42 -17.58 -16.67
N ARG D 297 -61.12 -17.45 -17.80
CA ARG D 297 -61.62 -16.13 -18.20
C ARG D 297 -62.67 -15.62 -17.21
N LYS D 298 -63.56 -16.51 -16.74
CA LYS D 298 -64.52 -16.11 -15.72
C LYS D 298 -63.82 -15.68 -14.45
N TYR D 299 -62.76 -16.40 -14.07
CA TYR D 299 -61.97 -16.02 -12.90
C TYR D 299 -61.44 -14.60 -13.05
N VAL D 300 -60.85 -14.30 -14.21
CA VAL D 300 -60.31 -12.96 -14.43
C VAL D 300 -61.43 -11.92 -14.41
N LYS D 301 -62.58 -12.26 -14.97
CA LYS D 301 -63.66 -11.28 -15.13
C LYS D 301 -64.28 -10.92 -13.79
N ASN D 302 -64.63 -11.92 -12.98
CA ASN D 302 -65.40 -11.65 -11.76
C ASN D 302 -64.55 -10.99 -10.68
N THR D 303 -63.25 -11.27 -10.66
CA THR D 303 -62.40 -10.86 -9.55
C THR D 303 -61.60 -9.60 -9.84
N HIS D 304 -61.90 -8.90 -10.93
CA HIS D 304 -61.24 -7.63 -11.24
C HIS D 304 -62.14 -6.49 -10.77
N ALA D 305 -61.66 -5.73 -9.80
CA ALA D 305 -62.41 -4.61 -9.24
C ALA D 305 -61.84 -3.32 -9.80
N THR D 306 -62.70 -2.51 -10.43
CA THR D 306 -62.31 -1.21 -10.94
C THR D 306 -62.25 -0.15 -9.85
N THR D 307 -62.29 -0.54 -8.58
CA THR D 307 -62.30 0.42 -7.49
C THR D 307 -60.93 1.03 -7.26
N HIS D 308 -59.86 0.25 -7.43
CA HIS D 308 -58.50 0.74 -7.27
C HIS D 308 -57.64 0.38 -8.49
N ASN D 309 -58.28 0.22 -9.64
CA ASN D 309 -57.58 -0.13 -10.88
C ASN D 309 -58.18 0.71 -11.99
N ALA D 310 -57.42 1.70 -12.46
CA ALA D 310 -57.88 2.56 -13.54
C ALA D 310 -57.70 1.87 -14.89
N TYR D 311 -58.22 0.66 -15.02
CA TYR D 311 -58.03 -0.10 -16.25
C TYR D 311 -58.87 -1.36 -16.18
N ASP D 312 -59.11 -1.94 -17.35
CA ASP D 312 -59.77 -3.23 -17.48
C ASP D 312 -58.76 -4.26 -17.98
N LEU D 313 -58.96 -5.51 -17.56
CA LEU D 313 -58.10 -6.61 -17.97
C LEU D 313 -58.72 -7.31 -19.17
N GLU D 314 -57.89 -7.60 -20.18
CA GLU D 314 -58.30 -8.42 -21.31
C GLU D 314 -57.34 -9.59 -21.44
N VAL D 315 -57.88 -10.80 -21.51
CA VAL D 315 -57.06 -11.99 -21.69
C VAL D 315 -56.65 -12.08 -23.16
N ILE D 316 -55.36 -12.28 -23.40
CA ILE D 316 -54.82 -12.40 -24.75
C ILE D 316 -54.55 -13.87 -25.04
N ASP D 317 -53.70 -14.48 -24.24
CA ASP D 317 -53.32 -15.87 -24.38
C ASP D 317 -53.35 -16.56 -23.03
N ILE D 318 -53.75 -17.83 -23.04
CA ILE D 318 -53.63 -18.71 -21.88
C ILE D 318 -52.50 -19.68 -22.15
N PHE D 319 -51.74 -20.00 -21.10
CA PHE D 319 -50.63 -20.94 -21.21
C PHE D 319 -50.68 -21.90 -20.04
N LYS D 320 -50.57 -23.18 -20.33
CA LYS D 320 -50.35 -24.21 -19.31
C LYS D 320 -48.86 -24.46 -19.21
N ILE D 321 -48.32 -24.36 -17.99
CA ILE D 321 -46.89 -24.46 -17.76
C ILE D 321 -46.61 -25.59 -16.79
N GLU D 322 -45.47 -26.24 -16.99
CA GLU D 322 -44.99 -27.30 -16.11
C GLU D 322 -43.49 -27.11 -15.93
N ARG D 323 -43.06 -26.88 -14.69
CA ARG D 323 -41.67 -26.58 -14.40
C ARG D 323 -40.86 -27.86 -14.23
N GLU D 324 -39.55 -27.73 -14.45
CA GLU D 324 -38.63 -28.86 -14.32
C GLU D 324 -38.69 -29.46 -12.92
N GLY D 325 -39.28 -30.65 -12.80
CA GLY D 325 -39.31 -31.34 -11.52
C GLY D 325 -40.04 -30.61 -10.43
N GLU D 326 -40.87 -29.62 -10.77
CA GLU D 326 -41.68 -28.97 -9.75
C GLU D 326 -42.74 -29.91 -9.21
N CYS D 327 -43.34 -30.72 -10.08
CA CYS D 327 -44.30 -31.72 -9.64
C CYS D 327 -43.67 -32.66 -8.61
N GLN D 328 -42.40 -32.98 -8.79
CA GLN D 328 -41.70 -33.85 -7.84
C GLN D 328 -41.69 -33.21 -6.45
N ARG D 329 -41.14 -32.00 -6.33
CA ARG D 329 -41.06 -31.36 -5.03
C ARG D 329 -42.43 -31.00 -4.47
N TYR D 330 -43.47 -30.97 -5.33
CA TYR D 330 -44.81 -30.64 -4.86
C TYR D 330 -45.61 -31.86 -4.41
N LYS D 331 -45.21 -33.06 -4.84
CA LYS D 331 -45.89 -34.28 -4.40
C LYS D 331 -46.19 -34.33 -2.90
N PRO D 332 -45.26 -33.97 -2.00
CA PRO D 332 -45.54 -34.10 -0.56
C PRO D 332 -46.80 -33.38 -0.11
N PHE D 333 -47.22 -32.35 -0.86
CA PHE D 333 -48.40 -31.58 -0.52
C PHE D 333 -49.56 -31.82 -1.48
N LYS D 334 -49.42 -32.75 -2.43
CA LYS D 334 -50.47 -32.94 -3.42
C LYS D 334 -51.77 -33.43 -2.78
N GLN D 335 -51.67 -34.34 -1.82
CA GLN D 335 -52.84 -34.84 -1.13
C GLN D 335 -53.20 -34.01 0.10
N LEU D 336 -52.47 -32.92 0.36
CA LEU D 336 -52.86 -32.00 1.42
C LEU D 336 -54.19 -31.34 1.06
N HIS D 337 -54.93 -30.93 2.09
CA HIS D 337 -56.25 -30.35 1.90
C HIS D 337 -56.15 -28.86 1.62
N ASN D 338 -57.27 -28.29 1.20
CA ASN D 338 -57.38 -26.86 0.94
C ASN D 338 -56.27 -26.38 0.00
N ARG D 339 -56.13 -27.07 -1.12
CA ARG D 339 -55.31 -26.57 -2.22
C ARG D 339 -56.13 -25.57 -3.03
N ARG D 340 -55.48 -24.49 -3.45
CA ARG D 340 -56.21 -23.42 -4.13
C ARG D 340 -55.40 -22.86 -5.29
N LEU D 341 -56.11 -22.50 -6.35
CA LEU D 341 -55.51 -21.89 -7.54
C LEU D 341 -55.54 -20.38 -7.36
N LEU D 342 -54.38 -19.78 -7.13
CA LEU D 342 -54.29 -18.37 -6.77
C LEU D 342 -53.38 -17.63 -7.73
N TRP D 343 -53.50 -16.29 -7.70
CA TRP D 343 -52.78 -15.42 -8.60
C TRP D 343 -51.43 -15.01 -8.03
N HIS D 344 -50.48 -14.74 -8.91
CA HIS D 344 -49.23 -14.07 -8.52
C HIS D 344 -48.79 -13.18 -9.66
N GLY D 345 -48.59 -11.91 -9.39
CA GLY D 345 -48.17 -10.94 -10.39
C GLY D 345 -46.81 -10.35 -10.06
N SER D 346 -45.97 -10.23 -11.07
CA SER D 346 -44.68 -9.57 -10.96
C SER D 346 -44.42 -8.82 -12.25
N ARG D 347 -43.31 -8.08 -12.28
CA ARG D 347 -42.88 -7.42 -13.51
C ARG D 347 -42.39 -8.46 -14.50
N THR D 348 -42.64 -8.20 -15.78
CA THR D 348 -42.32 -9.19 -16.81
C THR D 348 -40.84 -9.52 -16.82
N THR D 349 -39.98 -8.54 -16.50
CA THR D 349 -38.54 -8.76 -16.54
C THR D 349 -38.15 -9.97 -15.69
N ASN D 350 -38.85 -10.20 -14.59
CA ASN D 350 -38.51 -11.29 -13.68
C ASN D 350 -38.99 -12.64 -14.19
N PHE D 351 -40.04 -12.67 -15.01
CA PHE D 351 -40.72 -13.93 -15.28
C PHE D 351 -39.76 -14.99 -15.81
N ALA D 352 -38.87 -14.61 -16.72
CA ALA D 352 -37.80 -15.52 -17.14
C ALA D 352 -37.27 -16.26 -15.92
N GLY D 353 -36.55 -15.53 -15.06
CA GLY D 353 -36.08 -16.07 -13.80
C GLY D 353 -37.08 -16.98 -13.12
N ILE D 354 -38.29 -16.49 -12.89
CA ILE D 354 -39.28 -17.28 -12.15
C ILE D 354 -39.42 -18.66 -12.78
N LEU D 355 -39.70 -18.70 -14.08
CA LEU D 355 -39.96 -19.97 -14.73
C LEU D 355 -38.77 -20.91 -14.67
N SER D 356 -37.56 -20.38 -14.54
CA SER D 356 -36.36 -21.20 -14.50
C SER D 356 -36.00 -21.66 -13.09
N GLN D 357 -36.70 -21.17 -12.06
CA GLN D 357 -36.35 -21.52 -10.69
C GLN D 357 -37.55 -21.65 -9.75
N GLY D 358 -38.77 -21.49 -10.25
CA GLY D 358 -39.93 -21.51 -9.38
C GLY D 358 -39.95 -20.31 -8.46
N LEU D 359 -41.11 -20.01 -7.87
CA LEU D 359 -41.20 -18.87 -6.95
C LEU D 359 -40.27 -19.07 -5.78
N ARG D 360 -39.48 -18.04 -5.48
CA ARG D 360 -38.46 -18.08 -4.44
C ARG D 360 -38.78 -17.07 -3.34
N ILE D 361 -38.38 -17.40 -2.13
CA ILE D 361 -38.57 -16.53 -0.98
C ILE D 361 -37.38 -15.59 -0.89
N ALA D 362 -37.61 -14.43 -0.27
CA ALA D 362 -36.52 -13.48 -0.09
C ALA D 362 -35.51 -14.02 0.92
N PRO D 363 -34.25 -13.60 0.82
CA PRO D 363 -33.23 -14.09 1.76
C PRO D 363 -33.45 -13.52 3.15
N PRO D 364 -32.87 -14.15 4.18
CA PRO D 364 -33.07 -13.65 5.55
C PRO D 364 -32.35 -12.35 5.86
N GLU D 365 -31.45 -11.89 4.99
CA GLU D 365 -30.72 -10.65 5.22
C GLU D 365 -31.27 -9.46 4.45
N ALA D 366 -32.36 -9.64 3.72
CA ALA D 366 -32.92 -8.52 2.97
C ALA D 366 -33.86 -7.70 3.86
N PRO D 367 -33.86 -6.38 3.73
CA PRO D 367 -34.82 -5.57 4.50
C PRO D 367 -36.24 -5.74 3.97
N VAL D 368 -37.20 -5.30 4.79
CA VAL D 368 -38.61 -5.44 4.45
C VAL D 368 -39.01 -4.27 3.54
N THR D 369 -39.68 -4.60 2.44
CA THR D 369 -40.06 -3.60 1.44
C THR D 369 -41.48 -3.06 1.64
N GLY D 370 -42.26 -3.68 2.52
CA GLY D 370 -43.63 -3.23 2.76
C GLY D 370 -44.58 -4.37 3.04
N TYR D 371 -44.18 -5.59 2.68
CA TYR D 371 -45.03 -6.74 2.93
C TYR D 371 -45.35 -6.84 4.42
N MET D 372 -46.52 -7.41 4.72
CA MET D 372 -47.09 -7.35 6.05
C MET D 372 -46.92 -8.64 6.86
N PHE D 373 -46.55 -9.75 6.22
CA PHE D 373 -46.48 -11.04 6.89
C PHE D 373 -45.16 -11.75 6.58
N GLY D 374 -44.06 -11.02 6.76
CA GLY D 374 -42.75 -11.65 6.66
C GLY D 374 -42.42 -12.13 5.26
N LYS D 375 -41.37 -12.94 5.19
CA LYS D 375 -40.78 -13.36 3.93
C LYS D 375 -41.35 -14.71 3.51
N GLY D 376 -42.07 -14.71 2.40
CA GLY D 376 -42.60 -15.94 1.86
C GLY D 376 -43.12 -15.70 0.46
N ILE D 377 -43.81 -16.71 -0.07
CA ILE D 377 -44.44 -16.61 -1.38
C ILE D 377 -45.87 -16.10 -1.17
N TYR D 378 -46.17 -14.97 -1.81
CA TYR D 378 -47.48 -14.34 -1.70
C TYR D 378 -48.35 -14.69 -2.89
N PHE D 379 -49.66 -14.68 -2.66
CA PHE D 379 -50.66 -14.89 -3.69
C PHE D 379 -51.89 -14.08 -3.32
N ALA D 380 -52.75 -13.86 -4.30
CA ALA D 380 -54.02 -13.19 -4.09
C ALA D 380 -55.13 -13.98 -4.74
N ASP D 381 -56.35 -13.78 -4.24
CA ASP D 381 -57.52 -14.43 -4.81
C ASP D 381 -58.24 -13.56 -5.84
N MET D 382 -57.93 -12.27 -5.88
CA MET D 382 -58.53 -11.34 -6.82
C MET D 382 -57.46 -10.83 -7.78
N VAL D 383 -57.73 -10.91 -9.08
CA VAL D 383 -56.74 -10.57 -10.09
C VAL D 383 -56.34 -9.09 -10.02
N SER D 384 -57.19 -8.24 -9.46
CA SER D 384 -56.81 -6.84 -9.30
C SER D 384 -55.56 -6.69 -8.43
N LYS D 385 -55.61 -7.28 -7.23
CA LYS D 385 -54.50 -7.17 -6.28
C LYS D 385 -53.20 -7.64 -6.92
N SER D 386 -53.21 -8.82 -7.53
CA SER D 386 -51.97 -9.35 -8.08
C SER D 386 -51.53 -8.57 -9.32
N ALA D 387 -52.49 -8.15 -10.15
CA ALA D 387 -52.14 -7.43 -11.37
C ALA D 387 -51.47 -6.10 -11.05
N ASN D 388 -51.89 -5.44 -9.97
CA ASN D 388 -51.23 -4.19 -9.61
C ASN D 388 -49.76 -4.38 -9.28
N TYR D 389 -49.29 -5.63 -9.16
CA TYR D 389 -47.87 -5.90 -8.94
C TYR D 389 -47.12 -6.12 -10.25
N CYS D 390 -47.78 -6.01 -11.40
CA CYS D 390 -47.10 -6.02 -12.68
C CYS D 390 -46.50 -4.65 -13.01
N HIS D 391 -47.05 -3.58 -12.45
CA HIS D 391 -46.57 -2.22 -12.70
C HIS D 391 -46.58 -1.90 -14.19
N THR D 392 -47.58 -2.42 -14.89
CA THR D 392 -47.72 -2.12 -16.31
C THR D 392 -48.14 -0.67 -16.51
N SER D 393 -47.58 -0.03 -17.53
CA SER D 393 -47.84 1.36 -17.85
C SER D 393 -48.74 1.47 -19.07
N GLN D 394 -49.19 2.70 -19.33
CA GLN D 394 -49.97 2.96 -20.52
C GLN D 394 -49.16 2.76 -21.80
N GLY D 395 -47.83 2.88 -21.71
CA GLY D 395 -47.01 2.63 -22.88
C GLY D 395 -46.89 1.15 -23.21
N ASP D 396 -46.87 0.30 -22.18
CA ASP D 396 -46.74 -1.15 -22.34
C ASP D 396 -47.88 -1.83 -21.58
N PRO D 397 -49.10 -1.73 -22.09
CA PRO D 397 -50.26 -2.24 -21.33
C PRO D 397 -50.34 -3.75 -21.27
N ILE D 398 -49.26 -4.46 -21.61
CA ILE D 398 -49.21 -5.92 -21.52
C ILE D 398 -48.45 -6.31 -20.26
N GLY D 399 -49.05 -7.20 -19.48
CA GLY D 399 -48.39 -7.71 -18.29
C GLY D 399 -48.68 -9.19 -18.14
N LEU D 400 -47.77 -9.87 -17.45
CA LEU D 400 -47.87 -11.31 -17.23
C LEU D 400 -48.27 -11.57 -15.78
N ILE D 401 -48.88 -12.73 -15.57
CA ILE D 401 -49.41 -13.10 -14.26
C ILE D 401 -49.60 -14.61 -14.23
N LEU D 402 -49.24 -15.21 -13.10
CA LEU D 402 -49.23 -16.66 -12.94
C LEU D 402 -50.43 -17.13 -12.14
N LEU D 403 -50.87 -18.35 -12.44
CA LEU D 403 -51.80 -19.10 -11.61
C LEU D 403 -51.07 -20.28 -11.01
N GLY D 404 -51.18 -20.44 -9.70
CA GLY D 404 -50.50 -21.51 -9.01
C GLY D 404 -51.42 -22.30 -8.10
N GLU D 405 -51.37 -23.62 -8.21
CA GLU D 405 -51.99 -24.49 -7.22
C GLU D 405 -51.09 -24.48 -5.99
N VAL D 406 -51.47 -23.69 -5.00
CA VAL D 406 -50.72 -23.58 -3.75
C VAL D 406 -51.43 -24.42 -2.71
N ALA D 407 -50.67 -25.26 -2.01
CA ALA D 407 -51.19 -26.12 -0.95
C ALA D 407 -51.22 -25.33 0.34
N LEU D 408 -52.38 -24.77 0.66
CA LEU D 408 -52.50 -23.91 1.83
C LEU D 408 -52.71 -24.72 3.11
N GLY D 409 -53.48 -25.79 3.04
CA GLY D 409 -53.69 -26.61 4.22
C GLY D 409 -54.40 -25.81 5.31
N ASN D 410 -53.89 -25.93 6.54
CA ASN D 410 -54.45 -25.20 7.67
C ASN D 410 -54.03 -23.74 7.59
N MET D 411 -55.01 -22.85 7.56
CA MET D 411 -54.75 -21.43 7.44
C MET D 411 -54.46 -20.82 8.81
N TYR D 412 -53.61 -19.80 8.83
CA TYR D 412 -53.46 -18.91 9.97
C TYR D 412 -54.04 -17.57 9.55
N GLU D 413 -55.26 -17.29 10.00
CA GLU D 413 -56.01 -16.13 9.54
C GLU D 413 -55.70 -14.93 10.41
N LEU D 414 -55.13 -13.89 9.82
CA LEU D 414 -54.73 -12.69 10.54
C LEU D 414 -55.38 -11.45 9.92
N LYS D 415 -55.60 -10.44 10.76
CA LYS D 415 -56.18 -9.17 10.33
C LYS D 415 -55.19 -8.02 10.33
N HIS D 416 -54.06 -8.15 11.02
CA HIS D 416 -53.06 -7.10 11.10
C HIS D 416 -51.69 -7.67 10.78
N ALA D 417 -50.79 -6.76 10.39
CA ALA D 417 -49.43 -7.16 10.04
C ALA D 417 -48.79 -7.93 11.20
N SER D 418 -47.90 -8.85 10.85
CA SER D 418 -47.15 -9.61 11.84
C SER D 418 -46.08 -10.44 11.14
N HIS D 419 -44.83 -10.01 11.22
CA HIS D 419 -43.74 -10.72 10.56
C HIS D 419 -43.56 -12.10 11.18
N ILE D 420 -44.20 -13.10 10.59
CA ILE D 420 -44.18 -14.45 11.12
C ILE D 420 -42.89 -15.14 10.71
N SER D 421 -42.11 -15.58 11.70
CA SER D 421 -40.98 -16.48 11.46
C SER D 421 -41.33 -17.93 11.71
N LYS D 422 -42.27 -18.20 12.62
CA LYS D 422 -42.74 -19.53 12.94
C LYS D 422 -44.25 -19.60 12.76
N LEU D 423 -44.71 -20.58 11.99
CA LEU D 423 -46.15 -20.80 11.92
C LEU D 423 -46.61 -21.58 13.16
N PRO D 424 -47.76 -21.22 13.74
CA PRO D 424 -48.29 -22.01 14.86
C PRO D 424 -48.36 -23.48 14.50
N LYS D 425 -48.20 -24.32 15.51
CA LYS D 425 -48.20 -25.77 15.28
C LYS D 425 -49.54 -26.19 14.69
N GLY D 426 -49.47 -26.98 13.62
CA GLY D 426 -50.65 -27.42 12.90
C GLY D 426 -51.05 -26.54 11.74
N LYS D 427 -50.29 -25.49 11.44
CA LYS D 427 -50.60 -24.56 10.36
C LYS D 427 -49.59 -24.71 9.23
N HIS D 428 -50.07 -24.60 7.99
CA HIS D 428 -49.23 -24.71 6.80
C HIS D 428 -49.13 -23.41 6.01
N SER D 429 -49.90 -22.39 6.33
CA SER D 429 -49.91 -21.17 5.54
C SER D 429 -50.58 -20.06 6.33
N VAL D 430 -50.53 -18.85 5.78
CA VAL D 430 -51.10 -17.66 6.40
C VAL D 430 -52.05 -17.01 5.42
N LYS D 431 -53.06 -16.33 5.96
CA LYS D 431 -54.04 -15.60 5.14
C LYS D 431 -54.36 -14.29 5.83
N GLY D 432 -53.95 -13.19 5.21
CA GLY D 432 -54.40 -11.88 5.63
C GLY D 432 -55.77 -11.59 5.07
N LEU D 433 -56.73 -11.34 5.95
CA LEU D 433 -58.13 -11.15 5.55
C LEU D 433 -58.37 -9.71 5.16
N GLY D 434 -59.15 -9.52 4.10
CA GLY D 434 -59.49 -8.21 3.59
C GLY D 434 -60.98 -7.93 3.69
N LYS D 435 -61.33 -6.69 3.33
CA LYS D 435 -62.73 -6.27 3.39
C LYS D 435 -63.55 -6.80 2.22
N THR D 436 -62.92 -7.14 1.10
CA THR D 436 -63.60 -7.65 -0.08
C THR D 436 -63.05 -9.02 -0.44
N THR D 437 -63.92 -9.94 -0.83
CA THR D 437 -63.51 -11.31 -1.12
C THR D 437 -64.39 -11.88 -2.22
N PRO D 438 -63.90 -12.85 -2.98
CA PRO D 438 -64.77 -13.55 -3.94
C PRO D 438 -65.89 -14.28 -3.21
N ASP D 439 -67.02 -14.39 -3.88
CA ASP D 439 -68.19 -15.03 -3.30
C ASP D 439 -67.89 -16.50 -3.02
N PRO D 440 -67.91 -16.95 -1.76
CA PRO D 440 -67.57 -18.37 -1.50
C PRO D 440 -68.58 -19.34 -2.07
N SER D 441 -69.81 -18.92 -2.33
CA SER D 441 -70.81 -19.81 -2.89
C SER D 441 -70.53 -20.17 -4.35
N ALA D 442 -69.54 -19.54 -4.98
CA ALA D 442 -69.23 -19.78 -6.38
C ALA D 442 -67.96 -20.61 -6.58
N ASN D 443 -67.40 -21.17 -5.50
CA ASN D 443 -66.18 -21.96 -5.61
C ASN D 443 -66.36 -23.06 -6.64
N ILE D 444 -65.30 -23.30 -7.42
CA ILE D 444 -65.28 -24.38 -8.40
C ILE D 444 -64.19 -25.37 -8.00
N SER D 445 -64.31 -26.59 -8.49
CA SER D 445 -63.31 -27.63 -8.21
C SER D 445 -62.72 -28.08 -9.55
N LEU D 446 -61.50 -27.63 -9.82
CA LEU D 446 -60.76 -28.03 -11.01
C LEU D 446 -59.56 -28.86 -10.57
N ASP D 447 -59.51 -30.11 -11.04
CA ASP D 447 -58.46 -31.05 -10.62
C ASP D 447 -58.45 -31.25 -9.12
N GLY D 448 -59.64 -31.22 -8.51
CA GLY D 448 -59.72 -31.32 -7.06
C GLY D 448 -59.20 -30.11 -6.33
N VAL D 449 -59.10 -28.97 -7.02
CA VAL D 449 -58.53 -27.75 -6.47
C VAL D 449 -59.62 -26.69 -6.42
N ASP D 450 -59.75 -26.02 -5.28
CA ASP D 450 -60.74 -24.96 -5.15
C ASP D 450 -60.29 -23.72 -5.91
N VAL D 451 -61.22 -23.15 -6.68
CA VAL D 451 -61.01 -21.93 -7.44
C VAL D 451 -62.05 -20.92 -6.98
N PRO D 452 -61.64 -19.77 -6.41
CA PRO D 452 -62.60 -18.79 -5.88
C PRO D 452 -63.01 -17.74 -6.90
N LEU D 453 -63.61 -18.21 -8.01
CA LEU D 453 -63.94 -17.34 -9.12
C LEU D 453 -65.24 -16.56 -8.89
N GLY D 454 -65.76 -16.53 -7.67
CA GLY D 454 -66.94 -15.74 -7.38
C GLY D 454 -66.67 -14.25 -7.52
N THR D 455 -67.77 -13.50 -7.56
CA THR D 455 -67.69 -12.06 -7.69
C THR D 455 -67.29 -11.43 -6.36
N GLY D 456 -66.89 -10.15 -6.42
CA GLY D 456 -66.50 -9.44 -5.21
C GLY D 456 -67.70 -9.20 -4.32
N ILE D 457 -67.56 -9.50 -3.02
CA ILE D 457 -68.58 -9.25 -2.02
C ILE D 457 -67.88 -8.77 -0.75
N SER D 458 -68.69 -8.30 0.20
CA SER D 458 -68.19 -7.90 1.50
C SER D 458 -67.92 -9.13 2.35
N SER D 459 -66.80 -9.10 3.08
CA SER D 459 -66.37 -10.27 3.84
C SER D 459 -67.09 -10.38 5.17
N GLY D 460 -67.35 -9.25 5.83
CA GLY D 460 -67.87 -9.26 7.17
C GLY D 460 -66.81 -9.17 8.25
N VAL D 461 -65.54 -9.12 7.88
CA VAL D 461 -64.46 -9.02 8.85
C VAL D 461 -64.33 -7.55 9.27
N ASN D 462 -64.24 -7.33 10.58
CA ASN D 462 -64.18 -5.99 11.14
C ASN D 462 -62.80 -5.71 11.68
N ASP D 463 -62.38 -4.44 11.59
CA ASP D 463 -61.09 -4.00 12.10
C ASP D 463 -59.95 -4.67 11.33
N THR D 464 -60.06 -4.63 10.00
CA THR D 464 -59.08 -5.23 9.11
C THR D 464 -58.46 -4.14 8.24
N SER D 465 -57.13 -4.14 8.15
CA SER D 465 -56.42 -3.11 7.41
C SER D 465 -56.26 -3.44 5.92
N LEU D 466 -56.30 -4.72 5.56
CA LEU D 466 -56.16 -5.13 4.17
C LEU D 466 -57.47 -4.94 3.43
N LEU D 467 -57.36 -4.66 2.13
CA LEU D 467 -58.53 -4.53 1.27
C LEU D 467 -58.88 -5.84 0.58
N TYR D 468 -57.85 -6.59 0.15
CA TYR D 468 -58.03 -7.87 -0.52
C TYR D 468 -57.20 -8.91 0.18
N ASN D 469 -57.70 -10.14 0.19
CA ASN D 469 -57.01 -11.22 0.89
C ASN D 469 -55.60 -11.39 0.34
N GLU D 470 -54.72 -11.92 1.20
CA GLU D 470 -53.35 -12.23 0.80
C GLU D 470 -52.98 -13.59 1.37
N TYR D 471 -52.82 -14.58 0.50
CA TYR D 471 -52.39 -15.90 0.93
C TYR D 471 -50.87 -15.98 0.89
N ILE D 472 -50.29 -16.71 1.83
CA ILE D 472 -48.84 -16.68 2.00
C ILE D 472 -48.36 -18.06 2.44
N VAL D 473 -47.35 -18.57 1.75
CA VAL D 473 -46.68 -19.80 2.14
C VAL D 473 -45.21 -19.48 2.40
N TYR D 474 -44.51 -20.44 3.01
CA TYR D 474 -43.13 -20.24 3.42
C TYR D 474 -42.22 -21.40 3.02
N ASP D 475 -42.73 -22.34 2.22
CA ASP D 475 -41.92 -23.43 1.66
C ASP D 475 -42.14 -23.42 0.16
N ILE D 476 -41.05 -23.19 -0.59
CA ILE D 476 -41.12 -23.01 -2.05
C ILE D 476 -41.83 -24.19 -2.70
N ALA D 477 -41.86 -25.33 -2.02
CA ALA D 477 -42.45 -26.53 -2.59
C ALA D 477 -43.98 -26.57 -2.43
N GLN D 478 -44.56 -25.74 -1.59
CA GLN D 478 -46.01 -25.72 -1.42
C GLN D 478 -46.74 -25.12 -2.62
N VAL D 479 -46.04 -24.63 -3.63
CA VAL D 479 -46.64 -24.00 -4.78
C VAL D 479 -46.30 -24.81 -6.03
N ASN D 480 -47.30 -25.03 -6.88
CA ASN D 480 -47.13 -25.72 -8.16
C ASN D 480 -47.74 -24.84 -9.24
N LEU D 481 -46.90 -24.17 -10.02
CA LEU D 481 -47.40 -23.30 -11.06
C LEU D 481 -48.11 -24.11 -12.13
N LYS D 482 -49.27 -23.62 -12.58
CA LYS D 482 -50.09 -24.36 -13.53
C LYS D 482 -50.36 -23.58 -14.81
N TYR D 483 -50.77 -22.32 -14.71
CA TYR D 483 -51.09 -21.53 -15.89
C TYR D 483 -50.39 -20.18 -15.83
N LEU D 484 -50.12 -19.62 -17.01
CA LEU D 484 -49.52 -18.30 -17.16
C LEU D 484 -50.35 -17.52 -18.18
N LEU D 485 -50.72 -16.29 -17.84
CA LEU D 485 -51.62 -15.48 -18.64
C LEU D 485 -50.92 -14.24 -19.17
N LYS D 486 -51.29 -13.85 -20.40
CA LYS D 486 -50.92 -12.57 -20.98
C LYS D 486 -52.16 -11.68 -20.93
N LEU D 487 -52.01 -10.49 -20.32
CA LEU D 487 -53.12 -9.58 -20.10
C LEU D 487 -52.83 -8.22 -20.71
N LYS D 488 -53.80 -7.67 -21.41
CA LYS D 488 -53.75 -6.28 -21.82
C LYS D 488 -54.49 -5.43 -20.80
N PHE D 489 -53.83 -4.38 -20.32
CA PHE D 489 -54.40 -3.43 -19.37
C PHE D 489 -54.99 -2.26 -20.16
N ASN D 490 -56.22 -2.46 -20.62
CA ASN D 490 -56.91 -1.38 -21.34
C ASN D 490 -57.18 -0.26 -20.35
N PHE D 491 -56.33 0.77 -20.38
CA PHE D 491 -56.51 1.90 -19.49
C PHE D 491 -57.66 2.78 -19.98
N LYS D 492 -58.29 3.47 -19.03
CA LYS D 492 -59.47 4.28 -19.33
C LYS D 492 -59.04 5.71 -19.66
N THR D 493 -58.43 5.85 -20.83
CA THR D 493 -57.95 7.13 -21.33
C THR D 493 -58.81 7.57 -22.51
N SER D 494 -58.35 8.60 -23.23
CA SER D 494 -59.13 9.19 -24.31
C SER D 494 -59.67 8.13 -25.26
N LEU D 495 -58.84 7.14 -25.61
CA LEU D 495 -59.29 6.10 -26.53
C LEU D 495 -60.42 5.29 -25.94
N TRP D 496 -60.25 4.80 -24.71
CA TRP D 496 -61.31 4.04 -24.06
C TRP D 496 -62.57 4.86 -23.92
N LEU D 497 -62.42 6.17 -23.67
CA LEU D 497 -63.58 7.04 -23.50
C LEU D 497 -64.33 7.21 -24.81
N GLU D 498 -63.61 7.34 -25.93
CA GLU D 498 -64.29 7.42 -27.22
C GLU D 498 -64.96 6.10 -27.57
N HIS D 499 -64.30 4.98 -27.29
CA HIS D 499 -64.88 3.68 -27.62
C HIS D 499 -66.07 3.33 -26.73
N HIS D 500 -66.17 3.94 -25.55
CA HIS D 500 -67.22 3.63 -24.60
C HIS D 500 -68.41 4.58 -24.67
N HIS D 501 -68.33 5.65 -25.46
CA HIS D 501 -69.38 6.68 -25.50
C HIS D 501 -69.76 6.96 -26.96
N HIS D 502 -70.77 6.25 -27.45
CA HIS D 502 -71.35 6.54 -28.76
C HIS D 502 -72.55 5.65 -29.00
N ASP F 26 -22.12 26.75 10.83
CA ASP F 26 -22.86 27.07 12.05
C ASP F 26 -23.28 28.54 12.08
N LYS F 27 -22.34 29.43 12.37
CA LYS F 27 -22.66 30.85 12.48
C LYS F 27 -22.56 31.52 11.11
N LEU F 28 -23.21 32.67 11.00
CA LEU F 28 -23.18 33.45 9.77
C LEU F 28 -22.09 34.52 9.77
N TYR F 29 -21.64 34.95 10.94
CA TYR F 29 -20.58 35.94 11.07
C TYR F 29 -19.44 35.38 11.90
N ARG F 30 -18.26 35.96 11.69
CA ARG F 30 -17.05 35.51 12.38
C ARG F 30 -16.18 36.72 12.66
N VAL F 31 -15.43 36.65 13.76
CA VAL F 31 -14.53 37.74 14.14
C VAL F 31 -13.29 37.14 14.77
N GLU F 32 -12.13 37.67 14.40
CA GLU F 32 -10.90 37.16 15.00
C GLU F 32 -9.74 38.06 14.61
N TYR F 33 -8.59 37.81 15.25
CA TYR F 33 -7.36 38.48 14.88
C TYR F 33 -6.75 37.79 13.68
N ALA F 34 -6.33 38.58 12.69
CA ALA F 34 -5.84 38.03 11.43
C ALA F 34 -4.74 37.00 11.66
N LYS F 35 -5.00 35.74 11.32
CA LYS F 35 -4.00 34.71 11.45
C LYS F 35 -2.87 34.87 10.44
N SER F 36 -2.97 35.81 9.52
CA SER F 36 -1.90 36.10 8.57
C SER F 36 -2.20 37.41 7.87
N GLY F 37 -1.15 38.16 7.55
CA GLY F 37 -1.30 39.40 6.82
C GLY F 37 -1.39 39.18 5.33
N ARG F 38 -2.33 38.34 4.91
CA ARG F 38 -2.45 37.91 3.53
C ARG F 38 -3.86 38.04 2.97
N ALA F 39 -4.88 38.02 3.81
CA ALA F 39 -6.25 38.13 3.32
C ALA F 39 -6.53 39.57 2.87
N SER F 40 -7.25 39.70 1.77
CA SER F 40 -7.63 40.99 1.24
C SER F 40 -9.09 41.30 1.57
N CYS F 41 -9.33 42.54 1.96
CA CYS F 41 -10.68 42.98 2.32
C CYS F 41 -11.60 42.93 1.10
N LYS F 42 -12.76 42.29 1.25
CA LYS F 42 -13.72 42.21 0.15
C LYS F 42 -14.33 43.56 -0.19
N LYS F 43 -14.03 44.63 0.57
CA LYS F 43 -14.52 45.96 0.27
C LYS F 43 -13.40 46.84 -0.28
N CYS F 44 -12.38 47.16 0.53
CA CYS F 44 -11.31 48.03 0.08
C CYS F 44 -10.23 47.29 -0.70
N SER F 45 -10.34 45.97 -0.85
CA SER F 45 -9.43 45.16 -1.66
C SER F 45 -7.97 45.34 -1.23
N GLU F 46 -7.73 45.77 0.00
CA GLU F 46 -6.39 45.91 0.53
C GLU F 46 -6.08 44.74 1.46
N SER F 47 -4.78 44.51 1.67
CA SER F 47 -4.35 43.42 2.54
C SER F 47 -4.69 43.73 3.99
N ILE F 48 -5.31 42.77 4.66
CA ILE F 48 -5.60 42.89 6.09
C ILE F 48 -4.33 42.52 6.85
N PRO F 49 -3.78 43.40 7.68
CA PRO F 49 -2.52 43.09 8.35
C PRO F 49 -2.68 42.02 9.42
N LYS F 50 -1.58 41.30 9.69
CA LYS F 50 -1.64 40.18 10.62
C LYS F 50 -1.97 40.67 12.03
N ASP F 51 -2.65 39.80 12.78
CA ASP F 51 -3.04 40.03 14.17
C ASP F 51 -4.04 41.16 14.33
N SER F 52 -4.54 41.72 13.23
CA SER F 52 -5.48 42.84 13.31
C SER F 52 -6.91 42.34 13.35
N LEU F 53 -7.72 42.96 14.20
CA LEU F 53 -9.12 42.58 14.32
C LEU F 53 -9.80 42.64 12.96
N ARG F 54 -10.40 41.53 12.55
CA ARG F 54 -11.08 41.45 11.27
C ARG F 54 -12.36 40.66 11.44
N MET F 55 -13.34 40.99 10.58
CA MET F 55 -14.66 40.37 10.65
C MET F 55 -15.00 39.78 9.29
N ALA F 56 -15.54 38.57 9.30
CA ALA F 56 -15.86 37.85 8.09
C ALA F 56 -17.34 37.48 8.06
N ILE F 57 -17.86 37.39 6.84
CA ILE F 57 -19.18 36.82 6.59
C ILE F 57 -18.98 35.52 5.84
N MET F 58 -19.55 34.44 6.38
CA MET F 58 -19.36 33.11 5.80
C MET F 58 -20.38 32.91 4.67
N VAL F 59 -19.88 32.67 3.46
CA VAL F 59 -20.75 32.48 2.29
C VAL F 59 -20.37 31.18 1.60
N GLN F 60 -21.24 30.77 0.68
CA GLN F 60 -21.01 29.54 -0.07
C GLN F 60 -19.99 29.79 -1.18
N SER F 61 -19.04 28.86 -1.32
CA SER F 61 -18.08 28.98 -2.40
C SER F 61 -18.63 28.36 -3.68
N PRO F 62 -18.46 28.98 -4.85
CA PRO F 62 -18.83 28.31 -6.10
C PRO F 62 -17.83 27.28 -6.57
N MET F 63 -16.67 27.16 -5.92
CA MET F 63 -15.59 26.31 -6.38
C MET F 63 -15.60 24.93 -5.73
N PHE F 64 -16.14 24.79 -4.53
CA PHE F 64 -16.16 23.50 -3.84
C PHE F 64 -17.28 23.50 -2.82
N ASP F 65 -17.56 22.32 -2.28
CA ASP F 65 -18.66 22.12 -1.35
C ASP F 65 -18.20 22.50 0.06
N GLY F 66 -18.15 23.80 0.31
CA GLY F 66 -17.76 24.30 1.61
C GLY F 66 -18.01 25.78 1.74
N LYS F 67 -18.10 26.23 2.99
CA LYS F 67 -18.29 27.64 3.31
C LYS F 67 -16.93 28.32 3.44
N VAL F 68 -16.88 29.58 3.03
CA VAL F 68 -15.65 30.36 3.04
C VAL F 68 -15.92 31.73 3.66
N PRO F 69 -14.99 32.27 4.44
CA PRO F 69 -15.18 33.64 4.97
C PRO F 69 -14.73 34.69 3.97
N HIS F 70 -15.62 35.64 3.68
CA HIS F 70 -15.23 36.90 3.06
C HIS F 70 -14.84 37.85 4.18
N TRP F 71 -13.58 38.28 4.18
CA TRP F 71 -13.01 39.05 5.27
C TRP F 71 -13.12 40.54 5.01
N TYR F 72 -13.15 41.31 6.10
CA TYR F 72 -13.25 42.75 6.07
C TYR F 72 -12.47 43.32 7.24
N HIS F 73 -11.80 44.45 7.00
CA HIS F 73 -11.30 45.26 8.10
C HIS F 73 -12.44 45.56 9.05
N PHE F 74 -12.13 45.68 10.34
CA PHE F 74 -13.14 46.10 11.30
C PHE F 74 -13.76 47.42 10.88
N SER F 75 -13.01 48.26 10.15
CA SER F 75 -13.53 49.53 9.67
C SER F 75 -14.50 49.33 8.51
N CYS F 76 -14.08 48.58 7.49
CA CYS F 76 -14.88 48.44 6.28
C CYS F 76 -16.12 47.58 6.49
N PHE F 77 -16.18 46.81 7.57
CA PHE F 77 -17.27 45.85 7.73
C PHE F 77 -18.61 46.56 7.94
N TRP F 78 -18.67 47.50 8.89
CA TRP F 78 -19.91 48.18 9.20
C TRP F 78 -20.34 49.15 8.11
N LYS F 79 -19.57 49.28 7.03
CA LYS F 79 -19.92 50.13 5.91
C LYS F 79 -20.68 49.40 4.82
N VAL F 80 -20.85 48.09 4.93
CA VAL F 80 -21.61 47.31 3.97
C VAL F 80 -23.05 47.10 4.43
N GLY F 81 -23.48 47.81 5.47
CA GLY F 81 -24.83 47.69 5.96
C GLY F 81 -25.15 46.33 6.53
N HIS F 82 -24.29 45.84 7.43
CA HIS F 82 -24.48 44.56 8.10
C HIS F 82 -25.01 44.84 9.50
N SER F 83 -26.30 44.56 9.70
CA SER F 83 -26.96 44.83 10.98
C SER F 83 -26.78 43.61 11.88
N ILE F 84 -25.95 43.76 12.91
CA ILE F 84 -25.72 42.72 13.90
C ILE F 84 -26.30 43.22 15.22
N ARG F 85 -27.37 42.57 15.68
CA ARG F 85 -28.03 43.00 16.90
C ARG F 85 -27.21 42.59 18.12
N HIS F 86 -26.85 41.32 18.23
CA HIS F 86 -26.14 40.78 19.38
C HIS F 86 -24.89 40.06 18.91
N PRO F 87 -23.72 40.70 18.97
CA PRO F 87 -22.50 40.06 18.45
C PRO F 87 -22.13 38.77 19.16
N ASP F 88 -22.18 38.75 20.50
CA ASP F 88 -21.71 37.58 21.23
C ASP F 88 -22.39 36.31 20.80
N VAL F 89 -23.66 36.39 20.39
CA VAL F 89 -24.43 35.23 19.98
C VAL F 89 -24.43 35.05 18.47
N GLU F 90 -24.52 36.15 17.72
CA GLU F 90 -24.58 36.06 16.26
C GLU F 90 -23.23 35.81 15.63
N VAL F 91 -22.15 36.25 16.27
CA VAL F 91 -20.81 36.18 15.71
C VAL F 91 -20.04 35.07 16.40
N ASP F 92 -19.31 34.29 15.61
CA ASP F 92 -18.46 33.24 16.16
C ASP F 92 -17.12 33.82 16.58
N GLY F 93 -16.48 33.14 17.53
CA GLY F 93 -15.20 33.60 18.04
C GLY F 93 -15.24 34.89 18.81
N PHE F 94 -16.42 35.37 19.20
CA PHE F 94 -16.49 36.60 19.98
C PHE F 94 -15.90 36.41 21.37
N SER F 95 -16.32 35.34 22.06
CA SER F 95 -15.88 35.14 23.44
C SER F 95 -14.37 34.96 23.55
N GLU F 96 -13.69 34.68 22.45
CA GLU F 96 -12.25 34.48 22.47
C GLU F 96 -11.45 35.78 22.31
N LEU F 97 -12.09 36.86 21.88
CA LEU F 97 -11.40 38.12 21.70
C LEU F 97 -10.93 38.69 23.06
N ARG F 98 -10.08 39.71 22.99
CA ARG F 98 -9.70 40.44 24.19
C ARG F 98 -10.90 41.28 24.66
N TRP F 99 -10.87 41.66 25.94
CA TRP F 99 -12.04 42.28 26.55
C TRP F 99 -12.33 43.64 25.92
N ASP F 100 -11.31 44.46 25.74
CA ASP F 100 -11.55 45.80 25.17
C ASP F 100 -12.00 45.70 23.72
N ASP F 101 -11.45 44.75 22.96
CA ASP F 101 -11.93 44.55 21.60
C ASP F 101 -13.36 44.01 21.58
N GLN F 102 -13.72 43.17 22.56
CA GLN F 102 -15.11 42.74 22.68
C GLN F 102 -16.02 43.95 22.91
N GLN F 103 -15.62 44.83 23.83
CA GLN F 103 -16.40 46.04 24.06
C GLN F 103 -16.52 46.88 22.80
N LYS F 104 -15.43 47.00 22.04
CA LYS F 104 -15.45 47.78 20.81
C LYS F 104 -16.43 47.18 19.80
N VAL F 105 -16.36 45.87 19.61
CA VAL F 105 -17.26 45.21 18.67
C VAL F 105 -18.70 45.36 19.13
N LYS F 106 -18.94 45.27 20.44
CA LYS F 106 -20.31 45.37 20.95
C LYS F 106 -20.87 46.76 20.76
N LYS F 107 -20.06 47.79 21.01
CA LYS F 107 -20.53 49.17 20.82
C LYS F 107 -20.76 49.46 19.34
N THR F 108 -19.76 49.23 18.49
CA THR F 108 -19.91 49.53 17.07
C THR F 108 -21.07 48.76 16.45
N ALA F 109 -21.44 47.60 17.01
CA ALA F 109 -22.57 46.85 16.49
C ALA F 109 -23.86 47.65 16.54
N GLU F 110 -23.95 48.65 17.42
CA GLU F 110 -25.14 49.47 17.55
C GLU F 110 -25.04 50.79 16.78
N ALA F 111 -23.83 51.26 16.51
CA ALA F 111 -23.64 52.48 15.74
C ALA F 111 -22.28 52.47 15.05
N LYS F 133 -35.66 44.90 43.05
CA LYS F 133 -35.20 43.54 42.87
C LYS F 133 -34.32 43.42 41.62
N SER F 134 -34.60 44.28 40.64
CA SER F 134 -33.81 44.26 39.40
C SER F 134 -32.42 44.84 39.64
N LYS F 135 -32.26 45.72 40.63
CA LYS F 135 -30.99 46.39 40.84
C LYS F 135 -30.03 45.55 41.68
N LYS F 136 -30.55 44.71 42.58
CA LYS F 136 -29.68 43.71 43.22
C LYS F 136 -29.12 42.75 42.18
N GLU F 137 -30.00 42.23 41.31
CA GLU F 137 -29.54 41.38 40.22
C GLU F 137 -28.60 42.15 39.29
N LYS F 138 -28.76 43.48 39.20
CA LYS F 138 -27.86 44.28 38.38
C LYS F 138 -26.46 44.36 39.01
N ASP F 139 -26.40 44.54 40.34
CA ASP F 139 -25.12 44.46 41.02
C ASP F 139 -24.46 43.09 40.80
N LYS F 140 -25.27 42.03 40.88
CA LYS F 140 -24.75 40.69 40.61
C LYS F 140 -24.21 40.57 39.18
N ASP F 141 -24.93 41.14 38.21
CA ASP F 141 -24.48 41.12 36.83
C ASP F 141 -23.15 41.87 36.68
N SER F 142 -23.01 43.00 37.37
CA SER F 142 -21.74 43.73 37.32
C SER F 142 -20.61 42.88 37.90
N LYS F 143 -20.88 42.16 38.99
CA LYS F 143 -19.87 41.29 39.58
C LYS F 143 -19.45 40.20 38.58
N LEU F 144 -20.43 39.58 37.92
CA LEU F 144 -20.10 38.53 36.96
C LEU F 144 -19.31 39.09 35.79
N GLU F 145 -19.64 40.31 35.33
CA GLU F 145 -18.89 40.91 34.26
C GLU F 145 -17.45 41.20 34.68
N LYS F 146 -17.26 41.63 35.93
CA LYS F 146 -15.90 41.85 36.44
C LYS F 146 -15.12 40.53 36.42
N ALA F 147 -15.75 39.45 36.87
CA ALA F 147 -15.10 38.15 36.85
C ALA F 147 -14.74 37.72 35.42
N LEU F 148 -15.65 37.97 34.48
CA LEU F 148 -15.39 37.61 33.09
C LEU F 148 -14.22 38.39 32.52
N LYS F 149 -14.18 39.71 32.78
CA LYS F 149 -13.03 40.51 32.34
C LYS F 149 -11.75 39.97 32.95
N ALA F 150 -11.78 39.65 34.25
CA ALA F 150 -10.60 39.09 34.90
C ALA F 150 -10.11 37.85 34.16
N GLN F 151 -11.01 36.90 33.92
CA GLN F 151 -10.61 35.66 33.27
C GLN F 151 -10.08 35.91 31.86
N ASN F 152 -10.73 36.80 31.11
CA ASN F 152 -10.31 37.07 29.74
C ASN F 152 -8.91 37.66 29.69
N ASP F 153 -8.68 38.76 30.42
CA ASP F 153 -7.37 39.38 30.38
C ASP F 153 -6.31 38.48 31.02
N LEU F 154 -6.71 37.60 31.93
CA LEU F 154 -5.77 36.63 32.48
C LEU F 154 -5.31 35.64 31.41
N ILE F 155 -6.26 35.06 30.68
CA ILE F 155 -5.90 34.15 29.59
C ILE F 155 -4.99 34.85 28.59
N TRP F 156 -5.31 36.10 28.25
CA TRP F 156 -4.50 36.79 27.24
C TRP F 156 -3.11 37.12 27.75
N ASN F 157 -2.99 37.51 29.02
CA ASN F 157 -1.67 37.75 29.60
C ASN F 157 -0.84 36.47 29.59
N ILE F 158 -1.46 35.34 29.96
CA ILE F 158 -0.73 34.08 29.90
C ILE F 158 -0.28 33.79 28.48
N LYS F 159 -1.17 34.01 27.51
CA LYS F 159 -0.86 33.69 26.12
C LYS F 159 0.35 34.49 25.64
N ASP F 160 0.32 35.81 25.82
CA ASP F 160 1.42 36.60 25.28
C ASP F 160 2.69 36.50 26.14
N GLU F 161 2.57 36.16 27.43
CA GLU F 161 3.77 35.83 28.20
C GLU F 161 4.44 34.58 27.64
N LEU F 162 3.66 33.53 27.39
CA LEU F 162 4.20 32.32 26.77
C LEU F 162 4.81 32.64 25.42
N LYS F 163 4.16 33.51 24.64
CA LYS F 163 4.72 33.90 23.35
C LYS F 163 6.03 34.66 23.53
N LYS F 164 6.18 35.37 24.65
CA LYS F 164 7.42 36.10 24.90
C LYS F 164 8.56 35.15 25.26
N VAL F 165 8.28 34.11 26.04
CA VAL F 165 9.33 33.24 26.58
C VAL F 165 9.50 31.98 25.75
N CYS F 166 8.42 31.30 25.40
CA CYS F 166 8.50 29.99 24.75
C CYS F 166 8.31 30.12 23.24
N SER F 167 8.81 29.11 22.52
CA SER F 167 8.65 29.01 21.09
C SER F 167 7.44 28.16 20.75
N THR F 168 7.23 27.91 19.46
CA THR F 168 6.10 27.08 19.04
C THR F 168 6.31 25.62 19.45
N ASN F 169 7.53 25.11 19.24
CA ASN F 169 7.80 23.72 19.60
C ASN F 169 7.77 23.51 21.11
N ASP F 170 8.20 24.51 21.88
CA ASP F 170 8.05 24.44 23.33
C ASP F 170 6.58 24.25 23.72
N LEU F 171 5.68 24.99 23.07
CA LEU F 171 4.26 24.85 23.37
C LEU F 171 3.72 23.49 22.94
N LYS F 172 4.16 23.00 21.77
CA LYS F 172 3.77 21.66 21.36
C LYS F 172 4.20 20.63 22.40
N GLU F 173 5.41 20.76 22.93
CA GLU F 173 5.88 19.83 23.96
C GLU F 173 5.06 19.95 25.23
N LEU F 174 4.73 21.19 25.63
CA LEU F 174 3.87 21.38 26.79
C LEU F 174 2.53 20.67 26.60
N LEU F 175 1.99 20.72 25.38
CA LEU F 175 0.73 20.03 25.12
C LEU F 175 0.91 18.51 25.16
N ILE F 176 2.00 18.02 24.60
CA ILE F 176 2.24 16.58 24.59
C ILE F 176 2.35 16.04 26.01
N PHE F 177 3.17 16.68 26.84
CA PHE F 177 3.42 16.17 28.18
C PHE F 177 2.15 16.09 29.00
N ASN F 178 1.11 16.84 28.64
CA ASN F 178 -0.17 16.82 29.35
C ASN F 178 -1.20 15.96 28.66
N LYS F 179 -0.79 15.12 27.71
CA LYS F 179 -1.70 14.21 27.03
C LYS F 179 -2.77 14.98 26.24
N GLN F 180 -2.35 16.06 25.58
CA GLN F 180 -3.21 16.88 24.76
C GLN F 180 -2.81 16.77 23.29
N GLN F 181 -3.80 16.89 22.42
CA GLN F 181 -3.55 16.87 20.98
C GLN F 181 -2.96 18.20 20.54
N VAL F 182 -2.00 18.13 19.62
CA VAL F 182 -1.37 19.31 19.05
C VAL F 182 -2.21 19.76 17.85
N PRO F 183 -2.89 20.88 17.92
CA PRO F 183 -3.76 21.30 16.81
C PRO F 183 -2.97 22.00 15.70
N SER F 184 -3.70 22.37 14.67
CA SER F 184 -3.12 23.08 13.53
C SER F 184 -3.28 24.58 13.74
N GLY F 185 -2.15 25.30 13.70
CA GLY F 185 -2.18 26.74 13.83
C GLY F 185 -1.63 27.20 15.16
N GLU F 186 -0.50 27.90 15.13
CA GLU F 186 0.17 28.30 16.37
C GLU F 186 -0.77 29.10 17.27
N SER F 187 -1.75 29.80 16.68
CA SER F 187 -2.75 30.48 17.50
C SER F 187 -3.53 29.50 18.36
N ALA F 188 -4.00 28.41 17.74
CA ALA F 188 -4.73 27.39 18.49
C ALA F 188 -3.82 26.68 19.49
N ILE F 189 -2.56 26.46 19.11
CA ILE F 189 -1.60 25.86 20.04
C ILE F 189 -1.49 26.70 21.31
N LEU F 190 -1.27 28.01 21.13
CA LEU F 190 -1.15 28.89 22.28
C LEU F 190 -2.44 28.93 23.10
N ASP F 191 -3.59 28.99 22.41
CA ASP F 191 -4.86 29.06 23.12
C ASP F 191 -5.08 27.81 23.97
N ARG F 192 -4.74 26.64 23.44
CA ARG F 192 -4.97 25.40 24.19
C ARG F 192 -3.95 25.25 25.31
N VAL F 193 -2.72 25.70 25.11
CA VAL F 193 -1.77 25.70 26.23
C VAL F 193 -2.30 26.57 27.36
N ALA F 194 -2.82 27.74 27.03
CA ALA F 194 -3.40 28.61 28.06
C ALA F 194 -4.57 27.92 28.76
N ASP F 195 -5.48 27.33 27.98
CA ASP F 195 -6.60 26.61 28.58
C ASP F 195 -6.12 25.56 29.56
N GLY F 196 -5.17 24.73 29.14
CA GLY F 196 -4.68 23.68 30.01
C GLY F 196 -4.03 24.22 31.28
N MET F 197 -3.19 25.25 31.14
CA MET F 197 -2.51 25.80 32.31
C MET F 197 -3.49 26.43 33.28
N VAL F 198 -4.55 27.06 32.77
CA VAL F 198 -5.49 27.75 33.65
C VAL F 198 -6.35 26.73 34.40
N PHE F 199 -7.05 25.87 33.66
CA PHE F 199 -8.04 24.96 34.24
C PHE F 199 -7.49 23.56 34.49
N GLY F 200 -6.85 22.97 33.49
CA GLY F 200 -6.25 21.66 33.65
C GLY F 200 -6.19 20.91 32.34
N ALA F 201 -5.29 19.94 32.29
CA ALA F 201 -5.15 19.10 31.11
C ALA F 201 -6.43 18.32 30.87
N LEU F 202 -7.00 18.48 29.68
CA LEU F 202 -8.27 17.82 29.35
C LEU F 202 -8.05 16.32 29.19
N LEU F 203 -8.86 15.53 29.86
CA LEU F 203 -8.80 14.08 29.68
C LEU F 203 -9.45 13.69 28.36
N PRO F 204 -9.09 12.52 27.83
CA PRO F 204 -9.72 12.07 26.59
C PRO F 204 -11.23 11.95 26.73
N CYS F 205 -11.91 12.01 25.59
CA CYS F 205 -13.34 11.73 25.56
C CYS F 205 -13.60 10.32 26.09
N GLU F 206 -14.82 10.12 26.60
CA GLU F 206 -15.18 8.83 27.18
C GLU F 206 -15.79 7.87 26.16
N GLU F 207 -16.34 8.38 25.06
CA GLU F 207 -16.92 7.52 24.02
C GLU F 207 -15.89 7.23 22.94
N CYS F 208 -15.55 8.25 22.14
CA CYS F 208 -14.62 8.07 21.03
C CYS F 208 -13.16 8.06 21.47
N SER F 209 -12.87 8.49 22.69
CA SER F 209 -11.49 8.59 23.18
C SER F 209 -10.70 9.63 22.38
N GLY F 210 -11.36 10.69 21.94
CA GLY F 210 -10.72 11.76 21.21
C GLY F 210 -10.31 12.90 22.13
N GLN F 211 -10.03 14.05 21.51
CA GLN F 211 -9.59 15.24 22.23
C GLN F 211 -10.70 16.30 22.21
N LEU F 212 -11.07 16.77 23.39
CA LEU F 212 -12.05 17.85 23.49
C LEU F 212 -11.36 19.20 23.35
N VAL F 213 -12.09 20.15 22.76
CA VAL F 213 -11.56 21.50 22.52
C VAL F 213 -12.66 22.51 22.86
N PHE F 214 -12.23 23.68 23.30
CA PHE F 214 -13.16 24.73 23.71
C PHE F 214 -13.58 25.59 22.52
N LYS F 215 -14.89 25.74 22.36
CA LYS F 215 -15.50 26.65 21.41
C LYS F 215 -16.17 27.79 22.17
N SER F 216 -16.66 28.78 21.43
CA SER F 216 -17.35 29.91 22.07
C SER F 216 -18.39 29.45 23.08
N ASP F 217 -19.14 28.39 22.73
CA ASP F 217 -20.22 27.93 23.59
C ASP F 217 -19.68 27.08 24.74
N ALA F 218 -19.29 25.85 24.44
CA ALA F 218 -18.81 24.91 25.46
C ALA F 218 -17.70 24.08 24.83
N TYR F 219 -17.39 22.95 25.47
CA TYR F 219 -16.37 22.04 24.96
C TYR F 219 -17.02 21.04 24.00
N TYR F 220 -16.40 20.85 22.84
CA TYR F 220 -16.85 19.91 21.83
C TYR F 220 -15.76 18.89 21.56
N CYS F 221 -16.17 17.65 21.27
CA CYS F 221 -15.22 16.60 20.94
C CYS F 221 -14.88 16.66 19.46
N THR F 222 -13.60 16.48 19.15
CA THR F 222 -13.11 16.48 17.78
C THR F 222 -12.69 15.10 17.31
N GLY F 223 -13.04 14.05 18.05
CA GLY F 223 -12.68 12.70 17.69
C GLY F 223 -13.60 12.11 16.64
N ASP F 224 -13.41 10.82 16.38
CA ASP F 224 -14.17 10.10 15.37
C ASP F 224 -14.72 8.83 16.01
N VAL F 225 -16.04 8.78 16.20
CA VAL F 225 -16.67 7.56 16.70
C VAL F 225 -16.44 6.42 15.70
N THR F 226 -16.45 6.73 14.41
CA THR F 226 -16.11 5.76 13.37
C THR F 226 -15.40 6.51 12.25
N ALA F 227 -14.95 5.75 11.24
CA ALA F 227 -14.32 6.35 10.08
C ALA F 227 -15.31 7.11 9.21
N TRP F 228 -16.61 7.07 9.52
CA TRP F 228 -17.63 7.71 8.71
C TRP F 228 -18.27 8.92 9.37
N THR F 229 -18.32 8.97 10.70
CA THR F 229 -18.96 10.07 11.40
C THR F 229 -18.08 10.52 12.57
N LYS F 230 -18.14 11.81 12.87
CA LYS F 230 -17.38 12.37 13.98
C LYS F 230 -18.21 12.33 15.26
N CYS F 231 -17.50 12.37 16.38
CA CYS F 231 -18.16 12.46 17.67
C CYS F 231 -18.79 13.84 17.84
N MET F 232 -19.84 13.89 18.67
CA MET F 232 -20.58 15.12 18.88
C MET F 232 -20.85 15.36 20.36
N VAL F 233 -20.00 14.83 21.23
CA VAL F 233 -20.17 15.03 22.66
C VAL F 233 -19.93 16.50 22.99
N LYS F 234 -20.90 17.11 23.66
CA LYS F 234 -20.83 18.51 24.06
C LYS F 234 -21.06 18.59 25.56
N THR F 235 -20.22 19.35 26.25
CA THR F 235 -20.33 19.48 27.70
C THR F 235 -19.57 20.71 28.14
N GLN F 236 -20.02 21.31 29.24
CA GLN F 236 -19.35 22.43 29.86
C GLN F 236 -18.52 22.04 31.08
N THR F 237 -18.60 20.77 31.51
CA THR F 237 -17.83 20.25 32.64
C THR F 237 -17.01 19.06 32.19
N PRO F 238 -15.94 19.29 31.42
CA PRO F 238 -15.07 18.19 31.01
C PRO F 238 -14.17 17.72 32.14
N ASN F 239 -13.90 16.42 32.14
CA ASN F 239 -13.01 15.84 33.14
C ASN F 239 -11.56 16.12 32.77
N ARG F 240 -10.76 16.46 33.77
CA ARG F 240 -9.38 16.88 33.53
C ARG F 240 -8.53 16.61 34.76
N LYS F 241 -7.25 16.35 34.52
CA LYS F 241 -6.24 16.29 35.57
C LYS F 241 -5.45 17.60 35.59
N GLU F 242 -4.76 17.82 36.70
CA GLU F 242 -4.05 19.08 36.88
C GLU F 242 -2.91 19.20 35.89
N TRP F 243 -2.73 20.41 35.36
CA TRP F 243 -1.65 20.69 34.42
C TRP F 243 -0.30 20.49 35.11
N VAL F 244 0.67 19.96 34.36
CA VAL F 244 1.99 19.63 34.89
C VAL F 244 3.01 20.18 33.92
N THR F 245 3.65 21.30 34.28
CA THR F 245 4.71 21.85 33.47
C THR F 245 5.95 20.97 33.62
N PRO F 246 6.52 20.44 32.53
CA PRO F 246 7.78 19.70 32.65
C PRO F 246 8.81 20.54 33.38
N LYS F 247 9.71 19.85 34.10
CA LYS F 247 10.70 20.56 34.90
C LYS F 247 11.67 21.36 34.04
N GLU F 248 11.83 20.98 32.77
CA GLU F 248 12.67 21.75 31.85
C GLU F 248 12.30 23.23 31.89
N PHE F 249 11.00 23.51 31.82
CA PHE F 249 10.50 24.87 31.77
C PHE F 249 10.30 25.48 33.16
N ARG F 250 10.87 24.87 34.19
CA ARG F 250 10.75 25.42 35.54
C ARG F 250 11.32 26.84 35.60
N GLU F 251 12.46 27.06 34.97
CA GLU F 251 13.03 28.41 34.94
C GLU F 251 12.05 29.40 34.31
N ILE F 252 11.23 28.94 33.37
CA ILE F 252 10.19 29.79 32.80
C ILE F 252 8.85 29.61 33.52
N SER F 253 8.68 28.51 34.28
CA SER F 253 7.47 28.35 35.07
C SER F 253 7.45 29.29 36.27
N TYR F 254 8.62 29.59 36.83
CA TYR F 254 8.73 30.73 37.73
C TYR F 254 8.51 32.04 36.97
N LEU F 255 8.80 32.04 35.67
CA LEU F 255 8.37 33.12 34.79
C LEU F 255 6.86 33.14 34.60
N LYS F 256 6.14 32.21 35.22
CA LYS F 256 4.69 32.29 35.37
C LYS F 256 4.27 32.62 36.79
N LYS F 257 5.23 32.67 37.73
CA LYS F 257 4.95 33.06 39.12
C LYS F 257 3.83 32.20 39.72
N LEU F 258 3.72 30.96 39.28
CA LEU F 258 2.64 30.08 39.71
C LEU F 258 1.29 30.74 39.47
N LYS F 259 0.68 31.29 40.52
CA LYS F 259 -0.61 31.97 40.42
C LYS F 259 -1.63 31.10 39.68
N VAL F 260 -1.54 29.79 39.93
CA VAL F 260 -2.40 28.85 39.21
C VAL F 260 -3.87 29.16 39.45
N LYS F 261 -4.21 29.57 40.68
CA LYS F 261 -5.59 29.87 41.03
C LYS F 261 -6.47 28.63 40.91
N LYS F 262 -7.65 28.67 41.52
CA LYS F 262 -8.63 27.59 41.43
C LYS F 262 -9.81 27.99 40.53
N GLN F 263 -9.51 28.72 39.47
CA GLN F 263 -10.55 29.23 38.58
C GLN F 263 -11.25 28.09 37.85
N ASP F 264 -12.47 28.39 37.40
CA ASP F 264 -13.29 27.45 36.64
C ASP F 264 -13.86 28.18 35.43
N ARG F 265 -13.93 27.48 34.30
CA ARG F 265 -14.37 28.09 33.05
C ARG F 265 -15.77 28.68 33.22
N ILE F 266 -15.89 29.99 33.00
CA ILE F 266 -17.17 30.69 33.06
C ILE F 266 -17.70 30.80 31.63
N PHE F 267 -18.92 30.30 31.40
CA PHE F 267 -19.54 30.33 30.09
C PHE F 267 -20.64 31.38 30.04
N PRO F 268 -20.93 31.96 28.87
CA PRO F 268 -22.03 32.91 28.78
C PRO F 268 -23.36 32.20 28.92
N PRO F 269 -24.39 32.88 29.49
CA PRO F 269 -25.69 32.25 29.68
C PRO F 269 -26.27 31.64 28.40
N ASP G 26 31.46 14.00 11.62
CA ASP G 26 32.74 14.07 10.93
C ASP G 26 33.84 14.55 11.88
N LYS G 27 33.42 15.27 12.92
CA LYS G 27 34.31 15.82 13.94
C LYS G 27 34.18 15.03 15.24
N LEU G 28 35.16 15.21 16.12
CA LEU G 28 35.15 14.56 17.43
C LEU G 28 34.53 15.42 18.52
N TYR G 29 34.54 16.74 18.34
CA TYR G 29 33.96 17.66 19.32
C TYR G 29 32.90 18.51 18.63
N ARG G 30 31.95 19.01 19.43
CA ARG G 30 30.87 19.84 18.93
C ARG G 30 30.57 20.91 19.97
N VAL G 31 30.12 22.07 19.51
CA VAL G 31 29.78 23.18 20.39
C VAL G 31 28.58 23.90 19.82
N GLU G 32 27.63 24.26 20.67
CA GLU G 32 26.46 24.98 20.19
C GLU G 32 25.65 25.49 21.37
N TYR G 33 24.66 26.32 21.06
CA TYR G 33 23.70 26.78 22.05
C TYR G 33 22.64 25.69 22.23
N ALA G 34 22.33 25.37 23.49
CA ALA G 34 21.41 24.28 23.79
C ALA G 34 20.09 24.44 23.04
N LYS G 35 19.81 23.51 22.14
CA LYS G 35 18.55 23.53 21.41
C LYS G 35 17.36 23.19 22.30
N SER G 36 17.59 22.81 23.55
CA SER G 36 16.52 22.55 24.50
C SER G 36 17.11 22.44 25.89
N GLY G 37 16.35 22.88 26.89
CA GLY G 37 16.77 22.78 28.27
C GLY G 37 16.46 21.41 28.85
N ARG G 38 16.94 20.36 28.19
CA ARG G 38 16.57 18.99 28.55
C ARG G 38 17.78 18.07 28.69
N ALA G 39 18.87 18.37 28.01
CA ALA G 39 20.05 17.53 28.09
C ALA G 39 20.73 17.68 29.44
N SER G 40 21.20 16.56 29.99
CA SER G 40 21.88 16.54 31.26
C SER G 40 23.39 16.42 31.05
N CYS G 41 24.15 17.20 31.82
CA CYS G 41 25.60 17.18 31.71
C CYS G 41 26.15 15.82 32.14
N LYS G 42 27.02 15.24 31.31
CA LYS G 42 27.62 13.96 31.62
C LYS G 42 28.59 14.03 32.80
N LYS G 43 28.85 15.22 33.33
CA LYS G 43 29.72 15.39 34.50
C LYS G 43 28.90 15.72 35.74
N CYS G 44 28.27 16.90 35.78
CA CYS G 44 27.49 17.30 36.95
C CYS G 44 26.08 16.74 36.97
N SER G 45 25.68 16.00 35.93
CA SER G 45 24.38 15.32 35.87
C SER G 45 23.22 16.29 36.10
N GLU G 46 23.42 17.57 35.84
CA GLU G 46 22.37 18.58 35.94
C GLU G 46 21.87 18.94 34.55
N SER G 47 20.65 19.49 34.52
CA SER G 47 20.06 19.88 33.25
C SER G 47 20.79 21.08 32.67
N ILE G 48 21.17 21.00 31.39
CA ILE G 48 21.77 22.11 30.68
C ILE G 48 20.65 23.04 30.23
N PRO G 49 20.66 24.31 30.62
CA PRO G 49 19.53 25.18 30.27
C PRO G 49 19.53 25.53 28.79
N LYS G 50 18.35 25.86 28.28
CA LYS G 50 18.20 26.11 26.85
C LYS G 50 18.98 27.35 26.43
N ASP G 51 19.44 27.35 25.19
CA ASP G 51 20.18 28.45 24.57
C ASP G 51 21.53 28.71 25.22
N SER G 52 21.95 27.86 26.16
CA SER G 52 23.21 28.07 26.85
C SER G 52 24.34 27.35 26.13
N LEU G 53 25.49 28.02 26.02
CA LEU G 53 26.65 27.44 25.38
C LEU G 53 26.99 26.10 26.00
N ARG G 54 27.06 25.05 25.18
CA ARG G 54 27.36 23.72 25.66
C ARG G 54 28.28 23.04 24.66
N MET G 55 29.10 22.13 25.18
CA MET G 55 30.08 21.42 24.37
C MET G 55 29.89 19.93 24.54
N ALA G 56 29.95 19.21 23.43
CA ALA G 56 29.71 17.78 23.40
C ALA G 56 30.91 17.04 22.82
N ILE G 57 31.10 15.82 23.29
CA ILE G 57 32.03 14.87 22.70
C ILE G 57 31.22 13.77 22.04
N MET G 58 31.47 13.52 20.76
CA MET G 58 30.70 12.54 20.00
C MET G 58 31.31 11.17 20.22
N VAL G 59 30.51 10.24 20.76
CA VAL G 59 30.97 8.89 21.06
C VAL G 59 30.02 7.88 20.42
N GLN G 60 30.45 6.62 20.39
CA GLN G 60 29.64 5.56 19.82
C GLN G 60 28.56 5.13 20.81
N SER G 61 27.34 4.96 20.31
CA SER G 61 26.29 4.48 21.18
C SER G 61 26.28 2.95 21.22
N PRO G 62 26.09 2.33 22.39
CA PRO G 62 25.92 0.87 22.42
C PRO G 62 24.53 0.41 22.02
N MET G 63 23.59 1.32 21.82
CA MET G 63 22.20 0.98 21.57
C MET G 63 21.84 0.90 20.09
N PHE G 64 22.55 1.62 19.22
CA PHE G 64 22.25 1.61 17.80
C PHE G 64 23.49 2.05 17.03
N ASP G 65 23.44 1.87 15.71
CA ASP G 65 24.57 2.15 14.83
C ASP G 65 24.60 3.63 14.50
N GLY G 66 25.07 4.42 15.46
CA GLY G 66 25.18 5.85 15.26
C GLY G 66 25.96 6.52 16.37
N LYS G 67 26.47 7.70 16.06
CA LYS G 67 27.22 8.50 17.01
C LYS G 67 26.27 9.42 17.78
N VAL G 68 26.58 9.64 19.05
CA VAL G 68 25.74 10.44 19.93
C VAL G 68 26.62 11.45 20.67
N PRO G 69 26.14 12.68 20.90
CA PRO G 69 26.92 13.63 21.70
C PRO G 69 26.67 13.44 23.20
N HIS G 70 27.75 13.27 23.96
CA HIS G 70 27.71 13.46 25.40
C HIS G 70 27.94 14.94 25.67
N TRP G 71 26.95 15.59 26.28
CA TRP G 71 26.95 17.03 26.45
C TRP G 71 27.53 17.43 27.81
N TYR G 72 28.06 18.65 27.85
CA TYR G 72 28.67 19.21 29.05
C TYR G 72 28.41 20.70 29.05
N HIS G 73 28.16 21.25 30.24
CA HIS G 73 28.23 22.69 30.43
C HIS G 73 29.60 23.19 29.96
N PHE G 74 29.63 24.42 29.43
CA PHE G 74 30.91 25.01 29.07
C PHE G 74 31.85 25.02 30.27
N SER G 75 31.30 25.05 31.48
CA SER G 75 32.13 25.03 32.67
C SER G 75 32.69 23.63 32.94
N CYS G 76 31.82 22.62 32.95
CA CYS G 76 32.24 21.27 33.30
C CYS G 76 33.09 20.60 32.23
N PHE G 77 33.11 21.13 31.01
CA PHE G 77 33.79 20.45 29.92
C PHE G 77 35.30 20.44 30.13
N TRP G 78 35.89 21.60 30.38
CA TRP G 78 37.34 21.69 30.54
C TRP G 78 37.84 21.06 31.83
N LYS G 79 36.95 20.53 32.66
CA LYS G 79 37.34 19.85 33.90
C LYS G 79 37.52 18.36 33.71
N VAL G 80 37.23 17.81 32.53
CA VAL G 80 37.44 16.40 32.25
C VAL G 80 38.77 16.15 31.54
N GLY G 81 39.64 17.16 31.49
CA GLY G 81 40.93 17.00 30.86
C GLY G 81 40.85 16.76 29.37
N HIS G 82 40.09 17.61 28.68
CA HIS G 82 39.95 17.54 27.22
C HIS G 82 40.84 18.61 26.61
N SER G 83 41.95 18.19 26.01
CA SER G 83 42.92 19.09 25.42
C SER G 83 42.52 19.38 23.98
N ILE G 84 42.04 20.59 23.72
CA ILE G 84 41.68 21.04 22.38
C ILE G 84 42.67 22.12 21.99
N ARG G 85 43.51 21.82 21.00
CA ARG G 85 44.52 22.78 20.57
C ARG G 85 43.90 23.91 19.76
N HIS G 86 43.13 23.57 18.73
CA HIS G 86 42.55 24.54 17.81
C HIS G 86 41.05 24.30 17.71
N PRO G 87 40.24 25.07 18.45
CA PRO G 87 38.79 24.80 18.44
C PRO G 87 38.14 24.95 17.07
N ASP G 88 38.46 26.04 16.34
CA ASP G 88 37.78 26.31 15.08
C ASP G 88 37.86 25.13 14.12
N VAL G 89 38.94 24.37 14.16
CA VAL G 89 39.14 23.25 13.25
C VAL G 89 38.75 21.92 13.90
N GLU G 90 39.06 21.76 15.20
CA GLU G 90 38.77 20.50 15.87
C GLU G 90 37.31 20.37 16.27
N VAL G 91 36.63 21.49 16.51
CA VAL G 91 35.26 21.49 17.02
C VAL G 91 34.31 21.86 15.89
N ASP G 92 33.19 21.14 15.81
CA ASP G 92 32.17 21.43 14.83
C ASP G 92 31.25 22.54 15.34
N GLY G 93 30.64 23.25 14.41
CA GLY G 93 29.75 24.34 14.78
C GLY G 93 30.41 25.52 15.44
N PHE G 94 31.74 25.62 15.39
CA PHE G 94 32.42 26.77 15.99
C PHE G 94 32.12 28.04 15.20
N SER G 95 32.26 28.00 13.88
CA SER G 95 32.10 29.19 13.07
C SER G 95 30.69 29.77 13.16
N GLU G 96 29.71 28.99 13.65
CA GLU G 96 28.34 29.46 13.76
C GLU G 96 28.06 30.19 15.07
N LEU G 97 28.93 30.06 16.08
CA LEU G 97 28.71 30.73 17.35
C LEU G 97 28.78 32.24 17.19
N ARG G 98 28.37 32.95 18.24
CA ARG G 98 28.55 34.39 18.29
C ARG G 98 30.03 34.71 18.49
N TRP G 99 30.42 35.95 18.13
CA TRP G 99 31.85 36.28 18.09
C TRP G 99 32.46 36.24 19.48
N ASP G 100 31.78 36.83 20.47
CA ASP G 100 32.35 36.86 21.81
C ASP G 100 32.41 35.46 22.42
N ASP G 101 31.41 34.62 22.14
CA ASP G 101 31.48 33.24 22.60
C ASP G 101 32.58 32.47 21.88
N GLN G 102 32.82 32.76 20.60
CA GLN G 102 33.95 32.17 19.90
C GLN G 102 35.25 32.55 20.59
N GLN G 103 35.42 33.83 20.92
CA GLN G 103 36.61 34.27 21.63
C GLN G 103 36.74 33.54 22.97
N LYS G 104 35.64 33.38 23.69
CA LYS G 104 35.67 32.70 24.98
C LYS G 104 36.12 31.25 24.82
N VAL G 105 35.55 30.55 23.85
CA VAL G 105 35.92 29.15 23.61
C VAL G 105 37.39 29.07 23.22
N LYS G 106 37.86 30.02 22.41
CA LYS G 106 39.24 29.98 21.93
C LYS G 106 40.21 30.22 23.07
N LYS G 107 39.90 31.17 23.96
CA LYS G 107 40.77 31.44 25.10
C LYS G 107 40.79 30.27 26.08
N THR G 108 39.59 29.84 26.53
CA THR G 108 39.54 28.75 27.50
C THR G 108 40.18 27.48 26.97
N ALA G 109 40.22 27.31 25.65
CA ALA G 109 40.87 26.14 25.07
C ALA G 109 42.33 26.04 25.45
N GLU G 110 42.95 27.17 25.81
CA GLU G 110 44.37 27.20 26.15
C GLU G 110 44.58 27.16 27.65
N SER G 134 56.09 40.42 7.80
CA SER G 134 55.11 39.69 8.58
C SER G 134 54.09 40.63 9.21
N LYS G 135 54.48 41.87 9.45
CA LYS G 135 53.61 42.81 10.14
C LYS G 135 52.62 43.49 9.21
N LYS G 136 52.99 43.68 7.94
CA LYS G 136 51.99 44.09 6.95
C LYS G 136 50.91 43.03 6.81
N GLU G 137 51.32 41.77 6.67
CA GLU G 137 50.37 40.67 6.64
C GLU G 137 49.60 40.58 7.95
N LYS G 138 50.20 41.04 9.06
CA LYS G 138 49.49 41.05 10.33
C LYS G 138 48.40 42.11 10.35
N ASP G 139 48.68 43.29 9.80
CA ASP G 139 47.63 44.30 9.63
C ASP G 139 46.50 43.76 8.77
N LYS G 140 46.83 43.06 7.69
CA LYS G 140 45.78 42.51 6.84
C LYS G 140 44.99 41.42 7.56
N ASP G 141 45.66 40.63 8.41
CA ASP G 141 44.95 39.64 9.22
C ASP G 141 43.98 40.33 10.17
N SER G 142 44.40 41.43 10.78
CA SER G 142 43.50 42.18 11.66
C SER G 142 42.30 42.70 10.88
N LYS G 143 42.53 43.19 9.66
CA LYS G 143 41.42 43.66 8.83
C LYS G 143 40.43 42.53 8.55
N LEU G 144 40.95 41.35 8.19
CA LEU G 144 40.07 40.22 7.89
C LEU G 144 39.29 39.79 9.14
N GLU G 145 39.94 39.84 10.31
CA GLU G 145 39.24 39.49 11.54
C GLU G 145 38.13 40.50 11.84
N LYS G 146 38.38 41.78 11.57
CA LYS G 146 37.33 42.79 11.74
C LYS G 146 36.16 42.50 10.82
N ALA G 147 36.45 42.16 9.56
CA ALA G 147 35.36 41.82 8.64
C ALA G 147 34.58 40.60 9.11
N LEU G 148 35.30 39.59 9.63
CA LEU G 148 34.63 38.38 10.12
C LEU G 148 33.72 38.69 11.30
N LYS G 149 34.21 39.49 12.26
CA LYS G 149 33.36 39.89 13.37
C LYS G 149 32.14 40.64 12.86
N ALA G 150 32.33 41.55 11.91
CA ALA G 150 31.20 42.28 11.34
C ALA G 150 30.15 41.31 10.82
N GLN G 151 30.57 40.37 9.97
CA GLN G 151 29.63 39.43 9.36
C GLN G 151 28.93 38.59 10.43
N ASN G 152 29.68 38.13 11.42
CA ASN G 152 29.10 37.26 12.45
C ASN G 152 28.03 38.00 13.25
N ASP G 153 28.38 39.16 13.82
CA ASP G 153 27.39 39.87 14.61
C ASP G 153 26.25 40.39 13.73
N LEU G 154 26.49 40.62 12.45
CA LEU G 154 25.41 40.99 11.55
C LEU G 154 24.40 39.86 11.39
N ILE G 155 24.91 38.65 11.12
CA ILE G 155 24.01 37.50 11.00
C ILE G 155 23.23 37.31 12.29
N TRP G 156 23.88 37.46 13.44
CA TRP G 156 23.18 37.23 14.70
C TRP G 156 22.15 38.31 14.98
N ASN G 157 22.46 39.57 14.66
CA ASN G 157 21.46 40.63 14.82
C ASN G 157 20.26 40.36 13.94
N ILE G 158 20.48 39.95 12.68
CA ILE G 158 19.35 39.63 11.81
C ILE G 158 18.54 38.49 12.42
N LYS G 159 19.22 37.46 12.93
CA LYS G 159 18.51 36.29 13.46
C LYS G 159 17.60 36.70 14.62
N ASP G 160 18.14 37.40 15.61
CA ASP G 160 17.31 37.72 16.76
C ASP G 160 16.31 38.84 16.48
N GLU G 161 16.57 39.71 15.49
CA GLU G 161 15.53 40.63 15.05
C GLU G 161 14.35 39.89 14.45
N LEU G 162 14.63 38.94 13.56
CA LEU G 162 13.57 38.10 13.00
C LEU G 162 12.84 37.35 14.10
N LYS G 163 13.57 36.85 15.10
CA LYS G 163 12.92 36.17 16.22
C LYS G 163 12.04 37.13 17.01
N LYS G 164 12.41 38.41 17.04
CA LYS G 164 11.59 39.39 17.76
C LYS G 164 10.30 39.69 17.01
N VAL G 165 10.36 39.78 15.68
CA VAL G 165 9.21 40.23 14.89
C VAL G 165 8.41 39.07 14.32
N CYS G 166 9.08 38.08 13.73
CA CYS G 166 8.41 37.01 13.01
C CYS G 166 8.29 35.75 13.87
N SER G 167 7.31 34.91 13.51
CA SER G 167 7.11 33.63 14.18
C SER G 167 7.84 32.53 13.40
N THR G 168 7.65 31.28 13.83
CA THR G 168 8.29 30.17 13.13
C THR G 168 7.67 29.95 11.75
N ASN G 169 6.33 30.00 11.68
CA ASN G 169 5.66 29.78 10.40
C ASN G 169 5.95 30.92 9.43
N ASP G 170 6.09 32.16 9.93
CA ASP G 170 6.50 33.25 9.07
C ASP G 170 7.85 32.95 8.42
N LEU G 171 8.79 32.41 9.19
CA LEU G 171 10.10 32.07 8.65
C LEU G 171 10.00 30.93 7.64
N LYS G 172 9.18 29.92 7.93
CA LYS G 172 8.96 28.85 6.96
C LYS G 172 8.44 29.41 5.65
N GLU G 173 7.49 30.35 5.72
CA GLU G 173 6.95 30.96 4.51
C GLU G 173 8.03 31.75 3.78
N LEU G 174 8.84 32.51 4.52
CA LEU G 174 9.95 33.23 3.89
C LEU G 174 10.87 32.27 3.14
N LEU G 175 11.12 31.10 3.72
CA LEU G 175 11.95 30.11 3.03
C LEU G 175 11.26 29.56 1.80
N ILE G 176 9.96 29.28 1.90
CA ILE G 176 9.23 28.72 0.77
C ILE G 176 9.26 29.71 -0.40
N PHE G 177 8.90 30.96 -0.15
CA PHE G 177 8.79 31.94 -1.23
C PHE G 177 10.10 32.11 -1.99
N ASN G 178 11.23 31.76 -1.38
CA ASN G 178 12.53 31.87 -2.03
C ASN G 178 13.03 30.53 -2.58
N LYS G 179 12.13 29.55 -2.70
CA LYS G 179 12.49 28.24 -3.27
C LYS G 179 13.56 27.55 -2.42
N GLN G 180 13.42 27.63 -1.10
CA GLN G 180 14.33 26.99 -0.17
C GLN G 180 13.61 25.88 0.59
N GLN G 181 14.37 24.85 0.96
CA GLN G 181 13.81 23.76 1.74
C GLN G 181 13.65 24.19 3.20
N VAL G 182 12.56 23.76 3.81
CA VAL G 182 12.29 24.04 5.22
C VAL G 182 12.94 22.94 6.05
N PRO G 183 13.99 23.23 6.81
CA PRO G 183 14.69 22.19 7.56
C PRO G 183 13.97 21.87 8.87
N SER G 184 14.56 20.91 9.60
CA SER G 184 14.04 20.50 10.90
C SER G 184 14.76 21.27 12.00
N GLY G 185 13.99 21.96 12.83
CA GLY G 185 14.55 22.69 13.95
C GLY G 185 14.51 24.19 13.73
N GLU G 186 13.72 24.89 14.54
CA GLU G 186 13.54 26.33 14.36
C GLU G 186 14.87 27.06 14.36
N SER G 187 15.88 26.53 15.04
CA SER G 187 17.21 27.12 14.99
C SER G 187 17.74 27.11 13.56
N ALA G 188 17.65 25.95 12.90
CA ALA G 188 18.12 25.86 11.51
C ALA G 188 17.25 26.70 10.59
N ILE G 189 15.94 26.76 10.84
CA ILE G 189 15.06 27.61 10.05
C ILE G 189 15.55 29.06 10.10
N LEU G 190 15.77 29.57 11.32
CA LEU G 190 16.23 30.95 11.46
C LEU G 190 17.58 31.16 10.81
N ASP G 191 18.50 30.20 11.00
CA ASP G 191 19.84 30.35 10.42
C ASP G 191 19.77 30.42 8.90
N ARG G 192 18.94 29.59 8.28
CA ARG G 192 18.85 29.60 6.82
C ARG G 192 18.12 30.82 6.29
N VAL G 193 17.11 31.31 7.02
CA VAL G 193 16.50 32.58 6.64
C VAL G 193 17.53 33.69 6.64
N ALA G 194 18.37 33.74 7.68
CA ALA G 194 19.43 34.74 7.74
C ALA G 194 20.38 34.59 6.57
N ASP G 195 20.82 33.36 6.30
CA ASP G 195 21.73 33.12 5.17
C ASP G 195 21.12 33.64 3.88
N GLY G 196 19.86 33.29 3.61
CA GLY G 196 19.23 33.73 2.37
C GLY G 196 19.12 35.24 2.29
N MET G 197 18.70 35.89 3.37
CA MET G 197 18.52 37.33 3.35
C MET G 197 19.85 38.05 3.16
N VAL G 198 20.92 37.51 3.74
CA VAL G 198 22.22 38.18 3.65
C VAL G 198 22.80 38.05 2.25
N PHE G 199 22.96 36.81 1.78
CA PHE G 199 23.66 36.53 0.54
C PHE G 199 22.71 36.32 -0.63
N GLY G 200 21.72 35.47 -0.48
CA GLY G 200 20.73 35.27 -1.52
C GLY G 200 20.13 33.87 -1.44
N ALA G 201 18.94 33.74 -2.03
CA ALA G 201 18.26 32.46 -2.07
C ALA G 201 19.10 31.45 -2.86
N LEU G 202 19.41 30.33 -2.20
CA LEU G 202 20.25 29.32 -2.83
C LEU G 202 19.48 28.60 -3.94
N LEU G 203 20.09 28.51 -5.11
CA LEU G 203 19.46 27.76 -6.19
C LEU G 203 19.63 26.26 -5.95
N PRO G 204 18.77 25.45 -6.56
CA PRO G 204 18.91 24.00 -6.41
C PRO G 204 20.26 23.51 -6.89
N CYS G 205 20.66 22.35 -6.37
CA CYS G 205 21.85 21.68 -6.87
C CYS G 205 21.70 21.41 -8.37
N GLU G 206 22.84 21.28 -9.05
CA GLU G 206 22.83 21.06 -10.48
C GLU G 206 22.82 19.59 -10.87
N GLU G 207 23.25 18.70 -9.97
CA GLU G 207 23.26 17.26 -10.25
C GLU G 207 21.99 16.62 -9.71
N CYS G 208 21.86 16.54 -8.39
CA CYS G 208 20.72 15.89 -7.76
C CYS G 208 19.49 16.78 -7.70
N SER G 209 19.63 18.08 -7.93
CA SER G 209 18.53 19.03 -7.83
C SER G 209 18.00 19.12 -6.40
N GLY G 210 18.89 18.98 -5.42
CA GLY G 210 18.54 19.09 -4.02
C GLY G 210 18.78 20.48 -3.49
N GLN G 211 18.80 20.58 -2.16
CA GLN G 211 18.99 21.85 -1.46
C GLN G 211 20.37 21.88 -0.81
N LEU G 212 21.14 22.93 -1.11
CA LEU G 212 22.42 23.12 -0.46
C LEU G 212 22.25 23.84 0.86
N VAL G 213 23.12 23.52 1.81
CA VAL G 213 23.08 24.10 3.15
C VAL G 213 24.50 24.41 3.59
N PHE G 214 24.64 25.44 4.41
CA PHE G 214 25.95 25.88 4.87
C PHE G 214 26.36 25.13 6.13
N LYS G 215 27.56 24.56 6.11
CA LYS G 215 28.20 24.00 7.29
C LYS G 215 29.43 24.83 7.62
N SER G 216 30.09 24.47 8.72
CA SER G 216 31.25 25.24 9.18
C SER G 216 32.25 25.49 8.06
N ASP G 217 32.48 24.48 7.22
CA ASP G 217 33.48 24.58 6.16
C ASP G 217 32.94 25.35 4.96
N ALA G 218 32.08 24.72 4.17
CA ALA G 218 31.52 25.33 2.97
C ALA G 218 30.08 24.87 2.83
N TYR G 219 29.53 25.01 1.63
CA TYR G 219 28.17 24.56 1.35
C TYR G 219 28.19 23.09 0.91
N TYR G 220 27.31 22.29 1.49
CA TYR G 220 27.16 20.88 1.15
C TYR G 220 25.74 20.62 0.68
N CYS G 221 25.61 19.71 -0.27
CA CYS G 221 24.30 19.32 -0.79
C CYS G 221 23.69 18.24 0.11
N THR G 222 22.39 18.39 0.39
CA THR G 222 21.65 17.44 1.21
C THR G 222 20.67 16.61 0.40
N GLY G 223 20.79 16.63 -0.93
CA GLY G 223 19.90 15.88 -1.79
C GLY G 223 20.30 14.42 -1.90
N ASP G 224 19.59 13.72 -2.78
CA ASP G 224 19.81 12.29 -3.01
C ASP G 224 19.99 12.05 -4.51
N VAL G 225 21.21 11.71 -4.90
CA VAL G 225 21.45 11.35 -6.30
C VAL G 225 20.62 10.13 -6.68
N THR G 226 20.46 9.19 -5.74
CA THR G 226 19.58 8.05 -5.93
C THR G 226 18.96 7.71 -4.57
N ALA G 227 18.06 6.72 -4.58
CA ALA G 227 17.45 6.26 -3.34
C ALA G 227 18.44 5.50 -2.45
N TRP G 228 19.67 5.27 -2.92
CA TRP G 228 20.65 4.51 -2.16
C TRP G 228 21.81 5.34 -1.63
N THR G 229 22.16 6.43 -2.30
CA THR G 229 23.29 7.26 -1.90
C THR G 229 22.90 8.73 -1.97
N LYS G 230 23.48 9.52 -1.07
CA LYS G 230 23.24 10.96 -1.04
C LYS G 230 24.25 11.68 -1.92
N CYS G 231 23.86 12.90 -2.32
CA CYS G 231 24.77 13.75 -3.07
C CYS G 231 25.88 14.24 -2.16
N MET G 232 27.03 14.57 -2.76
CA MET G 232 28.19 15.00 -1.99
C MET G 232 28.85 16.22 -2.63
N VAL G 233 28.07 17.02 -3.35
CA VAL G 233 28.60 18.22 -3.97
C VAL G 233 28.99 19.22 -2.90
N LYS G 234 30.23 19.68 -2.94
CA LYS G 234 30.76 20.64 -1.99
C LYS G 234 31.32 21.82 -2.75
N THR G 235 30.97 23.03 -2.32
CA THR G 235 31.44 24.23 -2.99
C THR G 235 31.28 25.42 -2.06
N GLN G 236 32.15 26.41 -2.25
CA GLN G 236 32.08 27.66 -1.51
C GLN G 236 31.44 28.79 -2.32
N THR G 237 31.16 28.56 -3.59
CA THR G 237 30.53 29.55 -4.47
C THR G 237 29.25 28.97 -5.05
N PRO G 238 28.21 28.83 -4.24
CA PRO G 238 26.92 28.33 -4.75
C PRO G 238 26.19 29.39 -5.56
N ASN G 239 25.47 28.92 -6.58
CA ASN G 239 24.67 29.81 -7.41
C ASN G 239 23.37 30.16 -6.69
N ARG G 240 22.98 31.43 -6.79
CA ARG G 240 21.83 31.92 -6.03
C ARG G 240 21.23 33.13 -6.73
N LYS G 241 19.91 33.28 -6.56
CA LYS G 241 19.21 34.49 -6.96
C LYS G 241 18.96 35.37 -5.74
N GLU G 242 18.65 36.64 -6.01
CA GLU G 242 18.51 37.59 -4.92
C GLU G 242 17.30 37.25 -4.05
N TRP G 243 17.45 37.42 -2.74
CA TRP G 243 16.37 37.17 -1.81
C TRP G 243 15.23 38.15 -2.07
N VAL G 244 13.99 37.65 -1.93
CA VAL G 244 12.79 38.42 -2.21
C VAL G 244 11.85 38.25 -1.03
N THR G 245 11.76 39.27 -0.18
CA THR G 245 10.80 39.23 0.92
C THR G 245 9.39 39.42 0.36
N PRO G 246 8.46 38.51 0.62
CA PRO G 246 7.08 38.76 0.20
C PRO G 246 6.59 40.10 0.71
N LYS G 247 5.70 40.72 -0.06
CA LYS G 247 5.22 42.05 0.30
C LYS G 247 4.43 42.04 1.61
N GLU G 248 3.88 40.89 2.01
CA GLU G 248 3.19 40.79 3.29
C GLU G 248 4.07 41.32 4.41
N PHE G 249 5.34 40.91 4.43
CA PHE G 249 6.26 41.28 5.47
C PHE G 249 6.97 42.61 5.21
N ARG G 250 6.46 43.41 4.26
CA ARG G 250 7.05 44.71 3.99
C ARG G 250 7.06 45.59 5.24
N GLU G 251 5.96 45.60 5.99
CA GLU G 251 5.92 46.36 7.23
C GLU G 251 7.03 45.91 8.18
N ILE G 252 7.40 44.64 8.13
CA ILE G 252 8.54 44.16 8.93
C ILE G 252 9.83 44.18 8.13
N SER G 253 9.77 44.27 6.79
CA SER G 253 10.99 44.39 5.99
C SER G 253 11.60 45.78 6.14
N TYR G 254 10.76 46.80 6.33
CA TYR G 254 11.27 48.08 6.81
C TYR G 254 11.77 47.95 8.24
N LEU G 255 11.23 46.97 8.99
CA LEU G 255 11.81 46.56 10.27
C LEU G 255 13.15 45.85 10.07
N LYS G 256 13.60 45.70 8.84
CA LYS G 256 14.98 45.33 8.53
C LYS G 256 15.78 46.49 7.96
N LYS G 257 15.14 47.64 7.71
CA LYS G 257 15.84 48.84 7.24
C LYS G 257 16.67 48.55 6.00
N LEU G 258 16.22 47.60 5.17
CA LEU G 258 16.99 47.18 4.01
C LEU G 258 18.40 46.77 4.42
N LYS G 259 19.38 47.65 4.20
CA LYS G 259 20.77 47.38 4.56
C LYS G 259 21.23 46.03 4.02
N VAL G 260 20.73 45.68 2.82
CA VAL G 260 21.01 44.37 2.25
C VAL G 260 22.51 44.17 2.09
N LYS G 261 23.24 45.23 1.70
CA LYS G 261 24.67 45.13 1.49
C LYS G 261 25.00 44.18 0.36
N LYS G 262 26.22 44.26 -0.17
CA LYS G 262 26.71 43.36 -1.21
C LYS G 262 27.72 42.36 -0.64
N GLN G 263 27.47 41.91 0.58
CA GLN G 263 28.42 41.03 1.27
C GLN G 263 28.49 39.67 0.58
N ASP G 264 29.60 38.98 0.81
CA ASP G 264 29.85 37.64 0.28
C ASP G 264 30.36 36.77 1.40
N ARG G 265 29.92 35.51 1.40
CA ARG G 265 30.28 34.58 2.48
C ARG G 265 31.79 34.45 2.60
N ILE G 266 32.32 34.81 3.77
CA ILE G 266 33.75 34.68 4.06
C ILE G 266 33.96 33.37 4.81
N PHE G 267 34.85 32.51 4.26
CA PHE G 267 35.13 31.22 4.86
C PHE G 267 36.50 31.23 5.54
N PRO G 268 36.71 30.41 6.56
CA PRO G 268 38.04 30.35 7.18
C PRO G 268 39.02 29.66 6.25
N PRO G 269 40.32 30.05 6.30
CA PRO G 269 41.32 29.45 5.42
C PRO G 269 41.35 27.92 5.47
N ALA H 15 9.79 -20.22 9.64
CA ALA H 15 11.10 -19.61 9.83
C ALA H 15 11.59 -19.80 11.26
N ALA H 16 12.69 -19.15 11.59
CA ALA H 16 13.34 -19.30 12.90
C ALA H 16 12.97 -18.14 13.82
N VAL H 17 12.73 -18.47 15.08
CA VAL H 17 12.49 -17.45 16.09
C VAL H 17 13.83 -16.92 16.58
N ASP H 18 13.98 -15.61 16.55
CA ASP H 18 15.24 -14.99 16.96
C ASP H 18 15.53 -15.37 18.41
N PRO H 19 16.66 -16.03 18.70
CA PRO H 19 16.91 -16.46 20.08
C PRO H 19 17.01 -15.31 21.08
N ASP H 20 17.37 -14.10 20.62
CA ASP H 20 17.47 -12.97 21.52
C ASP H 20 16.17 -12.72 22.27
N SER H 21 15.04 -13.23 21.78
CA SER H 21 13.77 -13.03 22.47
C SER H 21 13.60 -13.98 23.65
N GLY H 22 14.13 -15.19 23.55
CA GLY H 22 13.94 -16.18 24.60
C GLY H 22 12.60 -16.87 24.54
N LEU H 23 12.10 -17.14 23.33
CA LEU H 23 10.81 -17.81 23.15
C LEU H 23 10.87 -18.90 22.10
N GLU H 24 12.08 -19.33 21.71
CA GLU H 24 12.21 -20.28 20.61
C GLU H 24 11.55 -21.61 20.92
N HIS H 25 11.65 -22.05 22.18
CA HIS H 25 11.01 -23.30 22.58
C HIS H 25 9.61 -23.08 23.12
N SER H 26 9.26 -21.86 23.51
CA SER H 26 7.92 -21.56 23.99
C SER H 26 6.97 -21.15 22.88
N ALA H 27 7.49 -20.58 21.79
CA ALA H 27 6.65 -20.02 20.74
C ALA H 27 7.31 -20.24 19.38
N HIS H 28 6.53 -20.01 18.33
CA HIS H 28 6.97 -20.11 16.96
C HIS H 28 6.70 -18.79 16.25
N VAL H 29 7.04 -18.74 14.95
CA VAL H 29 6.83 -17.55 14.13
C VAL H 29 5.53 -17.71 13.37
N LEU H 30 4.78 -16.62 13.23
CA LEU H 30 3.45 -16.67 12.65
C LEU H 30 3.50 -16.75 11.13
N GLU H 31 2.57 -17.56 10.55
CA GLU H 31 2.48 -17.78 9.11
C GLU H 31 0.99 -17.69 8.71
N LYS H 32 0.50 -16.46 8.55
CA LYS H 32 -0.88 -16.24 8.13
C LYS H 32 -0.95 -16.10 6.61
N GLY H 33 -1.91 -16.81 6.00
CA GLY H 33 -2.06 -16.73 4.57
C GLY H 33 -0.77 -17.06 3.86
N GLY H 34 -0.46 -16.30 2.82
CA GLY H 34 0.78 -16.48 2.08
C GLY H 34 1.84 -15.49 2.50
N LYS H 35 2.04 -15.33 3.80
CA LYS H 35 3.02 -14.40 4.34
C LYS H 35 3.57 -14.96 5.64
N VAL H 36 4.87 -14.74 5.86
CA VAL H 36 5.55 -15.13 7.09
C VAL H 36 6.09 -13.86 7.75
N PHE H 37 5.85 -13.73 9.05
CA PHE H 37 6.13 -12.49 9.77
C PHE H 37 7.53 -12.54 10.39
N SER H 38 8.53 -12.49 9.51
CA SER H 38 9.92 -12.37 9.95
C SER H 38 10.67 -11.57 8.89
N ALA H 39 10.91 -10.30 9.17
CA ALA H 39 11.66 -9.42 8.29
C ALA H 39 13.07 -9.21 8.82
N THR H 40 14.04 -9.22 7.91
CA THR H 40 15.45 -8.99 8.23
C THR H 40 15.95 -7.93 7.25
N LEU H 41 15.98 -6.68 7.70
CA LEU H 41 16.28 -5.53 6.85
C LEU H 41 17.70 -5.05 7.09
N GLY H 42 18.35 -4.62 6.01
CA GLY H 42 19.68 -4.04 6.10
C GLY H 42 19.69 -2.61 5.60
N LEU H 43 20.65 -1.83 6.09
CA LEU H 43 20.79 -0.44 5.65
C LEU H 43 22.27 -0.10 5.64
N VAL H 44 22.77 0.36 4.49
CA VAL H 44 24.20 0.57 4.29
C VAL H 44 24.45 1.95 3.71
N ASP H 45 25.43 2.65 4.28
CA ASP H 45 25.97 3.89 3.74
C ASP H 45 27.48 3.85 3.92
N ILE H 46 28.20 3.74 2.80
CA ILE H 46 29.65 3.57 2.86
C ILE H 46 30.32 4.86 3.31
N VAL H 47 29.93 5.99 2.73
CA VAL H 47 30.57 7.26 3.04
C VAL H 47 30.50 7.54 4.53
N LYS H 48 29.30 7.47 5.10
CA LYS H 48 29.13 7.72 6.52
C LYS H 48 29.55 6.52 7.36
N GLY H 49 29.53 5.31 6.79
CA GLY H 49 30.01 4.13 7.46
C GLY H 49 28.95 3.30 8.16
N THR H 50 27.68 3.57 7.94
CA THR H 50 26.62 2.84 8.64
C THR H 50 26.38 1.50 7.96
N ASN H 51 26.21 0.45 8.77
CA ASN H 51 25.98 -0.90 8.27
C ASN H 51 25.06 -1.59 9.28
N SER H 52 23.78 -1.22 9.23
CA SER H 52 22.82 -1.55 10.28
C SER H 52 21.89 -2.68 9.86
N TYR H 53 21.44 -3.44 10.87
CA TYR H 53 20.47 -4.51 10.70
C TYR H 53 19.27 -4.23 11.60
N TYR H 54 18.10 -4.67 11.13
CA TYR H 54 16.85 -4.52 11.84
C TYR H 54 16.02 -5.78 11.61
N LYS H 55 15.77 -6.54 12.67
CA LYS H 55 14.98 -7.76 12.62
C LYS H 55 13.64 -7.51 13.29
N LEU H 56 12.57 -7.97 12.65
CA LEU H 56 11.21 -7.82 13.17
C LEU H 56 10.49 -9.15 13.05
N GLN H 57 9.86 -9.59 14.14
CA GLN H 57 9.18 -10.87 14.16
C GLN H 57 7.90 -10.79 14.95
N LEU H 58 6.88 -11.51 14.48
CA LEU H 58 5.61 -11.66 15.18
C LEU H 58 5.51 -13.11 15.63
N LEU H 59 5.53 -13.32 16.95
CA LEU H 59 5.63 -14.66 17.53
C LEU H 59 4.29 -15.08 18.11
N GLU H 60 3.99 -16.37 18.01
CA GLU H 60 2.76 -16.96 18.53
C GLU H 60 3.11 -18.14 19.42
N ASP H 61 2.51 -18.19 20.61
CA ASP H 61 2.82 -19.25 21.56
C ASP H 61 2.29 -20.58 21.04
N ASP H 62 3.10 -21.62 21.14
CA ASP H 62 2.73 -22.93 20.59
C ASP H 62 1.43 -23.44 21.21
N LYS H 63 1.15 -23.08 22.46
CA LYS H 63 0.03 -23.65 23.19
C LYS H 63 -1.19 -22.73 23.17
N GLU H 64 -1.18 -21.70 24.01
CA GLU H 64 -2.32 -20.80 24.13
C GLU H 64 -2.30 -19.77 23.01
N ASN H 65 -3.23 -18.82 23.07
CA ASN H 65 -3.31 -17.74 22.08
C ASN H 65 -2.68 -16.49 22.69
N ARG H 66 -1.36 -16.41 22.58
CA ARG H 66 -0.58 -15.28 23.07
C ARG H 66 0.38 -14.85 21.97
N TYR H 67 0.45 -13.54 21.71
CA TYR H 67 1.17 -13.02 20.57
C TYR H 67 2.15 -11.94 21.01
N TRP H 68 3.34 -11.96 20.41
CA TRP H 68 4.43 -11.05 20.74
C TRP H 68 4.94 -10.37 19.49
N ILE H 69 5.51 -9.18 19.67
CA ILE H 69 6.27 -8.47 18.64
C ILE H 69 7.69 -8.29 19.15
N PHE H 70 8.66 -8.72 18.35
CA PHE H 70 10.06 -8.69 18.72
C PHE H 70 10.83 -7.85 17.71
N ARG H 71 11.53 -6.84 18.22
CA ARG H 71 12.44 -6.02 17.42
C ARG H 71 13.86 -6.26 17.88
N SER H 72 14.80 -6.18 16.93
CA SER H 72 16.21 -6.33 17.25
C SER H 72 17.03 -5.53 16.25
N TRP H 73 17.58 -4.41 16.69
CA TRP H 73 18.35 -3.54 15.81
C TRP H 73 19.80 -3.51 16.25
N GLY H 74 20.65 -3.06 15.33
CA GLY H 74 22.04 -2.82 15.70
C GLY H 74 22.94 -2.73 14.48
N ARG H 75 24.24 -2.92 14.72
CA ARG H 75 25.25 -2.93 13.68
C ARG H 75 25.66 -4.36 13.41
N VAL H 76 25.76 -4.72 12.13
CA VAL H 76 25.93 -6.12 11.76
C VAL H 76 27.23 -6.67 12.33
N GLY H 77 27.19 -7.93 12.77
CA GLY H 77 28.39 -8.61 13.23
C GLY H 77 29.04 -7.96 14.43
N THR H 78 28.28 -7.27 15.27
CA THR H 78 28.83 -6.64 16.45
C THR H 78 27.79 -6.66 17.56
N VAL H 79 28.24 -6.31 18.77
CA VAL H 79 27.34 -6.23 19.91
C VAL H 79 26.55 -4.92 19.92
N ILE H 80 27.00 -3.91 19.17
CA ILE H 80 26.26 -2.66 19.10
C ILE H 80 24.82 -2.95 18.67
N GLY H 81 23.88 -2.47 19.44
CA GLY H 81 22.48 -2.66 19.15
C GLY H 81 21.72 -2.99 20.41
N SER H 82 20.49 -3.47 20.21
CA SER H 82 19.57 -3.72 21.31
C SER H 82 18.36 -4.43 20.72
N ASN H 83 17.38 -4.73 21.58
CA ASN H 83 16.18 -5.43 21.18
C ASN H 83 15.03 -5.00 22.06
N LYS H 84 13.85 -5.51 21.76
CA LYS H 84 12.66 -5.21 22.54
C LYS H 84 11.60 -6.27 22.25
N LEU H 85 10.80 -6.58 23.26
CA LEU H 85 9.75 -7.59 23.16
C LEU H 85 8.49 -7.05 23.81
N GLU H 86 7.40 -7.00 23.05
CA GLU H 86 6.11 -6.52 23.54
C GLU H 86 5.06 -7.60 23.29
N GLN H 87 4.47 -8.11 24.38
CA GLN H 87 3.31 -8.98 24.23
C GLN H 87 2.09 -8.11 23.96
N MET H 88 1.29 -8.50 22.98
CA MET H 88 0.18 -7.70 22.51
C MET H 88 -1.16 -8.30 22.94
N PRO H 89 -2.20 -7.48 23.05
CA PRO H 89 -3.48 -8.02 23.56
C PRO H 89 -4.12 -9.05 22.65
N SER H 90 -3.85 -8.99 21.34
CA SER H 90 -4.50 -9.90 20.41
C SER H 90 -3.69 -9.93 19.12
N LYS H 91 -3.99 -10.93 18.28
CA LYS H 91 -3.24 -11.07 17.03
C LYS H 91 -3.57 -9.96 16.04
N GLU H 92 -4.77 -9.37 16.14
CA GLU H 92 -5.08 -8.24 15.26
C GLU H 92 -4.21 -7.03 15.60
N ASP H 93 -4.13 -6.68 16.88
CA ASP H 93 -3.26 -5.59 17.30
C ASP H 93 -1.81 -5.91 16.96
N ALA H 94 -1.41 -7.17 17.11
CA ALA H 94 -0.05 -7.56 16.79
C ALA H 94 0.25 -7.37 15.31
N ILE H 95 -0.69 -7.76 14.44
CA ILE H 95 -0.48 -7.59 13.00
C ILE H 95 -0.41 -6.12 12.63
N GLU H 96 -1.31 -5.31 13.20
CA GLU H 96 -1.26 -3.87 12.96
C GLU H 96 0.10 -3.31 13.35
N HIS H 97 0.58 -3.67 14.54
CA HIS H 97 1.87 -3.19 15.02
C HIS H 97 3.00 -3.60 14.08
N PHE H 98 3.02 -4.88 13.70
CA PHE H 98 4.08 -5.39 12.83
C PHE H 98 4.08 -4.64 11.50
N MET H 99 2.92 -4.53 10.86
CA MET H 99 2.87 -3.90 9.54
C MET H 99 3.25 -2.44 9.62
N LYS H 100 2.79 -1.72 10.66
CA LYS H 100 3.14 -0.30 10.74
C LYS H 100 4.63 -0.11 11.03
N LEU H 101 5.23 -0.99 11.82
CA LEU H 101 6.68 -0.89 12.06
C LEU H 101 7.46 -1.14 10.77
N TYR H 102 7.08 -2.18 10.03
CA TYR H 102 7.72 -2.44 8.74
C TYR H 102 7.59 -1.23 7.82
N GLU H 103 6.39 -0.64 7.77
CA GLU H 103 6.18 0.54 6.93
C GLU H 103 7.10 1.68 7.35
N GLU H 104 7.19 1.94 8.66
CA GLU H 104 8.02 3.04 9.13
C GLU H 104 9.48 2.82 8.78
N LYS H 105 9.95 1.57 8.87
CA LYS H 105 11.38 1.33 8.69
C LYS H 105 11.80 1.17 7.23
N THR H 106 10.91 0.73 6.35
CA THR H 106 11.29 0.49 4.96
C THR H 106 10.61 1.40 3.96
N GLY H 107 9.50 2.06 4.34
CA GLY H 107 8.79 2.92 3.43
C GLY H 107 7.84 2.21 2.50
N ASN H 108 7.79 0.89 2.53
CA ASN H 108 6.88 0.11 1.70
C ASN H 108 5.91 -0.66 2.58
N ALA H 109 4.82 -1.11 1.98
CA ALA H 109 3.83 -1.91 2.68
C ALA H 109 4.29 -3.35 2.80
N TRP H 110 3.68 -4.08 3.74
CA TRP H 110 4.09 -5.45 4.00
C TRP H 110 3.87 -6.34 2.78
N HIS H 111 2.67 -6.31 2.22
CA HIS H 111 2.34 -7.08 1.03
C HIS H 111 2.35 -6.14 -0.16
N SER H 112 3.51 -6.07 -0.82
CA SER H 112 3.71 -5.19 -1.98
C SER H 112 4.60 -5.93 -2.97
N LYS H 113 4.02 -6.36 -4.09
CA LYS H 113 4.81 -7.04 -5.11
C LYS H 113 6.02 -6.21 -5.51
N ASN H 114 5.78 -5.02 -6.05
CA ASN H 114 6.86 -4.13 -6.45
C ASN H 114 7.34 -3.36 -5.23
N PHE H 115 8.53 -3.70 -4.74
CA PHE H 115 9.17 -2.94 -3.69
C PHE H 115 10.08 -1.88 -4.31
N THR H 116 10.14 -0.72 -3.67
CA THR H 116 10.93 0.41 -4.17
C THR H 116 11.73 0.99 -3.00
N LYS H 117 13.06 0.99 -3.14
CA LYS H 117 13.92 1.54 -2.11
C LYS H 117 13.66 3.03 -1.95
N TYR H 118 13.54 3.47 -0.70
CA TYR H 118 13.42 4.88 -0.39
C TYR H 118 14.66 5.36 0.36
N PRO H 119 15.10 6.60 0.12
CA PRO H 119 16.35 7.05 0.73
C PRO H 119 16.26 7.06 2.25
N LYS H 120 17.37 6.68 2.89
CA LYS H 120 17.49 6.60 4.34
C LYS H 120 16.63 5.51 4.97
N LYS H 121 15.99 4.67 4.14
CA LYS H 121 15.14 3.59 4.63
C LYS H 121 15.85 2.25 4.46
N PHE H 122 15.43 1.28 5.26
CA PHE H 122 16.01 -0.04 5.19
C PHE H 122 15.54 -0.78 3.94
N TYR H 123 16.30 -1.81 3.56
CA TYR H 123 15.96 -2.68 2.44
C TYR H 123 15.72 -4.08 2.95
N PRO H 124 14.65 -4.75 2.53
CA PRO H 124 14.36 -6.10 3.06
C PRO H 124 15.25 -7.15 2.41
N LEU H 125 15.85 -7.99 3.25
CA LEU H 125 16.64 -9.11 2.76
C LEU H 125 15.79 -10.36 2.71
N GLU H 126 16.07 -11.22 1.74
CA GLU H 126 15.30 -12.45 1.51
C GLU H 126 16.09 -13.60 2.13
N ILE H 127 15.79 -13.89 3.40
CA ILE H 127 16.52 -14.90 4.14
C ILE H 127 15.93 -16.27 3.83
N ASP H 128 16.80 -17.24 3.53
CA ASP H 128 16.38 -18.59 3.17
C ASP H 128 16.25 -19.42 4.45
N TYR H 129 15.03 -19.84 4.76
CA TYR H 129 14.75 -20.67 5.93
C TYR H 129 14.35 -22.06 5.48
N GLY H 130 14.97 -23.08 6.08
CA GLY H 130 14.60 -24.46 5.86
C GLY H 130 14.31 -24.83 4.42
N GLN H 131 13.48 -25.86 4.24
CA GLN H 131 13.13 -26.37 2.92
C GLN H 131 12.64 -25.24 2.00
N LYS H 146 16.70 -53.59 -5.10
CA LYS H 146 17.11 -54.44 -6.20
C LYS H 146 18.04 -53.71 -7.17
N SER H 147 18.90 -52.86 -6.62
CA SER H 147 19.86 -52.11 -7.42
C SER H 147 20.86 -53.08 -8.05
N LYS H 148 20.70 -53.35 -9.35
CA LYS H 148 21.56 -54.30 -10.04
C LYS H 148 22.68 -53.63 -10.83
N LEU H 149 23.08 -52.41 -10.43
CA LEU H 149 24.25 -51.78 -11.01
C LEU H 149 25.52 -52.26 -10.31
N PRO H 150 26.67 -52.19 -10.98
CA PRO H 150 27.91 -52.63 -10.35
C PRO H 150 28.26 -51.77 -9.14
N LYS H 151 29.11 -52.32 -8.28
CA LYS H 151 29.45 -51.63 -7.05
C LYS H 151 30.20 -50.32 -7.29
N PRO H 152 31.20 -50.24 -8.18
CA PRO H 152 31.85 -48.94 -8.42
C PRO H 152 30.88 -47.88 -8.88
N VAL H 153 29.93 -48.23 -9.75
CA VAL H 153 28.96 -47.25 -10.24
C VAL H 153 28.00 -46.84 -9.12
N GLN H 154 27.60 -47.80 -8.29
CA GLN H 154 26.75 -47.45 -7.14
C GLN H 154 27.47 -46.46 -6.23
N ASP H 155 28.77 -46.67 -6.00
CA ASP H 155 29.53 -45.74 -5.17
C ASP H 155 29.67 -44.39 -5.85
N LEU H 156 29.89 -44.37 -7.17
CA LEU H 156 29.95 -43.11 -7.90
C LEU H 156 28.66 -42.33 -7.75
N ILE H 157 27.51 -43.00 -7.89
CA ILE H 157 26.23 -42.32 -7.77
C ILE H 157 26.02 -41.82 -6.35
N LYS H 158 26.32 -42.66 -5.35
CA LYS H 158 26.27 -42.19 -3.97
C LYS H 158 27.13 -40.95 -3.77
N MET H 159 28.24 -40.86 -4.51
CA MET H 159 29.14 -39.72 -4.34
C MET H 159 28.57 -38.45 -4.95
N ILE H 160 28.00 -38.55 -6.16
CA ILE H 160 27.53 -37.34 -6.85
C ILE H 160 26.15 -36.88 -6.42
N PHE H 161 25.46 -37.63 -5.57
CA PHE H 161 24.12 -37.29 -5.09
C PHE H 161 24.06 -37.38 -3.57
N ASP H 162 25.01 -36.74 -2.88
CA ASP H 162 25.11 -36.83 -1.43
C ASP H 162 24.35 -35.65 -0.82
N VAL H 163 23.09 -35.88 -0.45
CA VAL H 163 22.28 -34.82 0.12
C VAL H 163 22.86 -34.33 1.44
N GLU H 164 23.51 -35.23 2.19
CA GLU H 164 24.10 -34.86 3.46
C GLU H 164 25.07 -33.69 3.30
N SER H 165 26.10 -33.88 2.46
CA SER H 165 27.14 -32.87 2.30
C SER H 165 26.56 -31.56 1.79
N MET H 166 25.61 -31.63 0.86
CA MET H 166 25.06 -30.41 0.28
C MET H 166 24.24 -29.64 1.32
N LYS H 167 23.34 -30.33 2.02
CA LYS H 167 22.56 -29.66 3.07
C LYS H 167 23.48 -29.04 4.10
N LYS H 168 24.53 -29.76 4.49
CA LYS H 168 25.49 -29.23 5.46
C LYS H 168 26.12 -27.94 4.93
N ALA H 169 26.79 -28.02 3.78
CA ALA H 169 27.47 -26.86 3.23
C ALA H 169 26.52 -25.71 2.94
N MET H 170 25.22 -25.99 2.81
CA MET H 170 24.25 -24.96 2.46
C MET H 170 23.72 -24.22 3.69
N TYR H 171 23.14 -24.95 4.64
CA TYR H 171 22.47 -24.35 5.77
C TYR H 171 23.34 -24.28 7.03
N GLU H 172 24.64 -24.48 6.91
CA GLU H 172 25.52 -24.38 8.07
C GLU H 172 25.69 -22.91 8.47
N ILE H 173 25.56 -22.65 9.76
CA ILE H 173 25.47 -21.29 10.28
C ILE H 173 26.89 -20.70 10.30
N ASP H 174 27.18 -19.81 9.35
CA ASP H 174 28.42 -19.06 9.32
C ASP H 174 28.09 -17.59 9.48
N LEU H 175 28.66 -16.95 10.51
CA LEU H 175 28.34 -15.57 10.83
C LEU H 175 29.29 -14.56 10.21
N GLN H 176 30.38 -15.02 9.58
CA GLN H 176 31.29 -14.11 8.91
C GLN H 176 30.89 -13.89 7.44
N LYS H 177 30.51 -14.96 6.76
CA LYS H 177 30.01 -14.85 5.38
C LYS H 177 28.53 -14.54 5.31
N MET H 178 27.77 -14.90 6.35
CA MET H 178 26.33 -14.67 6.41
C MET H 178 25.98 -14.13 7.78
N PRO H 179 26.32 -12.87 8.06
CA PRO H 179 26.05 -12.30 9.39
C PRO H 179 24.58 -12.27 9.74
N LEU H 180 23.68 -12.25 8.76
CA LEU H 180 22.24 -12.16 9.02
C LEU H 180 21.47 -13.39 8.57
N GLY H 181 22.15 -14.43 8.10
CA GLY H 181 21.53 -15.67 7.73
C GLY H 181 21.71 -15.99 6.26
N LYS H 182 21.33 -17.23 5.92
CA LYS H 182 21.43 -17.68 4.54
C LYS H 182 20.57 -16.81 3.64
N LEU H 183 21.13 -16.43 2.49
CA LEU H 183 20.43 -15.60 1.52
C LEU H 183 19.87 -16.48 0.41
N SER H 184 18.67 -16.13 -0.06
CA SER H 184 18.04 -16.89 -1.13
C SER H 184 18.84 -16.76 -2.42
N LYS H 185 18.55 -17.67 -3.36
CA LYS H 185 19.21 -17.61 -4.66
C LYS H 185 18.90 -16.30 -5.38
N ARG H 186 17.69 -15.77 -5.18
CA ARG H 186 17.33 -14.50 -5.83
C ARG H 186 18.30 -13.40 -5.46
N GLN H 187 18.49 -13.17 -4.17
CA GLN H 187 19.34 -12.06 -3.73
C GLN H 187 20.79 -12.28 -4.12
N ILE H 188 21.25 -13.53 -4.12
CA ILE H 188 22.62 -13.81 -4.54
C ILE H 188 22.78 -13.49 -6.02
N GLN H 189 21.81 -13.86 -6.85
CA GLN H 189 21.86 -13.51 -8.26
C GLN H 189 21.82 -12.00 -8.45
N ALA H 190 21.07 -11.29 -7.60
CA ALA H 190 21.02 -9.84 -7.69
C ALA H 190 22.39 -9.24 -7.42
N ALA H 191 23.05 -9.69 -6.36
CA ALA H 191 24.40 -9.20 -6.07
C ALA H 191 25.37 -9.59 -7.18
N TYR H 192 25.17 -10.76 -7.79
CA TYR H 192 26.01 -11.17 -8.92
C TYR H 192 25.89 -10.19 -10.07
N SER H 193 24.65 -9.86 -10.46
CA SER H 193 24.43 -8.90 -11.54
C SER H 193 24.99 -7.54 -11.18
N ILE H 194 24.88 -7.16 -9.89
CA ILE H 194 25.43 -5.88 -9.47
C ILE H 194 26.95 -5.87 -9.62
N LEU H 195 27.60 -6.99 -9.32
CA LEU H 195 29.05 -7.07 -9.51
C LEU H 195 29.42 -6.97 -10.98
N SER H 196 28.62 -7.58 -11.85
CA SER H 196 28.88 -7.43 -13.28
C SER H 196 28.75 -5.96 -13.71
N GLU H 197 27.74 -5.27 -13.19
CA GLU H 197 27.60 -3.84 -13.45
C GLU H 197 28.81 -3.07 -12.95
N VAL H 198 29.34 -3.47 -11.80
CA VAL H 198 30.53 -2.80 -11.25
C VAL H 198 31.70 -2.99 -12.20
N GLN H 199 31.87 -4.20 -12.74
CA GLN H 199 32.97 -4.43 -13.67
C GLN H 199 32.80 -3.59 -14.93
N GLN H 200 31.58 -3.53 -15.46
CA GLN H 200 31.32 -2.69 -16.63
C GLN H 200 31.65 -1.24 -16.33
N ALA H 201 31.36 -0.79 -15.11
CA ALA H 201 31.63 0.61 -14.76
C ALA H 201 33.13 0.87 -14.63
N VAL H 202 33.87 -0.07 -14.04
CA VAL H 202 35.30 0.11 -13.88
C VAL H 202 36.02 0.02 -15.22
N SER H 203 35.45 -0.70 -16.19
CA SER H 203 36.12 -0.87 -17.47
C SER H 203 36.22 0.43 -18.23
N GLN H 204 35.15 1.24 -18.21
CA GLN H 204 35.04 2.43 -19.05
C GLN H 204 35.17 3.73 -18.25
N GLY H 205 35.94 3.70 -17.16
CA GLY H 205 36.18 4.89 -16.36
C GLY H 205 34.91 5.63 -16.00
N SER H 206 33.91 4.90 -15.50
CA SER H 206 32.64 5.51 -15.15
C SER H 206 32.80 6.41 -13.93
N SER H 207 31.76 7.21 -13.69
CA SER H 207 31.75 8.11 -12.54
C SER H 207 32.01 7.35 -11.25
N ASP H 208 32.54 8.05 -10.26
CA ASP H 208 32.64 7.47 -8.92
C ASP H 208 31.27 7.34 -8.27
N SER H 209 30.31 8.16 -8.69
CA SER H 209 28.96 8.07 -8.16
C SER H 209 28.31 6.74 -8.53
N GLN H 210 28.45 6.34 -9.80
CA GLN H 210 27.99 5.02 -10.23
C GLN H 210 28.57 3.92 -9.32
N ILE H 211 29.88 3.95 -9.12
CA ILE H 211 30.54 2.90 -8.36
C ILE H 211 30.08 2.89 -6.92
N LEU H 212 29.88 4.09 -6.34
CA LEU H 212 29.41 4.16 -4.97
C LEU H 212 28.00 3.62 -4.83
N ASP H 213 27.10 3.97 -5.75
CA ASP H 213 25.75 3.44 -5.72
C ASP H 213 25.75 1.93 -5.78
N LEU H 214 26.55 1.37 -6.72
CA LEU H 214 26.61 -0.08 -6.84
C LEU H 214 27.17 -0.71 -5.57
N SER H 215 28.19 -0.09 -4.96
CA SER H 215 28.77 -0.64 -3.75
C SER H 215 27.76 -0.66 -2.61
N ASN H 216 27.01 0.42 -2.43
CA ASN H 216 26.00 0.45 -1.38
C ASN H 216 24.96 -0.63 -1.62
N ARG H 217 24.45 -0.73 -2.85
CA ARG H 217 23.46 -1.77 -3.15
C ARG H 217 24.01 -3.15 -2.82
N PHE H 218 25.24 -3.43 -3.25
CA PHE H 218 25.82 -4.75 -3.03
C PHE H 218 25.94 -5.06 -1.54
N TYR H 219 26.60 -4.17 -0.79
CA TYR H 219 26.79 -4.44 0.63
C TYR H 219 25.47 -4.48 1.39
N THR H 220 24.40 -3.87 0.85
CA THR H 220 23.08 -4.07 1.44
C THR H 220 22.58 -5.48 1.18
N LEU H 221 22.72 -5.96 -0.06
CA LEU H 221 22.18 -7.28 -0.41
C LEU H 221 23.03 -8.41 0.16
N ILE H 222 24.33 -8.19 0.34
CA ILE H 222 25.23 -9.22 0.86
C ILE H 222 25.85 -8.72 2.16
N PRO H 223 25.16 -8.86 3.29
CA PRO H 223 25.71 -8.35 4.54
C PRO H 223 27.11 -8.88 4.81
N HIS H 224 27.97 -8.01 5.35
CA HIS H 224 29.32 -8.37 5.74
C HIS H 224 29.55 -7.96 7.18
N ASP H 225 30.39 -8.72 7.87
CA ASP H 225 30.81 -8.39 9.23
C ASP H 225 32.11 -7.61 9.14
N PHE H 226 31.99 -6.29 9.06
CA PHE H 226 33.14 -5.40 9.05
C PHE H 226 33.49 -4.88 10.44
N GLY H 227 33.00 -5.53 11.48
CA GLY H 227 33.18 -5.02 12.82
C GLY H 227 32.62 -3.62 12.93
N MET H 228 33.50 -2.63 13.08
CA MET H 228 33.09 -1.23 13.12
C MET H 228 33.90 -0.39 12.14
N LYS H 229 34.48 -1.00 11.11
CA LYS H 229 35.18 -0.28 10.06
C LYS H 229 34.24 0.04 8.91
N LYS H 230 34.48 1.17 8.27
CA LYS H 230 33.66 1.56 7.14
C LYS H 230 33.82 0.54 6.01
N PRO H 231 32.74 0.16 5.34
CA PRO H 231 32.89 -0.76 4.21
C PRO H 231 33.71 -0.12 3.11
N PRO H 232 34.46 -0.92 2.36
CA PRO H 232 35.27 -0.37 1.26
C PRO H 232 34.51 -0.32 -0.05
N LEU H 233 34.97 0.55 -0.94
CA LEU H 233 34.40 0.65 -2.27
C LEU H 233 34.81 -0.56 -3.11
N LEU H 234 33.97 -0.86 -4.11
CA LEU H 234 34.23 -1.99 -5.00
C LEU H 234 35.09 -1.53 -6.19
N ASN H 235 36.27 -1.02 -5.85
CA ASN H 235 37.20 -0.50 -6.84
C ASN H 235 38.38 -1.44 -7.11
N ASN H 236 38.74 -2.28 -6.15
CA ASN H 236 39.82 -3.25 -6.32
C ASN H 236 39.29 -4.42 -7.13
N ALA H 237 39.60 -4.44 -8.42
CA ALA H 237 39.03 -5.46 -9.30
C ALA H 237 39.38 -6.87 -8.86
N ASP H 238 40.50 -7.04 -8.15
CA ASP H 238 40.86 -8.37 -7.66
C ASP H 238 39.88 -8.83 -6.59
N SER H 239 39.57 -7.96 -5.63
CA SER H 239 38.61 -8.31 -4.59
C SER H 239 37.22 -8.56 -5.17
N VAL H 240 36.83 -7.81 -6.19
CA VAL H 240 35.51 -8.02 -6.77
C VAL H 240 35.48 -9.32 -7.58
N GLN H 241 36.60 -9.69 -8.21
CA GLN H 241 36.67 -11.01 -8.83
C GLN H 241 36.54 -12.11 -7.78
N ALA H 242 37.17 -11.92 -6.62
CA ALA H 242 37.03 -12.89 -5.54
C ALA H 242 35.58 -13.01 -5.10
N LYS H 243 34.91 -11.87 -4.90
CA LYS H 243 33.52 -11.89 -4.47
C LYS H 243 32.63 -12.54 -5.53
N ALA H 244 32.91 -12.30 -6.81
CA ALA H 244 32.15 -12.93 -7.87
C ALA H 244 32.35 -14.44 -7.88
N GLU H 245 33.58 -14.89 -7.60
CA GLU H 245 33.82 -16.33 -7.51
C GLU H 245 33.03 -16.93 -6.34
N MET H 246 33.02 -16.24 -5.20
CA MET H 246 32.24 -16.72 -4.06
C MET H 246 30.76 -16.86 -4.42
N LEU H 247 30.20 -15.81 -5.04
CA LEU H 247 28.78 -15.83 -5.39
C LEU H 247 28.48 -16.90 -6.43
N ASP H 248 29.39 -17.12 -7.38
CA ASP H 248 29.19 -18.19 -8.36
C ASP H 248 29.21 -19.55 -7.67
N ASN H 249 30.09 -19.73 -6.68
CA ASN H 249 30.08 -20.97 -5.92
C ASN H 249 28.74 -21.19 -5.24
N LEU H 250 28.25 -20.17 -4.54
CA LEU H 250 26.97 -20.31 -3.86
C LEU H 250 25.85 -20.62 -4.87
N LEU H 251 25.88 -19.97 -6.03
CA LEU H 251 24.81 -20.15 -7.01
C LEU H 251 24.80 -21.57 -7.57
N ASP H 252 25.97 -22.10 -7.94
CA ASP H 252 25.97 -23.46 -8.48
C ASP H 252 25.66 -24.48 -7.39
N ILE H 253 25.97 -24.18 -6.13
CA ILE H 253 25.52 -25.04 -5.04
C ILE H 253 24.00 -25.06 -4.97
N GLU H 254 23.38 -23.88 -5.05
CA GLU H 254 21.92 -23.81 -5.04
C GLU H 254 21.33 -24.59 -6.21
N VAL H 255 21.97 -24.51 -7.37
CA VAL H 255 21.46 -25.23 -8.54
C VAL H 255 21.57 -26.74 -8.33
N ALA H 256 22.70 -27.20 -7.82
CA ALA H 256 22.85 -28.64 -7.59
C ALA H 256 21.83 -29.14 -6.57
N TYR H 257 21.54 -28.33 -5.54
CA TYR H 257 20.51 -28.76 -4.58
C TYR H 257 19.14 -28.79 -5.23
N SER H 258 18.81 -27.79 -6.04
CA SER H 258 17.56 -27.83 -6.78
C SER H 258 17.48 -29.08 -7.65
N LEU H 259 18.64 -29.56 -8.12
CA LEU H 259 18.64 -30.78 -8.92
C LEU H 259 18.38 -32.02 -8.07
N LEU H 260 19.00 -32.10 -6.88
CA LEU H 260 18.85 -33.30 -6.06
C LEU H 260 17.39 -33.62 -5.78
N ARG H 261 16.52 -32.60 -5.71
CA ARG H 261 15.11 -32.79 -5.37
C ARG H 261 14.30 -32.72 -6.66
N GLY H 262 14.05 -33.88 -7.26
CA GLY H 262 13.28 -33.95 -8.49
C GLY H 262 12.04 -34.83 -8.36
N ASP H 266 7.22 -45.76 -9.72
CA ASP H 266 7.48 -46.99 -8.99
C ASP H 266 8.40 -46.74 -7.80
N SER H 267 7.80 -46.46 -6.65
CA SER H 267 8.58 -46.31 -5.42
C SER H 267 9.39 -47.56 -5.10
N SER H 268 8.99 -48.71 -5.64
CA SER H 268 9.75 -49.94 -5.45
C SER H 268 11.06 -49.93 -6.23
N LYS H 269 11.25 -48.99 -7.14
CA LYS H 269 12.52 -48.86 -7.84
C LYS H 269 13.59 -48.33 -6.90
N ASP H 270 14.76 -48.95 -6.93
CA ASP H 270 15.83 -48.54 -6.04
C ASP H 270 16.20 -47.08 -6.29
N PRO H 271 16.39 -46.27 -5.24
CA PRO H 271 16.72 -44.85 -5.47
C PRO H 271 17.98 -44.65 -6.28
N ILE H 272 18.97 -45.53 -6.13
CA ILE H 272 20.20 -45.42 -6.90
C ILE H 272 19.87 -45.44 -8.40
N ASP H 273 19.01 -46.36 -8.80
CA ASP H 273 18.60 -46.43 -10.20
C ASP H 273 17.79 -45.19 -10.61
N VAL H 274 17.03 -44.62 -9.69
CA VAL H 274 16.29 -43.39 -9.99
C VAL H 274 17.25 -42.28 -10.34
N ASN H 275 18.28 -42.08 -9.52
CA ASN H 275 19.25 -41.02 -9.81
C ASN H 275 20.04 -41.33 -11.09
N TYR H 276 20.38 -42.59 -11.30
CA TYR H 276 21.03 -42.98 -12.55
C TYR H 276 20.19 -42.56 -13.75
N GLU H 277 18.87 -42.81 -13.69
CA GLU H 277 17.99 -42.35 -14.75
C GLU H 277 18.00 -40.84 -14.86
N LYS H 278 18.03 -40.14 -13.72
CA LYS H 278 18.08 -38.68 -13.76
C LYS H 278 19.30 -38.17 -14.51
N LEU H 279 20.41 -38.90 -14.45
CA LEU H 279 21.63 -38.41 -15.11
C LEU H 279 21.47 -38.32 -16.63
N LYS H 280 20.62 -39.15 -17.21
CA LYS H 280 20.46 -39.21 -18.68
C LYS H 280 21.77 -39.57 -19.36
N THR H 281 22.53 -40.50 -18.77
CA THR H 281 23.80 -40.90 -19.34
C THR H 281 24.03 -42.38 -19.06
N ASP H 282 24.85 -43.00 -19.91
CA ASP H 282 25.23 -44.40 -19.75
C ASP H 282 26.66 -44.47 -19.22
N ILE H 283 26.85 -45.23 -18.15
CA ILE H 283 28.15 -45.36 -17.48
C ILE H 283 28.54 -46.83 -17.49
N LYS H 284 29.83 -47.08 -17.71
CA LYS H 284 30.39 -48.44 -17.67
C LYS H 284 31.72 -48.39 -16.95
N VAL H 285 32.05 -49.46 -16.23
CA VAL H 285 33.29 -49.54 -15.47
C VAL H 285 34.36 -50.14 -16.37
N VAL H 286 35.34 -49.32 -16.76
CA VAL H 286 36.45 -49.83 -17.53
C VAL H 286 37.23 -50.83 -16.70
N ASP H 287 37.63 -51.93 -17.32
CA ASP H 287 38.38 -52.96 -16.60
C ASP H 287 39.75 -52.44 -16.20
N ARG H 288 40.19 -52.81 -14.99
CA ARG H 288 41.47 -52.32 -14.49
C ARG H 288 42.60 -52.71 -15.43
N ASP H 289 42.70 -54.00 -15.77
CA ASP H 289 43.76 -54.48 -16.65
C ASP H 289 43.48 -54.21 -18.13
N SER H 290 42.45 -53.44 -18.44
CA SER H 290 42.22 -53.03 -19.82
C SER H 290 43.39 -52.18 -20.32
N GLU H 291 43.59 -52.18 -21.63
CA GLU H 291 44.72 -51.44 -22.19
C GLU H 291 44.44 -49.95 -22.27
N GLU H 292 43.19 -49.57 -22.61
CA GLU H 292 42.83 -48.16 -22.55
C GLU H 292 42.89 -47.65 -21.11
N ALA H 293 42.59 -48.52 -20.13
CA ALA H 293 42.74 -48.13 -18.74
C ALA H 293 44.19 -47.87 -18.40
N GLU H 294 45.11 -48.68 -18.93
CA GLU H 294 46.53 -48.44 -18.69
C GLU H 294 46.97 -47.13 -19.36
N ILE H 295 46.40 -46.82 -20.53
CA ILE H 295 46.71 -45.54 -21.18
C ILE H 295 46.23 -44.37 -20.30
N ILE H 296 45.02 -44.48 -19.77
CA ILE H 296 44.49 -43.43 -18.89
C ILE H 296 45.37 -43.28 -17.65
N ARG H 297 45.81 -44.39 -17.07
CA ARG H 297 46.64 -44.31 -15.88
C ARG H 297 47.98 -43.66 -16.19
N LYS H 298 48.58 -44.00 -17.35
CA LYS H 298 49.83 -43.34 -17.74
C LYS H 298 49.60 -41.85 -17.93
N TYR H 299 48.46 -41.47 -18.52
CA TYR H 299 48.13 -40.06 -18.68
C TYR H 299 48.12 -39.35 -17.32
N VAL H 300 47.44 -39.96 -16.34
CA VAL H 300 47.37 -39.35 -15.02
C VAL H 300 48.76 -39.28 -14.39
N LYS H 301 49.57 -40.31 -14.60
CA LYS H 301 50.86 -40.39 -13.92
C LYS H 301 51.85 -39.36 -14.44
N ASN H 302 51.98 -39.27 -15.78
CA ASN H 302 53.03 -38.43 -16.35
C ASN H 302 52.72 -36.96 -16.21
N THR H 303 51.44 -36.58 -16.20
CA THR H 303 51.05 -35.19 -16.29
C THR H 303 50.70 -34.57 -14.94
N HIS H 304 50.99 -35.26 -13.84
CA HIS H 304 50.78 -34.71 -12.50
C HIS H 304 52.10 -34.16 -11.98
N ALA H 305 52.13 -32.84 -11.79
CA ALA H 305 53.32 -32.15 -11.30
C ALA H 305 53.14 -31.83 -9.82
N THR H 306 54.07 -32.31 -8.99
CA THR H 306 54.07 -32.00 -7.57
C THR H 306 54.62 -30.63 -7.26
N THR H 307 54.79 -29.77 -8.27
CA THR H 307 55.37 -28.46 -8.07
C THR H 307 54.38 -27.49 -7.42
N HIS H 308 53.10 -27.60 -7.77
CA HIS H 308 52.07 -26.75 -7.19
C HIS H 308 50.91 -27.59 -6.67
N ASN H 309 51.18 -28.85 -6.32
CA ASN H 309 50.15 -29.75 -5.81
C ASN H 309 50.76 -30.52 -4.64
N ALA H 310 50.31 -30.18 -3.42
CA ALA H 310 50.80 -30.86 -2.23
C ALA H 310 50.09 -32.19 -2.05
N TYR H 311 50.11 -33.04 -3.07
CA TYR H 311 49.41 -34.31 -3.02
C TYR H 311 49.77 -35.12 -4.25
N ASP H 312 49.53 -36.42 -4.15
CA ASP H 312 49.64 -37.34 -5.28
C ASP H 312 48.25 -37.83 -5.67
N LEU H 313 48.08 -38.11 -6.95
CA LEU H 313 46.82 -38.62 -7.48
C LEU H 313 46.88 -40.15 -7.54
N GLU H 314 45.82 -40.79 -7.08
CA GLU H 314 45.66 -42.24 -7.22
C GLU H 314 44.34 -42.52 -7.93
N VAL H 315 44.39 -43.31 -9.01
CA VAL H 315 43.19 -43.68 -9.73
C VAL H 315 42.47 -44.77 -8.94
N ILE H 316 41.17 -44.59 -8.73
CA ILE H 316 40.36 -45.56 -8.01
C ILE H 316 39.53 -46.35 -9.01
N ASP H 317 38.70 -45.64 -9.77
CA ASP H 317 37.84 -46.25 -10.77
C ASP H 317 37.91 -45.45 -12.07
N ILE H 318 37.82 -46.17 -13.19
CA ILE H 318 37.67 -45.58 -14.50
C ILE H 318 36.23 -45.81 -14.94
N PHE H 319 35.65 -44.82 -15.61
CA PHE H 319 34.29 -44.91 -16.12
C PHE H 319 34.25 -44.40 -17.55
N LYS H 320 33.63 -45.17 -18.44
CA LYS H 320 33.29 -44.72 -19.77
C LYS H 320 31.86 -44.19 -19.75
N ILE H 321 31.68 -42.96 -20.20
CA ILE H 321 30.38 -42.30 -20.13
C ILE H 321 29.93 -41.90 -21.53
N GLU H 322 28.62 -41.95 -21.75
CA GLU H 322 28.00 -41.51 -22.99
C GLU H 322 26.75 -40.73 -22.64
N ARG H 323 26.70 -39.46 -23.04
CA ARG H 323 25.59 -38.58 -22.68
C ARG H 323 24.44 -38.72 -23.67
N GLU H 324 23.25 -38.37 -23.19
CA GLU H 324 22.05 -38.42 -24.00
C GLU H 324 22.19 -37.56 -25.25
N GLY H 325 22.33 -38.21 -26.41
CA GLY H 325 22.39 -37.48 -27.66
C GLY H 325 23.55 -36.53 -27.79
N GLU H 326 24.58 -36.67 -26.95
CA GLU H 326 25.77 -35.83 -27.11
C GLU H 326 26.52 -36.20 -28.38
N CYS H 327 26.59 -37.48 -28.70
CA CYS H 327 27.21 -37.92 -29.94
C CYS H 327 26.53 -37.26 -31.14
N GLN H 328 25.21 -37.09 -31.07
CA GLN H 328 24.48 -36.44 -32.15
C GLN H 328 24.99 -35.01 -32.37
N ARG H 329 24.93 -34.19 -31.32
CA ARG H 329 25.37 -32.81 -31.47
C ARG H 329 26.87 -32.70 -31.75
N TYR H 330 27.64 -33.74 -31.46
CA TYR H 330 29.08 -33.72 -31.70
C TYR H 330 29.46 -34.18 -33.10
N LYS H 331 28.60 -34.92 -33.79
CA LYS H 331 28.88 -35.35 -35.16
C LYS H 331 29.45 -34.24 -36.04
N PRO H 332 28.93 -33.01 -36.06
CA PRO H 332 29.45 -31.98 -36.97
C PRO H 332 30.95 -31.76 -36.86
N PHE H 333 31.53 -32.07 -35.70
CA PHE H 333 32.96 -31.88 -35.48
C PHE H 333 33.72 -33.19 -35.38
N LYS H 334 33.06 -34.33 -35.62
CA LYS H 334 33.73 -35.62 -35.45
C LYS H 334 34.88 -35.78 -36.44
N GLN H 335 34.68 -35.36 -37.68
CA GLN H 335 35.72 -35.43 -38.69
C GLN H 335 36.60 -34.19 -38.73
N LEU H 336 36.38 -33.24 -37.83
CA LEU H 336 37.29 -32.10 -37.71
C LEU H 336 38.65 -32.59 -37.23
N HIS H 337 39.68 -31.84 -37.59
CA HIS H 337 41.05 -32.21 -37.27
C HIS H 337 41.42 -31.74 -35.86
N ASN H 338 42.55 -32.24 -35.38
CA ASN H 338 43.10 -31.86 -34.08
C ASN H 338 42.05 -32.00 -32.98
N ARG H 339 41.45 -33.18 -32.92
CA ARG H 339 40.64 -33.56 -31.77
C ARG H 339 41.57 -34.07 -30.68
N ARG H 340 41.27 -33.70 -29.43
CA ARG H 340 42.16 -34.06 -28.33
C ARG H 340 41.37 -34.47 -27.11
N LEU H 341 41.92 -35.43 -26.37
CA LEU H 341 41.33 -35.92 -25.14
C LEU H 341 41.93 -35.12 -23.98
N LEU H 342 41.13 -34.24 -23.39
CA LEU H 342 41.62 -33.29 -22.40
C LEU H 342 40.85 -33.41 -21.08
N TRP H 343 41.43 -32.84 -20.03
CA TRP H 343 40.89 -32.93 -18.69
C TRP H 343 39.93 -31.78 -18.41
N HIS H 344 38.96 -32.04 -17.52
CA HIS H 344 38.15 -30.97 -16.95
C HIS H 344 37.80 -31.34 -15.51
N GLY H 345 38.14 -30.48 -14.57
CA GLY H 345 37.88 -30.72 -13.17
C GLY H 345 36.93 -29.70 -12.59
N SER H 346 35.99 -30.18 -11.79
CA SER H 346 35.06 -29.32 -11.05
C SER H 346 34.81 -29.95 -9.69
N ARG H 347 34.05 -29.24 -8.87
CA ARG H 347 33.64 -29.79 -7.59
C ARG H 347 32.60 -30.89 -7.81
N THR H 348 32.65 -31.92 -6.97
CA THR H 348 31.79 -33.08 -7.18
C THR H 348 30.32 -32.70 -7.15
N THR H 349 29.95 -31.69 -6.35
CA THR H 349 28.55 -31.30 -6.24
C THR H 349 27.94 -30.99 -7.60
N ASN H 350 28.74 -30.44 -8.52
CA ASN H 350 28.24 -30.07 -9.84
C ASN H 350 28.10 -31.25 -10.77
N PHE H 351 28.87 -32.33 -10.55
CA PHE H 351 29.00 -33.36 -11.58
C PHE H 351 27.64 -33.90 -12.00
N ALA H 352 26.76 -34.16 -11.02
CA ALA H 352 25.38 -34.51 -11.35
C ALA H 352 24.89 -33.64 -12.50
N GLY H 353 24.68 -32.37 -12.22
CA GLY H 353 24.33 -31.40 -13.24
C GLY H 353 25.06 -31.61 -14.55
N ILE H 354 26.39 -31.64 -14.50
CA ILE H 354 27.18 -31.75 -15.73
C ILE H 354 26.68 -32.93 -16.57
N LEU H 355 26.64 -34.11 -15.96
CA LEU H 355 26.29 -35.30 -16.72
C LEU H 355 24.89 -35.23 -17.29
N SER H 356 24.00 -34.45 -16.68
CA SER H 356 22.63 -34.34 -17.17
C SER H 356 22.45 -33.26 -18.22
N GLN H 357 23.47 -32.46 -18.50
CA GLN H 357 23.32 -31.36 -19.45
C GLN H 357 24.56 -31.10 -20.29
N GLY H 358 25.65 -31.87 -20.12
CA GLY H 358 26.87 -31.59 -20.82
C GLY H 358 27.51 -30.31 -20.33
N LEU H 359 28.80 -30.12 -20.62
CA LEU H 359 29.47 -28.90 -20.19
C LEU H 359 28.80 -27.68 -20.80
N ARG H 360 28.52 -26.69 -19.95
CA ARG H 360 27.80 -25.49 -20.34
C ARG H 360 28.69 -24.26 -20.15
N ILE H 361 28.46 -23.27 -20.99
CA ILE H 361 29.18 -22.00 -20.93
C ILE H 361 28.45 -21.07 -19.97
N ALA H 362 29.18 -20.14 -19.39
CA ALA H 362 28.59 -19.17 -18.49
C ALA H 362 27.68 -18.22 -19.28
N PRO H 363 26.66 -17.66 -18.64
CA PRO H 363 25.76 -16.74 -19.34
C PRO H 363 26.46 -15.43 -19.67
N PRO H 364 25.93 -14.65 -20.61
CA PRO H 364 26.58 -13.38 -20.97
C PRO H 364 26.45 -12.29 -19.91
N GLU H 365 25.61 -12.46 -18.89
CA GLU H 365 25.42 -11.45 -17.86
C GLU H 365 26.19 -11.77 -16.57
N ALA H 366 26.96 -12.85 -16.55
CA ALA H 366 27.71 -13.16 -15.33
C ALA H 366 29.04 -12.41 -15.31
N PRO H 367 29.48 -11.93 -14.15
CA PRO H 367 30.79 -11.30 -14.08
C PRO H 367 31.92 -12.31 -14.20
N VAL H 368 33.11 -11.80 -14.47
CA VAL H 368 34.28 -12.66 -14.67
C VAL H 368 34.86 -13.03 -13.31
N THR H 369 35.13 -14.31 -13.12
CA THR H 369 35.61 -14.83 -11.84
C THR H 369 37.13 -14.94 -11.78
N GLY H 370 37.82 -14.77 -12.91
CA GLY H 370 39.26 -14.87 -12.92
C GLY H 370 39.80 -15.50 -14.19
N TYR H 371 38.93 -16.20 -14.93
CA TYR H 371 39.36 -16.81 -16.18
C TYR H 371 39.93 -15.76 -17.11
N MET H 372 40.86 -16.19 -17.97
CA MET H 372 41.68 -15.28 -18.75
C MET H 372 41.24 -15.13 -20.20
N PHE H 373 40.37 -16.00 -20.71
CA PHE H 373 40.00 -16.00 -22.12
C PHE H 373 38.50 -16.08 -22.28
N GLY H 374 37.77 -15.23 -21.57
CA GLY H 374 36.35 -15.11 -21.77
C GLY H 374 35.58 -16.35 -21.36
N LYS H 375 34.32 -16.37 -21.78
CA LYS H 375 33.36 -17.38 -21.34
C LYS H 375 33.32 -18.53 -22.35
N GLY H 376 33.73 -19.71 -21.90
CA GLY H 376 33.68 -20.89 -22.73
C GLY H 376 33.93 -22.12 -21.88
N ILE H 377 34.08 -23.25 -22.57
CA ILE H 377 34.43 -24.51 -21.91
C ILE H 377 35.94 -24.62 -21.87
N TYR H 378 36.49 -24.76 -20.67
CA TYR H 378 37.92 -24.86 -20.45
C TYR H 378 38.34 -26.31 -20.27
N PHE H 379 39.58 -26.60 -20.64
CA PHE H 379 40.20 -27.90 -20.45
C PHE H 379 41.68 -27.68 -20.23
N ALA H 380 42.34 -28.70 -19.69
CA ALA H 380 43.78 -28.69 -19.50
C ALA H 380 44.37 -29.99 -20.02
N ASP H 381 45.66 -29.93 -20.35
CA ASP H 381 46.38 -31.11 -20.81
C ASP H 381 47.11 -31.83 -19.68
N MET H 382 47.28 -31.17 -18.54
CA MET H 382 47.94 -31.76 -17.39
C MET H 382 46.94 -31.92 -16.26
N VAL H 383 46.89 -33.12 -15.68
CA VAL H 383 45.88 -33.42 -14.67
C VAL H 383 46.05 -32.59 -13.41
N SER H 384 47.25 -32.04 -13.17
CA SER H 384 47.43 -31.15 -12.02
C SER H 384 46.52 -29.92 -12.13
N LYS H 385 46.63 -29.21 -13.26
CA LYS H 385 45.86 -28.00 -13.46
C LYS H 385 44.38 -28.24 -13.24
N SER H 386 43.83 -29.27 -13.90
CA SER H 386 42.39 -29.52 -13.82
C SER H 386 42.01 -30.04 -12.44
N ALA H 387 42.85 -30.88 -11.83
CA ALA H 387 42.52 -31.42 -10.51
C ALA H 387 42.45 -30.33 -9.47
N ASN H 388 43.29 -29.30 -9.57
CA ASN H 388 43.20 -28.21 -8.60
C ASN H 388 41.87 -27.49 -8.65
N TYR H 389 41.03 -27.76 -9.66
CA TYR H 389 39.69 -27.20 -9.71
C TYR H 389 38.64 -28.10 -9.06
N CYS H 390 39.05 -29.22 -8.48
CA CYS H 390 38.14 -30.02 -7.68
C CYS H 390 38.02 -29.49 -6.26
N HIS H 391 39.01 -28.74 -5.78
CA HIS H 391 38.99 -28.17 -4.44
C HIS H 391 38.79 -29.26 -3.38
N THR H 392 39.37 -30.42 -3.62
CA THR H 392 39.30 -31.50 -2.65
C THR H 392 40.16 -31.18 -1.44
N SER H 393 39.65 -31.52 -0.26
CA SER H 393 40.31 -31.25 1.01
C SER H 393 40.90 -32.54 1.59
N GLN H 394 41.69 -32.36 2.65
CA GLN H 394 42.25 -33.52 3.34
C GLN H 394 41.16 -34.36 4.01
N GLY H 395 40.00 -33.75 4.32
CA GLY H 395 38.91 -34.53 4.89
C GLY H 395 38.21 -35.41 3.87
N ASP H 396 38.11 -34.93 2.64
CA ASP H 396 37.46 -35.66 1.55
C ASP H 396 38.42 -35.75 0.36
N PRO H 397 39.46 -36.57 0.48
CA PRO H 397 40.49 -36.58 -0.57
C PRO H 397 40.05 -37.24 -1.87
N ILE H 398 38.74 -37.44 -2.06
CA ILE H 398 38.22 -38.00 -3.30
C ILE H 398 37.65 -36.87 -4.15
N GLY H 399 38.04 -36.83 -5.41
CA GLY H 399 37.53 -35.85 -6.34
C GLY H 399 37.29 -36.48 -7.70
N LEU H 400 36.37 -35.89 -8.45
CA LEU H 400 36.02 -36.37 -9.76
C LEU H 400 36.60 -35.46 -10.83
N ILE H 401 36.79 -36.02 -12.02
CA ILE H 401 37.42 -35.30 -13.13
C ILE H 401 37.06 -36.02 -14.42
N LEU H 402 36.78 -35.23 -15.45
CA LEU H 402 36.29 -35.74 -16.73
C LEU H 402 37.39 -35.73 -17.77
N LEU H 403 37.30 -36.68 -18.69
CA LEU H 403 38.06 -36.66 -19.93
C LEU H 403 37.10 -36.43 -21.09
N GLY H 404 37.43 -35.47 -21.94
CA GLY H 404 36.58 -35.14 -23.06
C GLY H 404 37.34 -35.07 -24.37
N GLU H 405 36.81 -35.74 -25.40
CA GLU H 405 37.27 -35.53 -26.76
C GLU H 405 36.72 -34.19 -27.22
N VAL H 406 37.55 -33.17 -27.17
CA VAL H 406 37.18 -31.82 -27.60
C VAL H 406 37.76 -31.60 -28.99
N ALA H 407 36.92 -31.12 -29.91
CA ALA H 407 37.32 -30.83 -31.28
C ALA H 407 37.90 -29.42 -31.31
N LEU H 408 39.23 -29.33 -31.26
CA LEU H 408 39.89 -28.05 -31.19
C LEU H 408 40.07 -27.43 -32.57
N GLY H 409 40.37 -28.25 -33.57
CA GLY H 409 40.54 -27.71 -34.92
C GLY H 409 41.70 -26.73 -34.97
N ASN H 410 41.45 -25.59 -35.63
CA ASN H 410 42.45 -24.54 -35.74
C ASN H 410 42.56 -23.81 -34.41
N MET H 411 43.77 -23.80 -33.84
CA MET H 411 44.01 -23.16 -32.56
C MET H 411 44.25 -21.68 -32.74
N TYR H 412 43.85 -20.89 -31.74
CA TYR H 412 44.26 -19.50 -31.58
C TYR H 412 45.17 -19.48 -30.36
N GLU H 413 46.48 -19.42 -30.61
CA GLU H 413 47.47 -19.56 -29.55
C GLU H 413 47.80 -18.19 -28.97
N LEU H 414 47.52 -18.02 -27.68
CA LEU H 414 47.73 -16.74 -27.00
C LEU H 414 48.62 -16.94 -25.78
N LYS H 415 49.36 -15.87 -25.43
CA LYS H 415 50.24 -15.89 -24.28
C LYS H 415 49.74 -15.01 -23.13
N HIS H 416 48.82 -14.09 -23.39
CA HIS H 416 48.30 -13.19 -22.37
C HIS H 416 46.77 -13.21 -22.41
N ALA H 417 46.19 -12.80 -21.27
CA ALA H 417 44.74 -12.77 -21.16
C ALA H 417 44.13 -11.93 -22.28
N SER H 418 42.92 -12.30 -22.69
CA SER H 418 42.18 -11.55 -23.70
C SER H 418 40.77 -12.11 -23.81
N HIS H 419 39.79 -11.40 -23.24
CA HIS H 419 38.41 -11.86 -23.27
C HIS H 419 37.89 -11.90 -24.70
N ILE H 420 38.00 -13.06 -25.34
CA ILE H 420 37.62 -13.21 -26.74
C ILE H 420 36.11 -13.38 -26.83
N SER H 421 35.46 -12.48 -27.57
CA SER H 421 34.07 -12.68 -27.96
C SER H 421 33.93 -13.23 -29.37
N LYS H 422 34.89 -12.95 -30.25
CA LYS H 422 34.91 -13.45 -31.61
C LYS H 422 36.22 -14.18 -31.85
N LEU H 423 36.14 -15.41 -32.35
CA LEU H 423 37.35 -16.09 -32.77
C LEU H 423 37.77 -15.59 -34.16
N PRO H 424 39.06 -15.37 -34.39
CA PRO H 424 39.50 -15.00 -35.73
C PRO H 424 38.98 -15.98 -36.77
N LYS H 425 38.74 -15.46 -37.98
CA LYS H 425 38.19 -16.28 -39.05
C LYS H 425 39.13 -17.45 -39.34
N GLY H 426 38.57 -18.65 -39.41
CA GLY H 426 39.33 -19.85 -39.61
C GLY H 426 39.75 -20.57 -38.35
N LYS H 427 39.37 -20.07 -37.17
CA LYS H 427 39.75 -20.66 -35.91
C LYS H 427 38.53 -21.28 -35.22
N HIS H 428 38.75 -22.41 -34.57
CA HIS H 428 37.69 -23.14 -33.86
C HIS H 428 37.88 -23.17 -32.36
N SER H 429 39.02 -22.74 -31.83
CA SER H 429 39.28 -22.86 -30.40
C SER H 429 40.46 -21.94 -30.05
N VAL H 430 40.72 -21.85 -28.74
CA VAL H 430 41.78 -21.02 -28.20
C VAL H 430 42.68 -21.88 -27.32
N LYS H 431 43.94 -21.51 -27.24
CA LYS H 431 44.91 -22.21 -26.40
C LYS H 431 45.81 -21.17 -25.74
N GLY H 432 45.71 -21.05 -24.42
CA GLY H 432 46.66 -20.29 -23.66
C GLY H 432 47.90 -21.12 -23.39
N LEU H 433 49.04 -20.64 -23.84
CA LEU H 433 50.29 -21.38 -23.75
C LEU H 433 50.95 -21.16 -22.39
N GLY H 434 51.49 -22.23 -21.82
CA GLY H 434 52.15 -22.18 -20.53
C GLY H 434 53.62 -22.51 -20.65
N LYS H 435 54.31 -22.39 -19.51
CA LYS H 435 55.75 -22.66 -19.45
C LYS H 435 56.06 -24.16 -19.43
N THR H 436 55.12 -24.99 -18.98
CA THR H 436 55.32 -26.44 -18.91
C THR H 436 54.25 -27.13 -19.75
N THR H 437 54.65 -28.18 -20.46
CA THR H 437 53.73 -28.88 -21.35
C THR H 437 54.09 -30.35 -21.42
N PRO H 438 53.12 -31.22 -21.72
CA PRO H 438 53.47 -32.64 -21.96
C PRO H 438 54.39 -32.76 -23.15
N ASP H 439 55.24 -33.78 -23.11
CA ASP H 439 56.21 -34.02 -24.18
C ASP H 439 55.47 -34.33 -25.47
N PRO H 440 55.59 -33.50 -26.52
CA PRO H 440 54.86 -33.78 -27.76
C PRO H 440 55.30 -35.06 -28.46
N SER H 441 56.53 -35.54 -28.20
CA SER H 441 57.00 -36.76 -28.83
C SER H 441 56.31 -38.01 -28.30
N ALA H 442 55.48 -37.89 -27.26
CA ALA H 442 54.82 -39.04 -26.65
C ALA H 442 53.33 -39.08 -26.98
N ASN H 443 52.85 -38.25 -27.90
CA ASN H 443 51.45 -38.25 -28.25
C ASN H 443 50.99 -39.65 -28.65
N ILE H 444 49.78 -40.00 -28.23
CA ILE H 444 49.17 -41.28 -28.60
C ILE H 444 47.91 -40.99 -29.41
N SER H 445 47.48 -41.98 -30.19
CA SER H 445 46.28 -41.85 -31.00
C SER H 445 45.29 -42.93 -30.55
N LEU H 446 44.28 -42.51 -29.80
CA LEU H 446 43.21 -43.39 -29.34
C LEU H 446 41.91 -42.97 -30.04
N ASP H 447 41.33 -43.88 -30.81
CA ASP H 447 40.14 -43.59 -31.60
C ASP H 447 40.38 -42.43 -32.57
N GLY H 448 41.60 -42.35 -33.10
CA GLY H 448 41.95 -41.24 -33.97
C GLY H 448 42.05 -39.92 -33.25
N VAL H 449 42.22 -39.94 -31.93
CA VAL H 449 42.25 -38.73 -31.11
C VAL H 449 43.63 -38.63 -30.47
N ASP H 450 44.23 -37.44 -30.55
CA ASP H 450 45.53 -37.22 -29.93
C ASP H 450 45.39 -37.14 -28.42
N VAL H 451 46.27 -37.85 -27.72
CA VAL H 451 46.34 -37.86 -26.27
C VAL H 451 47.75 -37.41 -25.88
N PRO H 452 47.90 -36.28 -25.15
CA PRO H 452 49.24 -35.76 -24.82
C PRO H 452 49.76 -36.29 -23.49
N LEU H 453 49.89 -37.61 -23.40
CA LEU H 453 50.28 -38.26 -22.15
C LEU H 453 51.78 -38.20 -21.88
N GLY H 454 52.53 -37.38 -22.61
CA GLY H 454 53.94 -37.22 -22.34
C GLY H 454 54.19 -36.59 -20.98
N THR H 455 55.46 -36.67 -20.56
CA THR H 455 55.86 -36.11 -19.29
C THR H 455 55.99 -34.59 -19.39
N GLY H 456 56.07 -33.94 -18.25
CA GLY H 456 56.22 -32.49 -18.23
C GLY H 456 57.60 -32.08 -18.73
N ILE H 457 57.63 -31.11 -19.64
CA ILE H 457 58.87 -30.54 -20.15
C ILE H 457 58.67 -29.04 -20.33
N SER H 458 59.78 -28.35 -20.58
CA SER H 458 59.73 -26.92 -20.85
C SER H 458 59.23 -26.67 -22.26
N SER H 459 58.39 -25.66 -22.40
CA SER H 459 57.75 -25.39 -23.69
C SER H 459 58.66 -24.61 -24.64
N GLY H 460 59.43 -23.68 -24.11
CA GLY H 460 60.20 -22.76 -24.92
C GLY H 460 59.49 -21.45 -25.22
N VAL H 461 58.27 -21.28 -24.74
CA VAL H 461 57.53 -20.04 -24.95
C VAL H 461 58.01 -18.99 -23.95
N ASN H 462 58.29 -17.80 -24.44
CA ASN H 462 58.83 -16.72 -23.64
C ASN H 462 57.77 -15.65 -23.41
N ASP H 463 57.83 -15.01 -22.24
CA ASP H 463 56.92 -13.92 -21.90
C ASP H 463 55.47 -14.44 -21.81
N THR H 464 55.30 -15.55 -21.10
CA THR H 464 54.01 -16.20 -20.93
C THR H 464 53.63 -16.19 -19.45
N SER H 465 52.40 -15.79 -19.15
CA SER H 465 51.95 -15.68 -17.77
C SER H 465 51.38 -16.98 -17.23
N LEU H 466 50.89 -17.86 -18.10
CA LEU H 466 50.32 -19.12 -17.66
C LEU H 466 51.42 -20.13 -17.37
N LEU H 467 51.14 -21.03 -16.42
CA LEU H 467 52.08 -22.10 -16.09
C LEU H 467 51.78 -23.37 -16.86
N TYR H 468 50.50 -23.68 -17.05
CA TYR H 468 50.07 -24.87 -17.77
C TYR H 468 49.09 -24.45 -18.86
N ASN H 469 49.12 -25.18 -19.98
CA ASN H 469 48.26 -24.83 -21.10
C ASN H 469 46.79 -24.84 -20.68
N GLU H 470 45.99 -24.06 -21.40
CA GLU H 470 44.54 -24.01 -21.18
C GLU H 470 43.86 -24.02 -22.54
N TYR H 471 43.17 -25.11 -22.85
CA TYR H 471 42.41 -25.19 -24.09
C TYR H 471 40.98 -24.70 -23.83
N ILE H 472 40.40 -24.05 -24.83
CA ILE H 472 39.13 -23.37 -24.62
C ILE H 472 38.30 -23.45 -25.90
N VAL H 473 37.06 -23.87 -25.75
CA VAL H 473 36.09 -23.84 -26.84
C VAL H 473 34.92 -22.95 -26.44
N TYR H 474 34.08 -22.63 -27.41
CA TYR H 474 32.97 -21.71 -27.21
C TYR H 474 31.66 -22.22 -27.78
N ASP H 475 31.62 -23.48 -28.22
CA ASP H 475 30.38 -24.12 -28.66
C ASP H 475 30.25 -25.43 -27.89
N ILE H 476 29.18 -25.54 -27.10
CA ILE H 476 29.00 -26.68 -26.20
C ILE H 476 29.08 -28.00 -26.95
N ALA H 477 28.87 -27.96 -28.26
CA ALA H 477 28.86 -29.18 -29.06
C ALA H 477 30.26 -29.63 -29.47
N GLN H 478 31.28 -28.76 -29.35
CA GLN H 478 32.64 -29.14 -29.70
C GLN H 478 33.26 -30.12 -28.71
N VAL H 479 32.57 -30.48 -27.64
CA VAL H 479 33.10 -31.38 -26.61
C VAL H 479 32.24 -32.63 -26.56
N ASN H 480 32.88 -33.79 -26.48
CA ASN H 480 32.21 -35.07 -26.33
C ASN H 480 32.85 -35.79 -25.15
N LEU H 481 32.15 -35.83 -24.02
CA LEU H 481 32.69 -36.48 -22.83
C LEU H 481 32.82 -37.97 -23.07
N LYS H 482 33.96 -38.54 -22.66
CA LYS H 482 34.24 -39.95 -22.92
C LYS H 482 34.48 -40.75 -21.65
N TYR H 483 35.32 -40.26 -20.75
CA TYR H 483 35.64 -40.99 -19.53
C TYR H 483 35.49 -40.08 -18.31
N LEU H 484 35.19 -40.71 -17.17
CA LEU H 484 35.08 -40.03 -15.88
C LEU H 484 35.89 -40.82 -14.87
N LEU H 485 36.73 -40.12 -14.10
CA LEU H 485 37.66 -40.75 -13.18
C LEU H 485 37.34 -40.38 -11.74
N LYS H 486 37.55 -41.34 -10.85
CA LYS H 486 37.56 -41.11 -9.41
C LYS H 486 39.00 -41.14 -8.93
N LEU H 487 39.41 -40.07 -8.25
CA LEU H 487 40.79 -39.88 -7.84
C LEU H 487 40.86 -39.67 -6.32
N LYS H 488 41.81 -40.36 -5.69
CA LYS H 488 42.16 -40.06 -4.31
C LYS H 488 43.35 -39.11 -4.30
N PHE H 489 43.21 -38.02 -3.55
CA PHE H 489 44.27 -37.02 -3.40
C PHE H 489 45.05 -37.36 -2.13
N ASN H 490 46.00 -38.27 -2.28
CA ASN H 490 46.86 -38.64 -1.14
C ASN H 490 47.71 -37.42 -0.79
N PHE H 491 47.29 -36.68 0.23
CA PHE H 491 48.04 -35.52 0.66
C PHE H 491 49.30 -35.95 1.41
N LYS H 492 50.32 -35.10 1.36
CA LYS H 492 51.62 -35.41 1.96
C LYS H 492 51.66 -34.88 3.39
N THR H 493 50.90 -35.55 4.26
CA THR H 493 50.81 -35.22 5.67
C THR H 493 51.49 -36.32 6.50
N SER H 494 51.27 -36.28 7.81
CA SER H 494 51.96 -37.19 8.73
C SER H 494 51.88 -38.64 8.25
N LEU H 495 50.71 -39.05 7.78
CA LEU H 495 50.54 -40.44 7.33
C LEU H 495 51.43 -40.73 6.13
N TRP H 496 51.35 -39.87 5.11
CA TRP H 496 52.19 -40.05 3.92
C TRP H 496 53.67 -40.02 4.29
N LEU H 497 54.04 -39.19 5.26
CA LEU H 497 55.43 -39.09 5.66
C LEU H 497 55.90 -40.38 6.36
N GLU H 498 55.05 -40.96 7.20
CA GLU H 498 55.42 -42.23 7.82
C GLU H 498 55.49 -43.34 6.79
N HIS H 499 54.55 -43.38 5.84
CA HIS H 499 54.56 -44.43 4.83
C HIS H 499 55.71 -44.29 3.85
N HIS H 500 56.28 -43.09 3.70
CA HIS H 500 57.32 -42.83 2.73
C HIS H 500 58.73 -42.90 3.32
N HIS H 501 58.86 -43.05 4.64
CA HIS H 501 60.16 -43.01 5.31
C HIS H 501 60.29 -44.21 6.24
N HIS H 502 60.86 -45.29 5.73
CA HIS H 502 61.20 -46.45 6.55
C HIS H 502 61.95 -47.49 5.71
#